data_5YZ4
# 
_entry.id   5YZ4 
# 
_audit_conform.dict_name       mmcif_pdbx.dic 
_audit_conform.dict_version    5.398 
_audit_conform.dict_location   http://mmcif.pdb.org/dictionaries/ascii/mmcif_pdbx.dic 
# 
loop_
_database_2.database_id 
_database_2.database_code 
_database_2.pdbx_database_accession 
_database_2.pdbx_DOI 
PDB   5YZ4         pdb_00005yz4 10.2210/pdb5yz4/pdb 
WWPDB D_1300006144 ?            ?                   
# 
loop_
_pdbx_audit_revision_history.ordinal 
_pdbx_audit_revision_history.data_content_type 
_pdbx_audit_revision_history.major_revision 
_pdbx_audit_revision_history.minor_revision 
_pdbx_audit_revision_history.revision_date 
1 'Structure model' 1 0 2018-12-19 
2 'Structure model' 2 0 2019-02-27 
3 'Structure model' 2 1 2019-07-03 
4 'Structure model' 2 2 2023-11-22 
5 'Structure model' 2 3 2024-11-06 
# 
_pdbx_audit_revision_details.ordinal             1 
_pdbx_audit_revision_details.revision_ordinal    1 
_pdbx_audit_revision_details.data_content_type   'Structure model' 
_pdbx_audit_revision_details.provider            repository 
_pdbx_audit_revision_details.type                'Initial release' 
_pdbx_audit_revision_details.description         ? 
_pdbx_audit_revision_details.details             ? 
# 
loop_
_pdbx_audit_revision_group.ordinal 
_pdbx_audit_revision_group.revision_ordinal 
_pdbx_audit_revision_group.data_content_type 
_pdbx_audit_revision_group.group 
1  2 'Structure model' Advisory                   
2  2 'Structure model' 'Atomic model'             
3  2 'Structure model' 'Data collection'          
4  2 'Structure model' 'Database references'      
5  2 'Structure model' 'Derived calculations'     
6  2 'Structure model' 'Experimental preparation' 
7  2 'Structure model' 'Polymer sequence'         
8  2 'Structure model' 'Source and taxonomy'      
9  2 'Structure model' 'Structure summary'        
10 3 'Structure model' 'Data collection'          
11 3 'Structure model' 'Database references'      
12 4 'Structure model' 'Data collection'          
13 4 'Structure model' 'Database references'      
14 4 'Structure model' 'Derived calculations'     
15 4 'Structure model' 'Refinement description'   
16 5 'Structure model' 'Structure summary'        
# 
loop_
_pdbx_audit_revision_category.ordinal 
_pdbx_audit_revision_category.revision_ordinal 
_pdbx_audit_revision_category.data_content_type 
_pdbx_audit_revision_category.category 
1  2 'Structure model' atom_site                       
2  2 'Structure model' entity                          
3  2 'Structure model' entity_poly                     
4  2 'Structure model' entity_poly_seq                 
5  2 'Structure model' entity_src_gen                  
6  2 'Structure model' exptl_crystal                   
7  2 'Structure model' pdbx_poly_seq_scheme            
8  2 'Structure model' pdbx_struct_conn_angle          
9  2 'Structure model' pdbx_struct_sheet_hbond         
10 2 'Structure model' pdbx_unobs_or_zero_occ_residues 
11 2 'Structure model' struct_conf                     
12 2 'Structure model' struct_conn                     
13 2 'Structure model' struct_keywords                 
14 2 'Structure model' struct_ref                      
15 2 'Structure model' struct_ref_seq                  
16 2 'Structure model' struct_sheet_range              
17 2 'Structure model' struct_site_gen                 
18 3 'Structure model' citation                        
19 3 'Structure model' citation_author                 
20 4 'Structure model' chem_comp_atom                  
21 4 'Structure model' chem_comp_bond                  
22 4 'Structure model' database_2                      
23 4 'Structure model' pdbx_initial_refinement_model   
24 4 'Structure model' struct_conn                     
25 5 'Structure model' pdbx_entry_details              
26 5 'Structure model' pdbx_modification_feature       
# 
loop_
_pdbx_audit_revision_item.ordinal 
_pdbx_audit_revision_item.revision_ordinal 
_pdbx_audit_revision_item.data_content_type 
_pdbx_audit_revision_item.item 
1  2 'Structure model' '_atom_site.label_seq_id'                       
2  2 'Structure model' '_entity.formula_weight'                        
3  2 'Structure model' '_entity.pdbx_fragment'                         
4  2 'Structure model' '_entity_poly.pdbx_seq_one_letter_code'         
5  2 'Structure model' '_entity_poly.pdbx_seq_one_letter_code_can'     
6  2 'Structure model' '_entity_src_gen.gene_src_strain'               
7  2 'Structure model' '_entity_src_gen.pdbx_end_seq_num'              
8  2 'Structure model' '_entity_src_gen.pdbx_gene_src_gene'            
9  2 'Structure model' '_entity_src_gen.pdbx_gene_src_scientific_name' 
10 2 'Structure model' '_exptl_crystal.density_Matthews'               
11 2 'Structure model' '_exptl_crystal.density_percent_sol'            
12 2 'Structure model' '_pdbx_struct_conn_angle.ptnr1_label_seq_id'    
13 2 'Structure model' '_pdbx_struct_conn_angle.ptnr3_label_seq_id'    
14 2 'Structure model' '_pdbx_struct_sheet_hbond.range_1_label_seq_id' 
15 2 'Structure model' '_pdbx_struct_sheet_hbond.range_2_label_seq_id' 
16 2 'Structure model' '_struct_conf.beg_label_seq_id'                 
17 2 'Structure model' '_struct_conf.end_label_seq_id'                 
18 2 'Structure model' '_struct_conn.ptnr1_label_seq_id'               
19 2 'Structure model' '_struct_conn.ptnr2_label_seq_id'               
20 2 'Structure model' '_struct_keywords.pdbx_keywords'                
21 2 'Structure model' '_struct_keywords.text'                         
22 2 'Structure model' '_struct_ref.pdbx_align_begin'                  
23 2 'Structure model' '_struct_ref.pdbx_seq_one_letter_code'          
24 2 'Structure model' '_struct_ref_seq.db_align_beg'                  
25 2 'Structure model' '_struct_ref_seq.pdbx_auth_seq_align_beg'       
26 2 'Structure model' '_struct_ref_seq.seq_align_end'                 
27 2 'Structure model' '_struct_sheet_range.beg_label_seq_id'          
28 2 'Structure model' '_struct_sheet_range.end_label_seq_id'          
29 2 'Structure model' '_struct_site_gen.label_seq_id'                 
30 3 'Structure model' '_citation.country'                             
31 3 'Structure model' '_citation.journal_abbrev'                      
32 3 'Structure model' '_citation.journal_id_CSD'                      
33 3 'Structure model' '_citation.journal_id_ISSN'                     
34 3 'Structure model' '_citation.journal_volume'                      
35 3 'Structure model' '_citation.page_first'                          
36 3 'Structure model' '_citation.page_last'                           
37 3 'Structure model' '_citation.pdbx_database_id_DOI'                
38 3 'Structure model' '_citation.pdbx_database_id_PubMed'             
39 3 'Structure model' '_citation.title'                               
40 3 'Structure model' '_citation.year'                                
41 3 'Structure model' '_citation_author.identifier_ORCID'             
42 4 'Structure model' '_database_2.pdbx_DOI'                          
43 4 'Structure model' '_database_2.pdbx_database_accession'           
44 4 'Structure model' '_struct_conn.pdbx_dist_value'                  
45 4 'Structure model' '_struct_conn.ptnr1_auth_comp_id'               
46 4 'Structure model' '_struct_conn.ptnr1_auth_seq_id'                
47 4 'Structure model' '_struct_conn.ptnr1_label_atom_id'              
48 4 'Structure model' '_struct_conn.ptnr1_label_comp_id'              
49 4 'Structure model' '_struct_conn.ptnr1_label_seq_id'               
50 4 'Structure model' '_struct_conn.ptnr2_auth_comp_id'               
51 4 'Structure model' '_struct_conn.ptnr2_auth_seq_id'                
52 4 'Structure model' '_struct_conn.ptnr2_label_asym_id'              
53 4 'Structure model' '_struct_conn.ptnr2_label_atom_id'              
54 4 'Structure model' '_struct_conn.ptnr2_label_comp_id'              
55 4 'Structure model' '_struct_conn.ptnr2_symmetry'                   
# 
_pdbx_database_status.status_code                     REL 
_pdbx_database_status.status_code_sf                  REL 
_pdbx_database_status.status_code_mr                  ? 
_pdbx_database_status.entry_id                        5YZ4 
_pdbx_database_status.recvd_initial_deposition_date   2017-12-12 
_pdbx_database_status.SG_entry                        N 
_pdbx_database_status.deposit_site                    PDBJ 
_pdbx_database_status.process_site                    PDBJ 
_pdbx_database_status.status_code_cs                  ? 
_pdbx_database_status.methods_development_category    ? 
_pdbx_database_status.pdb_format_compatible           Y 
_pdbx_database_status.status_code_nmr_data            ? 
# 
loop_
_audit_author.name 
_audit_author.pdbx_ordinal 
_audit_author.identifier_ORCID 
'Du, Y.' 1 ? 
'An, W.' 2 ? 
'Ye, K.' 3 ? 
# 
_citation.abstract                  ? 
_citation.abstract_id_CAS           ? 
_citation.book_id_ISBN              ? 
_citation.book_publisher            ? 
_citation.book_publisher_city       ? 
_citation.book_title                ? 
_citation.coordinate_linkage        ? 
_citation.country                   US 
_citation.database_id_Medline       ? 
_citation.details                   ? 
_citation.id                        primary 
_citation.journal_abbrev            'Plos One' 
_citation.journal_id_ASTM           ? 
_citation.journal_id_CSD            ? 
_citation.journal_id_ISSN           1932-6203 
_citation.journal_full              ? 
_citation.journal_issue             ? 
_citation.journal_volume            13 
_citation.language                  ? 
_citation.page_first                e0195723 
_citation.page_last                 e0195723 
_citation.title                     
'Structural and functional analysis of Utp24, an endonuclease for processing 18S ribosomal RNA.' 
_citation.year                      2018 
_citation.database_id_CSD           ? 
_citation.pdbx_database_id_DOI      10.1371/journal.pone.0195723 
_citation.pdbx_database_id_PubMed   29641590 
_citation.unpublished_flag          ? 
# 
loop_
_citation_author.citation_id 
_citation_author.name 
_citation_author.ordinal 
_citation_author.identifier_ORCID 
primary 'An, W.' 1 ?                   
primary 'Du, Y.' 2 ?                   
primary 'Ye, K.' 3 0000-0001-6169-7049 
# 
loop_
_entity.id 
_entity.type 
_entity.src_method 
_entity.pdbx_description 
_entity.formula_weight 
_entity.pdbx_number_of_molecules 
_entity.pdbx_ec 
_entity.pdbx_mutation 
_entity.pdbx_fragment 
_entity.details 
1 polymer     man 'rRNA-processing protein fcf1' 15369.198 1  ? ? 'UNP residues 60-192' ? 
2 non-polymer syn 'CALCIUM ION'                  40.078    1  ? ? ?                     ? 
3 non-polymer syn 'ZINC ION'                     65.409    1  ? ? ?                     ? 
4 water       nat water                          18.015    14 ? ? ?                     ? 
# 
_entity_poly.entity_id                      1 
_entity_poly.type                           'polypeptide(L)' 
_entity_poly.nstd_linkage                   no 
_entity_poly.nstd_monomer                   no 
_entity_poly.pdbx_seq_one_letter_code       
;SLGPPYHVIIDTNFINFCLQQKIDLFEGLMTCLYAKTIPCISDCVMAELEKLGIRYRIALRIAKDERFERLPCTHKGTYA
DDCIVQRVMQHKCYLVATNDKNLKQRIRKIPGIPILSVANHKIRVERLVDVVD
;
_entity_poly.pdbx_seq_one_letter_code_can   
;SLGPPYHVIIDTNFINFCLQQKIDLFEGLMTCLYAKTIPCISDCVMAELEKLGIRYRIALRIAKDERFERLPCTHKGTYA
DDCIVQRVMQHKCYLVATNDKNLKQRIRKIPGIPILSVANHKIRVERLVDVVD
;
_entity_poly.pdbx_strand_id                 A 
_entity_poly.pdbx_target_identifier         ? 
# 
loop_
_pdbx_entity_nonpoly.entity_id 
_pdbx_entity_nonpoly.name 
_pdbx_entity_nonpoly.comp_id 
2 'CALCIUM ION' CA  
3 'ZINC ION'    ZN  
4 water         HOH 
# 
loop_
_entity_poly_seq.entity_id 
_entity_poly_seq.num 
_entity_poly_seq.mon_id 
_entity_poly_seq.hetero 
1 1   SER n 
1 2   LEU n 
1 3   GLY n 
1 4   PRO n 
1 5   PRO n 
1 6   TYR n 
1 7   HIS n 
1 8   VAL n 
1 9   ILE n 
1 10  ILE n 
1 11  ASP n 
1 12  THR n 
1 13  ASN n 
1 14  PHE n 
1 15  ILE n 
1 16  ASN n 
1 17  PHE n 
1 18  CYS n 
1 19  LEU n 
1 20  GLN n 
1 21  GLN n 
1 22  LYS n 
1 23  ILE n 
1 24  ASP n 
1 25  LEU n 
1 26  PHE n 
1 27  GLU n 
1 28  GLY n 
1 29  LEU n 
1 30  MET n 
1 31  THR n 
1 32  CYS n 
1 33  LEU n 
1 34  TYR n 
1 35  ALA n 
1 36  LYS n 
1 37  THR n 
1 38  ILE n 
1 39  PRO n 
1 40  CYS n 
1 41  ILE n 
1 42  SER n 
1 43  ASP n 
1 44  CYS n 
1 45  VAL n 
1 46  MET n 
1 47  ALA n 
1 48  GLU n 
1 49  LEU n 
1 50  GLU n 
1 51  LYS n 
1 52  LEU n 
1 53  GLY n 
1 54  ILE n 
1 55  ARG n 
1 56  TYR n 
1 57  ARG n 
1 58  ILE n 
1 59  ALA n 
1 60  LEU n 
1 61  ARG n 
1 62  ILE n 
1 63  ALA n 
1 64  LYS n 
1 65  ASP n 
1 66  GLU n 
1 67  ARG n 
1 68  PHE n 
1 69  GLU n 
1 70  ARG n 
1 71  LEU n 
1 72  PRO n 
1 73  CYS n 
1 74  THR n 
1 75  HIS n 
1 76  LYS n 
1 77  GLY n 
1 78  THR n 
1 79  TYR n 
1 80  ALA n 
1 81  ASP n 
1 82  ASP n 
1 83  CYS n 
1 84  ILE n 
1 85  VAL n 
1 86  GLN n 
1 87  ARG n 
1 88  VAL n 
1 89  MET n 
1 90  GLN n 
1 91  HIS n 
1 92  LYS n 
1 93  CYS n 
1 94  TYR n 
1 95  LEU n 
1 96  VAL n 
1 97  ALA n 
1 98  THR n 
1 99  ASN n 
1 100 ASP n 
1 101 LYS n 
1 102 ASN n 
1 103 LEU n 
1 104 LYS n 
1 105 GLN n 
1 106 ARG n 
1 107 ILE n 
1 108 ARG n 
1 109 LYS n 
1 110 ILE n 
1 111 PRO n 
1 112 GLY n 
1 113 ILE n 
1 114 PRO n 
1 115 ILE n 
1 116 LEU n 
1 117 SER n 
1 118 VAL n 
1 119 ALA n 
1 120 ASN n 
1 121 HIS n 
1 122 LYS n 
1 123 ILE n 
1 124 ARG n 
1 125 VAL n 
1 126 GLU n 
1 127 ARG n 
1 128 LEU n 
1 129 VAL n 
1 130 ASP n 
1 131 VAL n 
1 132 VAL n 
1 133 ASP n 
# 
_entity_src_gen.entity_id                          1 
_entity_src_gen.pdbx_src_id                        1 
_entity_src_gen.pdbx_alt_source_flag               sample 
_entity_src_gen.pdbx_seq_type                      'Biological sequence' 
_entity_src_gen.pdbx_beg_seq_num                   1 
_entity_src_gen.pdbx_end_seq_num                   133 
_entity_src_gen.gene_src_common_name               'Fission yeast' 
_entity_src_gen.gene_src_genus                     ? 
_entity_src_gen.pdbx_gene_src_gene                 fcf1 
_entity_src_gen.gene_src_species                   ? 
_entity_src_gen.gene_src_strain                    972h- 
_entity_src_gen.gene_src_tissue                    ? 
_entity_src_gen.gene_src_tissue_fraction           ? 
_entity_src_gen.gene_src_details                   ? 
_entity_src_gen.pdbx_gene_src_fragment             ? 
_entity_src_gen.pdbx_gene_src_scientific_name      'Schizosaccharomyces pombe 972h-' 
_entity_src_gen.pdbx_gene_src_ncbi_taxonomy_id     284812 
_entity_src_gen.pdbx_gene_src_variant              ? 
_entity_src_gen.pdbx_gene_src_cell_line            ? 
_entity_src_gen.pdbx_gene_src_atcc                 ? 
_entity_src_gen.pdbx_gene_src_organ                ? 
_entity_src_gen.pdbx_gene_src_organelle            ? 
_entity_src_gen.pdbx_gene_src_cell                 ? 
_entity_src_gen.pdbx_gene_src_cellular_location    ? 
_entity_src_gen.host_org_common_name               ? 
_entity_src_gen.pdbx_host_org_scientific_name      'Escherichia coli' 
_entity_src_gen.pdbx_host_org_ncbi_taxonomy_id     562 
_entity_src_gen.host_org_genus                     ? 
_entity_src_gen.pdbx_host_org_gene                 ? 
_entity_src_gen.pdbx_host_org_organ                ? 
_entity_src_gen.host_org_species                   ? 
_entity_src_gen.pdbx_host_org_tissue               ? 
_entity_src_gen.pdbx_host_org_tissue_fraction      ? 
_entity_src_gen.pdbx_host_org_strain               ? 
_entity_src_gen.pdbx_host_org_variant              ? 
_entity_src_gen.pdbx_host_org_cell_line            ? 
_entity_src_gen.pdbx_host_org_atcc                 ? 
_entity_src_gen.pdbx_host_org_culture_collection   ? 
_entity_src_gen.pdbx_host_org_cell                 ? 
_entity_src_gen.pdbx_host_org_organelle            ? 
_entity_src_gen.pdbx_host_org_cellular_location    ? 
_entity_src_gen.pdbx_host_org_vector_type          ? 
_entity_src_gen.pdbx_host_org_vector               ? 
_entity_src_gen.host_org_details                   ? 
_entity_src_gen.expression_system_id               ? 
_entity_src_gen.plasmid_name                       ? 
_entity_src_gen.plasmid_details                    ? 
_entity_src_gen.pdbx_description                   ? 
# 
loop_
_chem_comp.id 
_chem_comp.type 
_chem_comp.mon_nstd_flag 
_chem_comp.name 
_chem_comp.pdbx_synonyms 
_chem_comp.formula 
_chem_comp.formula_weight 
ALA 'L-peptide linking' y ALANINE         ? 'C3 H7 N O2'     89.093  
ARG 'L-peptide linking' y ARGININE        ? 'C6 H15 N4 O2 1' 175.209 
ASN 'L-peptide linking' y ASPARAGINE      ? 'C4 H8 N2 O3'    132.118 
ASP 'L-peptide linking' y 'ASPARTIC ACID' ? 'C4 H7 N O4'     133.103 
CA  non-polymer         . 'CALCIUM ION'   ? 'Ca 2'           40.078  
CYS 'L-peptide linking' y CYSTEINE        ? 'C3 H7 N O2 S'   121.158 
GLN 'L-peptide linking' y GLUTAMINE       ? 'C5 H10 N2 O3'   146.144 
GLU 'L-peptide linking' y 'GLUTAMIC ACID' ? 'C5 H9 N O4'     147.129 
GLY 'peptide linking'   y GLYCINE         ? 'C2 H5 N O2'     75.067  
HIS 'L-peptide linking' y HISTIDINE       ? 'C6 H10 N3 O2 1' 156.162 
HOH non-polymer         . WATER           ? 'H2 O'           18.015  
ILE 'L-peptide linking' y ISOLEUCINE      ? 'C6 H13 N O2'    131.173 
LEU 'L-peptide linking' y LEUCINE         ? 'C6 H13 N O2'    131.173 
LYS 'L-peptide linking' y LYSINE          ? 'C6 H15 N2 O2 1' 147.195 
MET 'L-peptide linking' y METHIONINE      ? 'C5 H11 N O2 S'  149.211 
PHE 'L-peptide linking' y PHENYLALANINE   ? 'C9 H11 N O2'    165.189 
PRO 'L-peptide linking' y PROLINE         ? 'C5 H9 N O2'     115.130 
SER 'L-peptide linking' y SERINE          ? 'C3 H7 N O3'     105.093 
THR 'L-peptide linking' y THREONINE       ? 'C4 H9 N O3'     119.119 
TYR 'L-peptide linking' y TYROSINE        ? 'C9 H11 N O3'    181.189 
VAL 'L-peptide linking' y VALINE          ? 'C5 H11 N O2'    117.146 
ZN  non-polymer         . 'ZINC ION'      ? 'Zn 2'           65.409  
# 
loop_
_pdbx_poly_seq_scheme.asym_id 
_pdbx_poly_seq_scheme.entity_id 
_pdbx_poly_seq_scheme.seq_id 
_pdbx_poly_seq_scheme.mon_id 
_pdbx_poly_seq_scheme.ndb_seq_num 
_pdbx_poly_seq_scheme.pdb_seq_num 
_pdbx_poly_seq_scheme.auth_seq_num 
_pdbx_poly_seq_scheme.pdb_mon_id 
_pdbx_poly_seq_scheme.auth_mon_id 
_pdbx_poly_seq_scheme.pdb_strand_id 
_pdbx_poly_seq_scheme.pdb_ins_code 
_pdbx_poly_seq_scheme.hetero 
A 1 1   SER 1   60  60  SER SER A . n 
A 1 2   LEU 2   61  61  LEU LEU A . n 
A 1 3   GLY 3   62  62  GLY GLY A . n 
A 1 4   PRO 4   63  63  PRO PRO A . n 
A 1 5   PRO 5   64  64  PRO PRO A . n 
A 1 6   TYR 6   65  65  TYR TYR A . n 
A 1 7   HIS 7   66  66  HIS HIS A . n 
A 1 8   VAL 8   67  67  VAL VAL A . n 
A 1 9   ILE 9   68  68  ILE ILE A . n 
A 1 10  ILE 10  69  69  ILE ILE A . n 
A 1 11  ASP 11  70  70  ASP ASP A . n 
A 1 12  THR 12  71  71  THR THR A . n 
A 1 13  ASN 13  72  72  ASN ASN A . n 
A 1 14  PHE 14  73  73  PHE PHE A . n 
A 1 15  ILE 15  74  74  ILE ILE A . n 
A 1 16  ASN 16  75  75  ASN ASN A . n 
A 1 17  PHE 17  76  76  PHE PHE A . n 
A 1 18  CYS 18  77  77  CYS CYS A . n 
A 1 19  LEU 19  78  78  LEU LEU A . n 
A 1 20  GLN 20  79  79  GLN GLN A . n 
A 1 21  GLN 21  80  80  GLN GLN A . n 
A 1 22  LYS 22  81  81  LYS LYS A . n 
A 1 23  ILE 23  82  82  ILE ILE A . n 
A 1 24  ASP 24  83  83  ASP ASP A . n 
A 1 25  LEU 25  84  84  LEU LEU A . n 
A 1 26  PHE 26  85  85  PHE PHE A . n 
A 1 27  GLU 27  86  86  GLU GLU A . n 
A 1 28  GLY 28  87  87  GLY GLY A . n 
A 1 29  LEU 29  88  88  LEU LEU A . n 
A 1 30  MET 30  89  89  MET MET A . n 
A 1 31  THR 31  90  90  THR THR A . n 
A 1 32  CYS 32  91  91  CYS CYS A . n 
A 1 33  LEU 33  92  92  LEU LEU A . n 
A 1 34  TYR 34  93  93  TYR TYR A . n 
A 1 35  ALA 35  94  94  ALA ALA A . n 
A 1 36  LYS 36  95  95  LYS LYS A . n 
A 1 37  THR 37  96  96  THR THR A . n 
A 1 38  ILE 38  97  97  ILE ILE A . n 
A 1 39  PRO 39  98  98  PRO PRO A . n 
A 1 40  CYS 40  99  99  CYS CYS A . n 
A 1 41  ILE 41  100 100 ILE ILE A . n 
A 1 42  SER 42  101 101 SER SER A . n 
A 1 43  ASP 43  102 102 ASP ASP A . n 
A 1 44  CYS 44  103 103 CYS CYS A . n 
A 1 45  VAL 45  104 104 VAL VAL A . n 
A 1 46  MET 46  105 105 MET MET A . n 
A 1 47  ALA 47  106 106 ALA ALA A . n 
A 1 48  GLU 48  107 107 GLU GLU A . n 
A 1 49  LEU 49  108 108 LEU LEU A . n 
A 1 50  GLU 50  109 109 GLU GLU A . n 
A 1 51  LYS 51  110 110 LYS LYS A . n 
A 1 52  LEU 52  111 111 LEU LEU A . n 
A 1 53  GLY 53  112 112 GLY GLY A . n 
A 1 54  ILE 54  113 113 ILE ILE A . n 
A 1 55  ARG 55  114 114 ARG ARG A . n 
A 1 56  TYR 56  115 115 TYR TYR A . n 
A 1 57  ARG 57  116 116 ARG ARG A . n 
A 1 58  ILE 58  117 117 ILE ILE A . n 
A 1 59  ALA 59  118 118 ALA ALA A . n 
A 1 60  LEU 60  119 119 LEU LEU A . n 
A 1 61  ARG 61  120 120 ARG ARG A . n 
A 1 62  ILE 62  121 121 ILE ILE A . n 
A 1 63  ALA 63  122 122 ALA ALA A . n 
A 1 64  LYS 64  123 123 LYS LYS A . n 
A 1 65  ASP 65  124 124 ASP ASP A . n 
A 1 66  GLU 66  125 125 GLU GLU A . n 
A 1 67  ARG 67  126 126 ARG ARG A . n 
A 1 68  PHE 68  127 127 PHE PHE A . n 
A 1 69  GLU 69  128 128 GLU GLU A . n 
A 1 70  ARG 70  129 129 ARG ARG A . n 
A 1 71  LEU 71  130 130 LEU LEU A . n 
A 1 72  PRO 72  131 131 PRO PRO A . n 
A 1 73  CYS 73  132 132 CYS CYS A . n 
A 1 74  THR 74  133 133 THR THR A . n 
A 1 75  HIS 75  134 134 HIS HIS A . n 
A 1 76  LYS 76  135 135 LYS LYS A . n 
A 1 77  GLY 77  136 136 GLY GLY A . n 
A 1 78  THR 78  137 137 THR THR A . n 
A 1 79  TYR 79  138 138 TYR TYR A . n 
A 1 80  ALA 80  139 139 ALA ALA A . n 
A 1 81  ASP 81  140 140 ASP ASP A . n 
A 1 82  ASP 82  141 141 ASP ASP A . n 
A 1 83  CYS 83  142 142 CYS CYS A . n 
A 1 84  ILE 84  143 143 ILE ILE A . n 
A 1 85  VAL 85  144 144 VAL VAL A . n 
A 1 86  GLN 86  145 145 GLN GLN A . n 
A 1 87  ARG 87  146 146 ARG ARG A . n 
A 1 88  VAL 88  147 147 VAL VAL A . n 
A 1 89  MET 89  148 148 MET MET A . n 
A 1 90  GLN 90  149 149 GLN GLN A . n 
A 1 91  HIS 91  150 150 HIS HIS A . n 
A 1 92  LYS 92  151 151 LYS LYS A . n 
A 1 93  CYS 93  152 152 CYS CYS A . n 
A 1 94  TYR 94  153 153 TYR TYR A . n 
A 1 95  LEU 95  154 154 LEU LEU A . n 
A 1 96  VAL 96  155 155 VAL VAL A . n 
A 1 97  ALA 97  156 156 ALA ALA A . n 
A 1 98  THR 98  157 157 THR THR A . n 
A 1 99  ASN 99  158 158 ASN ASN A . n 
A 1 100 ASP 100 159 159 ASP ASP A . n 
A 1 101 LYS 101 160 160 LYS LYS A . n 
A 1 102 ASN 102 161 161 ASN ASN A . n 
A 1 103 LEU 103 162 162 LEU LEU A . n 
A 1 104 LYS 104 163 163 LYS LYS A . n 
A 1 105 GLN 105 164 164 GLN GLN A . n 
A 1 106 ARG 106 165 165 ARG ARG A . n 
A 1 107 ILE 107 166 166 ILE ILE A . n 
A 1 108 ARG 108 167 167 ARG ARG A . n 
A 1 109 LYS 109 168 168 LYS LYS A . n 
A 1 110 ILE 110 169 169 ILE ILE A . n 
A 1 111 PRO 111 170 170 PRO PRO A . n 
A 1 112 GLY 112 171 171 GLY GLY A . n 
A 1 113 ILE 113 172 172 ILE ILE A . n 
A 1 114 PRO 114 173 173 PRO PRO A . n 
A 1 115 ILE 115 174 174 ILE ILE A . n 
A 1 116 LEU 116 175 175 LEU LEU A . n 
A 1 117 SER 117 176 176 SER SER A . n 
A 1 118 VAL 118 177 177 VAL VAL A . n 
A 1 119 ALA 119 178 178 ALA ALA A . n 
A 1 120 ASN 120 179 179 ASN ASN A . n 
A 1 121 HIS 121 180 180 HIS HIS A . n 
A 1 122 LYS 122 181 181 LYS LYS A . n 
A 1 123 ILE 123 182 182 ILE ILE A . n 
A 1 124 ARG 124 183 183 ARG ARG A . n 
A 1 125 VAL 125 184 184 VAL VAL A . n 
A 1 126 GLU 126 185 185 GLU GLU A . n 
A 1 127 ARG 127 186 186 ARG ARG A . n 
A 1 128 LEU 128 187 187 LEU LEU A . n 
A 1 129 VAL 129 188 188 VAL VAL A . n 
A 1 130 ASP 130 189 189 ASP ASP A . n 
A 1 131 VAL 131 190 190 VAL VAL A . n 
A 1 132 VAL 132 191 191 VAL VAL A . n 
A 1 133 ASP 133 192 192 ASP ASP A . n 
# 
loop_
_pdbx_nonpoly_scheme.asym_id 
_pdbx_nonpoly_scheme.entity_id 
_pdbx_nonpoly_scheme.mon_id 
_pdbx_nonpoly_scheme.ndb_seq_num 
_pdbx_nonpoly_scheme.pdb_seq_num 
_pdbx_nonpoly_scheme.auth_seq_num 
_pdbx_nonpoly_scheme.pdb_mon_id 
_pdbx_nonpoly_scheme.auth_mon_id 
_pdbx_nonpoly_scheme.pdb_strand_id 
_pdbx_nonpoly_scheme.pdb_ins_code 
B 2 CA  1  201 1  CA  CA  A . 
C 3 ZN  1  202 1  ZN  ZN  A . 
D 4 HOH 1  301 12 HOH HOH A . 
D 4 HOH 2  302 6  HOH HOH A . 
D 4 HOH 3  303 4  HOH HOH A . 
D 4 HOH 4  304 8  HOH HOH A . 
D 4 HOH 5  305 14 HOH HOH A . 
D 4 HOH 6  306 10 HOH HOH A . 
D 4 HOH 7  307 2  HOH HOH A . 
D 4 HOH 8  308 1  HOH HOH A . 
D 4 HOH 9  309 7  HOH HOH A . 
D 4 HOH 10 310 3  HOH HOH A . 
D 4 HOH 11 311 11 HOH HOH A . 
D 4 HOH 12 312 9  HOH HOH A . 
D 4 HOH 13 313 13 HOH HOH A . 
D 4 HOH 14 314 5  HOH HOH A . 
# 
loop_
_software.citation_id 
_software.classification 
_software.compiler_name 
_software.compiler_version 
_software.contact_author 
_software.contact_author_email 
_software.date 
_software.description 
_software.dependencies 
_software.hardware 
_software.language 
_software.location 
_software.mods 
_software.name 
_software.os 
_software.os_version 
_software.type 
_software.version 
_software.pdbx_ordinal 
? refinement       ? ? ? ? ? ? ? ? ? ? ? PHENIX   ? ? ? '(1.10.1_2155: ???)' 1 
? 'data reduction' ? ? ? ? ? ? ? ? ? ? ? HKL-2000 ? ? ? .                    2 
? 'data scaling'   ? ? ? ? ? ? ? ? ? ? ? HKL-2000 ? ? ? .                    3 
? phasing          ? ? ? ? ? ? ? ? ? ? ? MOLREP   ? ? ? .                    4 
# 
_cell.angle_alpha                  90.00 
_cell.angle_alpha_esd              ? 
_cell.angle_beta                   90.00 
_cell.angle_beta_esd               ? 
_cell.angle_gamma                  90.00 
_cell.angle_gamma_esd              ? 
_cell.entry_id                     5YZ4 
_cell.details                      ? 
_cell.formula_units_Z              ? 
_cell.length_a                     48.740 
_cell.length_a_esd                 ? 
_cell.length_b                     73.328 
_cell.length_b_esd                 ? 
_cell.length_c                     74.262 
_cell.length_c_esd                 ? 
_cell.volume                       ? 
_cell.volume_esd                   ? 
_cell.Z_PDB                        8 
_cell.reciprocal_angle_alpha       ? 
_cell.reciprocal_angle_beta        ? 
_cell.reciprocal_angle_gamma       ? 
_cell.reciprocal_angle_alpha_esd   ? 
_cell.reciprocal_angle_beta_esd    ? 
_cell.reciprocal_angle_gamma_esd   ? 
_cell.reciprocal_length_a          ? 
_cell.reciprocal_length_b          ? 
_cell.reciprocal_length_c          ? 
_cell.reciprocal_length_a_esd      ? 
_cell.reciprocal_length_b_esd      ? 
_cell.reciprocal_length_c_esd      ? 
_cell.pdbx_unique_axis             ? 
# 
_symmetry.entry_id                         5YZ4 
_symmetry.cell_setting                     ? 
_symmetry.Int_Tables_number                20 
_symmetry.space_group_name_Hall            ? 
_symmetry.space_group_name_H-M             'C 2 2 21' 
_symmetry.pdbx_full_space_group_name_H-M   ? 
# 
_exptl.absorpt_coefficient_mu     ? 
_exptl.absorpt_correction_T_max   ? 
_exptl.absorpt_correction_T_min   ? 
_exptl.absorpt_correction_type    ? 
_exptl.absorpt_process_details    ? 
_exptl.entry_id                   5YZ4 
_exptl.crystals_number            1 
_exptl.details                    ? 
_exptl.method                     'X-RAY DIFFRACTION' 
_exptl.method_details             ? 
# 
_exptl_crystal.colour                      ? 
_exptl_crystal.density_diffrn              ? 
_exptl_crystal.density_Matthews            2.16 
_exptl_crystal.density_method              ? 
_exptl_crystal.density_percent_sol         43.02 
_exptl_crystal.description                 Cluster 
_exptl_crystal.F_000                       ? 
_exptl_crystal.id                          1 
_exptl_crystal.preparation                 ? 
_exptl_crystal.size_max                    ? 
_exptl_crystal.size_mid                    ? 
_exptl_crystal.size_min                    ? 
_exptl_crystal.size_rad                    ? 
_exptl_crystal.colour_lustre               ? 
_exptl_crystal.colour_modifier             ? 
_exptl_crystal.colour_primary              ? 
_exptl_crystal.density_meas                ? 
_exptl_crystal.density_meas_esd            ? 
_exptl_crystal.density_meas_gt             ? 
_exptl_crystal.density_meas_lt             ? 
_exptl_crystal.density_meas_temp           ? 
_exptl_crystal.density_meas_temp_esd       ? 
_exptl_crystal.density_meas_temp_gt        ? 
_exptl_crystal.density_meas_temp_lt        ? 
_exptl_crystal.pdbx_crystal_image_url      ? 
_exptl_crystal.pdbx_crystal_image_format   ? 
_exptl_crystal.pdbx_mosaicity              ? 
_exptl_crystal.pdbx_mosaicity_esd          ? 
# 
_exptl_crystal_grow.apparatus       ? 
_exptl_crystal_grow.atmosphere      ? 
_exptl_crystal_grow.crystal_id      1 
_exptl_crystal_grow.details         ? 
_exptl_crystal_grow.method          'VAPOR DIFFUSION, SITTING DROP' 
_exptl_crystal_grow.method_ref      ? 
_exptl_crystal_grow.pH              8.0 
_exptl_crystal_grow.pressure        ? 
_exptl_crystal_grow.pressure_esd    ? 
_exptl_crystal_grow.seeding         ? 
_exptl_crystal_grow.seeding_ref     ? 
_exptl_crystal_grow.temp            293 
_exptl_crystal_grow.temp_details    ? 
_exptl_crystal_grow.temp_esd        ? 
_exptl_crystal_grow.time            ? 
_exptl_crystal_grow.pdbx_details    '0.2M calcium acetate and 20% polyethylene glycol 3350' 
_exptl_crystal_grow.pdbx_pH_range   ? 
# 
_diffrn.ambient_environment    ? 
_diffrn.ambient_temp           100 
_diffrn.ambient_temp_details   ? 
_diffrn.ambient_temp_esd       ? 
_diffrn.crystal_id             1 
_diffrn.crystal_support        ? 
_diffrn.crystal_treatment      ? 
_diffrn.details                ? 
_diffrn.id                     1 
_diffrn.ambient_pressure       ? 
_diffrn.ambient_pressure_esd   ? 
_diffrn.ambient_pressure_gt    ? 
_diffrn.ambient_pressure_lt    ? 
_diffrn.ambient_temp_gt        ? 
_diffrn.ambient_temp_lt        ? 
# 
_diffrn_detector.details                      ? 
_diffrn_detector.detector                     CCD 
_diffrn_detector.diffrn_id                    1 
_diffrn_detector.type                         'ADSC QUANTUM 315' 
_diffrn_detector.area_resol_mean              ? 
_diffrn_detector.dtime                        ? 
_diffrn_detector.pdbx_frames_total            ? 
_diffrn_detector.pdbx_collection_time_total   ? 
_diffrn_detector.pdbx_collection_date         2016-11-16 
# 
_diffrn_radiation.collimation                      ? 
_diffrn_radiation.diffrn_id                        1 
_diffrn_radiation.filter_edge                      ? 
_diffrn_radiation.inhomogeneity                    ? 
_diffrn_radiation.monochromator                    ? 
_diffrn_radiation.polarisn_norm                    ? 
_diffrn_radiation.polarisn_ratio                   ? 
_diffrn_radiation.probe                            ? 
_diffrn_radiation.type                             ? 
_diffrn_radiation.xray_symbol                      ? 
_diffrn_radiation.wavelength_id                    1 
_diffrn_radiation.pdbx_monochromatic_or_laue_m_l   M 
_diffrn_radiation.pdbx_wavelength_list             ? 
_diffrn_radiation.pdbx_wavelength                  ? 
_diffrn_radiation.pdbx_diffrn_protocol             'SINGLE WAVELENGTH' 
_diffrn_radiation.pdbx_analyzer                    ? 
_diffrn_radiation.pdbx_scattering_type             x-ray 
# 
_diffrn_radiation_wavelength.id           1 
_diffrn_radiation_wavelength.wavelength   0.979135 
_diffrn_radiation_wavelength.wt           1.0 
# 
_diffrn_source.current                     ? 
_diffrn_source.details                     ? 
_diffrn_source.diffrn_id                   1 
_diffrn_source.power                       ? 
_diffrn_source.size                        ? 
_diffrn_source.source                      SYNCHROTRON 
_diffrn_source.target                      ? 
_diffrn_source.type                        'SSRF BEAMLINE BL17U1' 
_diffrn_source.voltage                     ? 
_diffrn_source.take-off_angle              ? 
_diffrn_source.pdbx_wavelength_list        0.979135 
_diffrn_source.pdbx_wavelength             ? 
_diffrn_source.pdbx_synchrotron_beamline   BL17U1 
_diffrn_source.pdbx_synchrotron_site       SSRF 
# 
_reflns.B_iso_Wilson_estimate            ? 
_reflns.entry_id                         5YZ4 
_reflns.data_reduction_details           ? 
_reflns.data_reduction_method            ? 
_reflns.d_resolution_high                2.13 
_reflns.d_resolution_low                 50 
_reflns.details                          ? 
_reflns.limit_h_max                      ? 
_reflns.limit_h_min                      ? 
_reflns.limit_k_max                      ? 
_reflns.limit_k_min                      ? 
_reflns.limit_l_max                      ? 
_reflns.limit_l_min                      ? 
_reflns.number_all                       ? 
_reflns.number_obs                       7270 
_reflns.observed_criterion               ? 
_reflns.observed_criterion_F_max         ? 
_reflns.observed_criterion_F_min         ? 
_reflns.observed_criterion_I_max         ? 
_reflns.observed_criterion_I_min         ? 
_reflns.observed_criterion_sigma_F       ? 
_reflns.observed_criterion_sigma_I       ? 
_reflns.percent_possible_obs             94.5 
_reflns.R_free_details                   ? 
_reflns.Rmerge_F_all                     ? 
_reflns.Rmerge_F_obs                     ? 
_reflns.Friedel_coverage                 ? 
_reflns.number_gt                        ? 
_reflns.threshold_expression             ? 
_reflns.pdbx_redundancy                  12.1 
_reflns.pdbx_Rmerge_I_obs                0.184 
_reflns.pdbx_Rmerge_I_all                ? 
_reflns.pdbx_Rsym_value                  ? 
_reflns.pdbx_netI_over_av_sigmaI         ? 
_reflns.pdbx_netI_over_sigmaI            18.9 
_reflns.pdbx_res_netI_over_av_sigmaI_2   ? 
_reflns.pdbx_res_netI_over_sigmaI_2      ? 
_reflns.pdbx_chi_squared                 ? 
_reflns.pdbx_scaling_rejects             ? 
_reflns.pdbx_d_res_high_opt              ? 
_reflns.pdbx_d_res_low_opt               ? 
_reflns.pdbx_d_res_opt_method            ? 
_reflns.phase_calculation_details        ? 
_reflns.pdbx_Rrim_I_all                  ? 
_reflns.pdbx_Rpim_I_all                  ? 
_reflns.pdbx_d_opt                       ? 
_reflns.pdbx_number_measured_all         ? 
_reflns.pdbx_diffrn_id                   1 
_reflns.pdbx_ordinal                     1 
_reflns.pdbx_CC_half                     ? 
_reflns.pdbx_R_split                     ? 
# 
_reflns_shell.d_res_high                  2.13 
_reflns_shell.d_res_low                   2.17 
_reflns_shell.meanI_over_sigI_all         ? 
_reflns_shell.meanI_over_sigI_obs         1.9 
_reflns_shell.number_measured_all         ? 
_reflns_shell.number_measured_obs         ? 
_reflns_shell.number_possible             ? 
_reflns_shell.number_unique_all           ? 
_reflns_shell.number_unique_obs           284 
_reflns_shell.percent_possible_all        73.6 
_reflns_shell.percent_possible_obs        ? 
_reflns_shell.Rmerge_F_all                ? 
_reflns_shell.Rmerge_F_obs                ? 
_reflns_shell.Rmerge_I_all                ? 
_reflns_shell.Rmerge_I_obs                1 
_reflns_shell.meanI_over_sigI_gt          ? 
_reflns_shell.meanI_over_uI_all           ? 
_reflns_shell.meanI_over_uI_gt            ? 
_reflns_shell.number_measured_gt          ? 
_reflns_shell.number_unique_gt            ? 
_reflns_shell.percent_possible_gt         ? 
_reflns_shell.Rmerge_F_gt                 ? 
_reflns_shell.Rmerge_I_gt                 ? 
_reflns_shell.pdbx_redundancy             7.3 
_reflns_shell.pdbx_Rsym_value             ? 
_reflns_shell.pdbx_chi_squared            ? 
_reflns_shell.pdbx_netI_over_sigmaI_all   ? 
_reflns_shell.pdbx_netI_over_sigmaI_obs   ? 
_reflns_shell.pdbx_Rrim_I_all             ? 
_reflns_shell.pdbx_Rpim_I_all             ? 
_reflns_shell.pdbx_rejects                ? 
_reflns_shell.pdbx_ordinal                1 
_reflns_shell.pdbx_diffrn_id              1 
_reflns_shell.pdbx_CC_half                0.795 
_reflns_shell.pdbx_R_split                ? 
# 
_refine.aniso_B[1][1]                            ? 
_refine.aniso_B[1][2]                            ? 
_refine.aniso_B[1][3]                            ? 
_refine.aniso_B[2][2]                            ? 
_refine.aniso_B[2][3]                            ? 
_refine.aniso_B[3][3]                            ? 
_refine.B_iso_max                                ? 
_refine.B_iso_mean                               ? 
_refine.B_iso_min                                ? 
_refine.correlation_coeff_Fo_to_Fc               ? 
_refine.correlation_coeff_Fo_to_Fc_free          ? 
_refine.details                                  ? 
_refine.diff_density_max                         ? 
_refine.diff_density_max_esd                     ? 
_refine.diff_density_min                         ? 
_refine.diff_density_min_esd                     ? 
_refine.diff_density_rms                         ? 
_refine.diff_density_rms_esd                     ? 
_refine.entry_id                                 5YZ4 
_refine.pdbx_refine_id                           'X-RAY DIFFRACTION' 
_refine.ls_abs_structure_details                 ? 
_refine.ls_abs_structure_Flack                   ? 
_refine.ls_abs_structure_Flack_esd               ? 
_refine.ls_abs_structure_Rogers                  ? 
_refine.ls_abs_structure_Rogers_esd              ? 
_refine.ls_d_res_high                            2.135 
_refine.ls_d_res_low                             40.591 
_refine.ls_extinction_coef                       ? 
_refine.ls_extinction_coef_esd                   ? 
_refine.ls_extinction_expression                 ? 
_refine.ls_extinction_method                     ? 
_refine.ls_goodness_of_fit_all                   ? 
_refine.ls_goodness_of_fit_all_esd               ? 
_refine.ls_goodness_of_fit_obs                   ? 
_refine.ls_goodness_of_fit_obs_esd               ? 
_refine.ls_hydrogen_treatment                    ? 
_refine.ls_matrix_type                           ? 
_refine.ls_number_constraints                    ? 
_refine.ls_number_parameters                     ? 
_refine.ls_number_reflns_all                     ? 
_refine.ls_number_reflns_obs                     6721 
_refine.ls_number_reflns_R_free                  668 
_refine.ls_number_reflns_R_work                  ? 
_refine.ls_number_restraints                     ? 
_refine.ls_percent_reflns_obs                    87.39 
_refine.ls_percent_reflns_R_free                 9.94 
_refine.ls_R_factor_all                          ? 
_refine.ls_R_factor_obs                          0.2282 
_refine.ls_R_factor_R_free                       0.2870 
_refine.ls_R_factor_R_free_error                 ? 
_refine.ls_R_factor_R_free_error_details         ? 
_refine.ls_R_factor_R_work                       0.2219 
_refine.ls_R_Fsqd_factor_obs                     ? 
_refine.ls_R_I_factor_obs                        ? 
_refine.ls_redundancy_reflns_all                 ? 
_refine.ls_redundancy_reflns_obs                 ? 
_refine.ls_restrained_S_all                      ? 
_refine.ls_restrained_S_obs                      ? 
_refine.ls_shift_over_esd_max                    ? 
_refine.ls_shift_over_esd_mean                   ? 
_refine.ls_structure_factor_coef                 ? 
_refine.ls_weighting_details                     ? 
_refine.ls_weighting_scheme                      ? 
_refine.ls_wR_factor_all                         ? 
_refine.ls_wR_factor_obs                         ? 
_refine.ls_wR_factor_R_free                      ? 
_refine.ls_wR_factor_R_work                      ? 
_refine.occupancy_max                            ? 
_refine.occupancy_min                            ? 
_refine.solvent_model_details                    ? 
_refine.solvent_model_param_bsol                 ? 
_refine.solvent_model_param_ksol                 ? 
_refine.ls_R_factor_gt                           ? 
_refine.ls_goodness_of_fit_gt                    ? 
_refine.ls_goodness_of_fit_ref                   ? 
_refine.ls_shift_over_su_max                     ? 
_refine.ls_shift_over_su_max_lt                  ? 
_refine.ls_shift_over_su_mean                    ? 
_refine.ls_shift_over_su_mean_lt                 ? 
_refine.pdbx_ls_sigma_I                          ? 
_refine.pdbx_ls_sigma_F                          0.00 
_refine.pdbx_ls_sigma_Fsqd                       ? 
_refine.pdbx_data_cutoff_high_absF               ? 
_refine.pdbx_data_cutoff_high_rms_absF           ? 
_refine.pdbx_data_cutoff_low_absF                ? 
_refine.pdbx_isotropic_thermal_model             ? 
_refine.pdbx_ls_cross_valid_method               'FREE R-VALUE' 
_refine.pdbx_method_to_determine_struct          'MOLECULAR REPLACEMENT' 
_refine.pdbx_starting_model                      4MJ7 
_refine.pdbx_stereochemistry_target_values       ? 
_refine.pdbx_R_Free_selection_details            ? 
_refine.pdbx_stereochem_target_val_spec_case     ? 
_refine.pdbx_overall_ESU_R                       ? 
_refine.pdbx_overall_ESU_R_Free                  ? 
_refine.pdbx_solvent_vdw_probe_radii             1.11 
_refine.pdbx_solvent_ion_probe_radii             ? 
_refine.pdbx_solvent_shrinkage_radii             0.90 
_refine.pdbx_real_space_R                        ? 
_refine.pdbx_density_correlation                 ? 
_refine.pdbx_pd_number_of_powder_patterns        ? 
_refine.pdbx_pd_number_of_points                 ? 
_refine.pdbx_pd_meas_number_of_points            ? 
_refine.pdbx_pd_proc_ls_prof_R_factor            ? 
_refine.pdbx_pd_proc_ls_prof_wR_factor           ? 
_refine.pdbx_pd_Marquardt_correlation_coeff      ? 
_refine.pdbx_pd_Fsqrd_R_factor                   ? 
_refine.pdbx_pd_ls_matrix_band_width             ? 
_refine.pdbx_overall_phase_error                 33.72 
_refine.pdbx_overall_SU_R_free_Cruickshank_DPI   ? 
_refine.pdbx_overall_SU_R_free_Blow_DPI          ? 
_refine.pdbx_overall_SU_R_Blow_DPI               ? 
_refine.pdbx_TLS_residual_ADP_flag               ? 
_refine.pdbx_diffrn_id                           1 
_refine.overall_SU_B                             ? 
_refine.overall_SU_ML                            0.32 
_refine.overall_SU_R_Cruickshank_DPI             ? 
_refine.overall_SU_R_free                        ? 
_refine.overall_FOM_free_R_set                   ? 
_refine.overall_FOM_work_R_set                   ? 
_refine.pdbx_average_fsc_overall                 ? 
_refine.pdbx_average_fsc_work                    ? 
_refine.pdbx_average_fsc_free                    ? 
# 
_refine_hist.pdbx_refine_id                   'X-RAY DIFFRACTION' 
_refine_hist.cycle_id                         LAST 
_refine_hist.pdbx_number_atoms_protein        1072 
_refine_hist.pdbx_number_atoms_nucleic_acid   0 
_refine_hist.pdbx_number_atoms_ligand         2 
_refine_hist.number_atoms_solvent             14 
_refine_hist.number_atoms_total               1088 
_refine_hist.d_res_high                       2.135 
_refine_hist.d_res_low                        40.591 
# 
loop_
_refine_ls_restr.pdbx_refine_id 
_refine_ls_restr.criterion 
_refine_ls_restr.dev_ideal 
_refine_ls_restr.dev_ideal_target 
_refine_ls_restr.number 
_refine_ls_restr.rejects 
_refine_ls_restr.type 
_refine_ls_restr.weight 
_refine_ls_restr.pdbx_restraint_function 
'X-RAY DIFFRACTION' ? 0.008  ? 1090 ? f_bond_d           ? ? 
'X-RAY DIFFRACTION' ? 0.903  ? 1471 ? f_angle_d          ? ? 
'X-RAY DIFFRACTION' ? 18.519 ? 679  ? f_dihedral_angle_d ? ? 
'X-RAY DIFFRACTION' ? 0.055  ? 172  ? f_chiral_restr     ? ? 
'X-RAY DIFFRACTION' ? 0.012  ? 186  ? f_plane_restr      ? ? 
# 
loop_
_refine_ls_shell.pdbx_refine_id 
_refine_ls_shell.d_res_high 
_refine_ls_shell.d_res_low 
_refine_ls_shell.number_reflns_all 
_refine_ls_shell.number_reflns_obs 
_refine_ls_shell.number_reflns_R_free 
_refine_ls_shell.number_reflns_R_work 
_refine_ls_shell.percent_reflns_obs 
_refine_ls_shell.percent_reflns_R_free 
_refine_ls_shell.R_factor_all 
_refine_ls_shell.R_factor_obs 
_refine_ls_shell.R_factor_R_free 
_refine_ls_shell.R_factor_R_free_error 
_refine_ls_shell.R_factor_R_work 
_refine_ls_shell.redundancy_reflns_all 
_refine_ls_shell.redundancy_reflns_obs 
_refine_ls_shell.wR_factor_all 
_refine_ls_shell.wR_factor_obs 
_refine_ls_shell.wR_factor_R_free 
_refine_ls_shell.wR_factor_R_work 
_refine_ls_shell.pdbx_total_number_of_bins_used 
_refine_ls_shell.pdbx_phase_error 
_refine_ls_shell.pdbx_fsc_work 
_refine_ls_shell.pdbx_fsc_free 
'X-RAY DIFFRACTION' 2.1348 2.2996  . . 102 891  66.00  . . . 0.3968 . 0.2830 . . . . . . . . . . 
'X-RAY DIFFRACTION' 2.2996 2.5310  . . 115 1088 80.00  . . . 0.3580 . 0.2772 . . . . . . . . . . 
'X-RAY DIFFRACTION' 2.5310 2.8971  . . 137 1270 92.00  . . . 0.3070 . 0.2596 . . . . . . . . . . 
'X-RAY DIFFRACTION' 2.8971 3.6497  . . 151 1359 98.00  . . . 0.2726 . 0.2166 . . . . . . . . . . 
'X-RAY DIFFRACTION' 3.6497 40.5985 . . 163 1445 100.00 . . . 0.2548 . 0.1916 . . . . . . . . . . 
# 
_struct.entry_id                     5YZ4 
_struct.title                        'Structure of the PIN domain endonuclease Utp24' 
_struct.pdbx_model_details           ? 
_struct.pdbx_formula_weight          ? 
_struct.pdbx_formula_weight_method   ? 
_struct.pdbx_model_type_details      ? 
_struct.pdbx_CASP_flag               N 
# 
_struct_keywords.entry_id        5YZ4 
_struct_keywords.text            'PIN domain, ribonuclease, HYDROLASE' 
_struct_keywords.pdbx_keywords   HYDROLASE 
# 
loop_
_struct_asym.id 
_struct_asym.pdbx_blank_PDB_chainid_flag 
_struct_asym.pdbx_modified 
_struct_asym.entity_id 
_struct_asym.details 
A N N 1 ? 
B N N 2 ? 
C N N 3 ? 
D N N 4 ? 
# 
_struct_ref.id                         1 
_struct_ref.db_name                    UNP 
_struct_ref.db_code                    FCF1_SCHPO 
_struct_ref.pdbx_db_accession          O13610 
_struct_ref.pdbx_db_isoform            ? 
_struct_ref.entity_id                  1 
_struct_ref.pdbx_seq_one_letter_code   
;SLGPPYHVIIDTNFINFCLQQKIDLFEGLMTCLYAKTIPCISDCVMAELEKLGIRYRIALRIAKDERFERLPCTHKGTYA
DDCIVQRVMQHKCYLVATNDKNLKQRIRKIPGIPILSVANHKIRVERLVDVVD
;
_struct_ref.pdbx_align_begin           60 
# 
_struct_ref_seq.align_id                      1 
_struct_ref_seq.ref_id                        1 
_struct_ref_seq.pdbx_PDB_id_code              5YZ4 
_struct_ref_seq.pdbx_strand_id                A 
_struct_ref_seq.seq_align_beg                 1 
_struct_ref_seq.pdbx_seq_align_beg_ins_code   ? 
_struct_ref_seq.seq_align_end                 133 
_struct_ref_seq.pdbx_seq_align_end_ins_code   ? 
_struct_ref_seq.pdbx_db_accession             O13610 
_struct_ref_seq.db_align_beg                  60 
_struct_ref_seq.pdbx_db_align_beg_ins_code    ? 
_struct_ref_seq.db_align_end                  192 
_struct_ref_seq.pdbx_db_align_end_ins_code    ? 
_struct_ref_seq.pdbx_auth_seq_align_beg       60 
_struct_ref_seq.pdbx_auth_seq_align_end       192 
# 
_pdbx_struct_assembly.id                   1 
_pdbx_struct_assembly.details              author_defined_assembly 
_pdbx_struct_assembly.method_details       ? 
_pdbx_struct_assembly.oligomeric_details   monomeric 
_pdbx_struct_assembly.oligomeric_count     1 
# 
loop_
_pdbx_struct_assembly_prop.biol_id 
_pdbx_struct_assembly_prop.type 
_pdbx_struct_assembly_prop.value 
_pdbx_struct_assembly_prop.details 
1 'ABSA (A^2)' 80   ? 
1 MORE         -10  ? 
1 'SSA (A^2)'  7570 ? 
# 
_pdbx_struct_assembly_gen.assembly_id       1 
_pdbx_struct_assembly_gen.oper_expression   1 
_pdbx_struct_assembly_gen.asym_id_list      A,B,C,D 
# 
_pdbx_struct_assembly_auth_evidence.id                     1 
_pdbx_struct_assembly_auth_evidence.assembly_id            1 
_pdbx_struct_assembly_auth_evidence.experimental_support   none 
_pdbx_struct_assembly_auth_evidence.details                ? 
# 
_pdbx_struct_oper_list.id                   1 
_pdbx_struct_oper_list.type                 'identity operation' 
_pdbx_struct_oper_list.name                 1_555 
_pdbx_struct_oper_list.symmetry_operation   x,y,z 
_pdbx_struct_oper_list.matrix[1][1]         1.0000000000 
_pdbx_struct_oper_list.matrix[1][2]         0.0000000000 
_pdbx_struct_oper_list.matrix[1][3]         0.0000000000 
_pdbx_struct_oper_list.vector[1]            0.0000000000 
_pdbx_struct_oper_list.matrix[2][1]         0.0000000000 
_pdbx_struct_oper_list.matrix[2][2]         1.0000000000 
_pdbx_struct_oper_list.matrix[2][3]         0.0000000000 
_pdbx_struct_oper_list.vector[2]            0.0000000000 
_pdbx_struct_oper_list.matrix[3][1]         0.0000000000 
_pdbx_struct_oper_list.matrix[3][2]         0.0000000000 
_pdbx_struct_oper_list.matrix[3][3]         1.0000000000 
_pdbx_struct_oper_list.vector[3]            0.0000000000 
# 
loop_
_struct_conf.conf_type_id 
_struct_conf.id 
_struct_conf.pdbx_PDB_helix_id 
_struct_conf.beg_label_comp_id 
_struct_conf.beg_label_asym_id 
_struct_conf.beg_label_seq_id 
_struct_conf.pdbx_beg_PDB_ins_code 
_struct_conf.end_label_comp_id 
_struct_conf.end_label_asym_id 
_struct_conf.end_label_seq_id 
_struct_conf.pdbx_end_PDB_ins_code 
_struct_conf.beg_auth_comp_id 
_struct_conf.beg_auth_asym_id 
_struct_conf.beg_auth_seq_id 
_struct_conf.end_auth_comp_id 
_struct_conf.end_auth_asym_id 
_struct_conf.end_auth_seq_id 
_struct_conf.pdbx_PDB_helix_class 
_struct_conf.details 
_struct_conf.pdbx_PDB_helix_length 
HELX_P HELX_P1 AA1 ASN A 13  ? GLN A 21  ? ASN A 72  GLN A 80  1 ? 9  
HELX_P HELX_P2 AA2 ASP A 24  ? TYR A 34  ? ASP A 83  TYR A 93  1 ? 11 
HELX_P HELX_P3 AA3 ASP A 43  ? LEU A 52  ? ASP A 102 LEU A 111 1 ? 10 
HELX_P HELX_P4 AA4 GLY A 53  ? ARG A 55  ? GLY A 112 ARG A 114 5 ? 3  
HELX_P HELX_P5 AA5 TYR A 56  ? LYS A 64  ? TYR A 115 LYS A 123 1 ? 9  
HELX_P HELX_P6 AA6 TYR A 79  ? HIS A 91  ? TYR A 138 HIS A 150 1 ? 13 
HELX_P HELX_P7 AA7 ASP A 100 ? ARG A 108 ? ASP A 159 ARG A 167 1 ? 9  
# 
_struct_conf_type.id          HELX_P 
_struct_conf_type.criteria    ? 
_struct_conf_type.reference   ? 
# 
loop_
_struct_conn.id 
_struct_conn.conn_type_id 
_struct_conn.pdbx_leaving_atom_flag 
_struct_conn.pdbx_PDB_id 
_struct_conn.ptnr1_label_asym_id 
_struct_conn.ptnr1_label_comp_id 
_struct_conn.ptnr1_label_seq_id 
_struct_conn.ptnr1_label_atom_id 
_struct_conn.pdbx_ptnr1_label_alt_id 
_struct_conn.pdbx_ptnr1_PDB_ins_code 
_struct_conn.pdbx_ptnr1_standard_comp_id 
_struct_conn.ptnr1_symmetry 
_struct_conn.ptnr2_label_asym_id 
_struct_conn.ptnr2_label_comp_id 
_struct_conn.ptnr2_label_seq_id 
_struct_conn.ptnr2_label_atom_id 
_struct_conn.pdbx_ptnr2_label_alt_id 
_struct_conn.pdbx_ptnr2_PDB_ins_code 
_struct_conn.ptnr1_auth_asym_id 
_struct_conn.ptnr1_auth_comp_id 
_struct_conn.ptnr1_auth_seq_id 
_struct_conn.ptnr2_auth_asym_id 
_struct_conn.ptnr2_auth_comp_id 
_struct_conn.ptnr2_auth_seq_id 
_struct_conn.ptnr2_symmetry 
_struct_conn.pdbx_ptnr3_label_atom_id 
_struct_conn.pdbx_ptnr3_label_seq_id 
_struct_conn.pdbx_ptnr3_label_comp_id 
_struct_conn.pdbx_ptnr3_label_asym_id 
_struct_conn.pdbx_ptnr3_label_alt_id 
_struct_conn.pdbx_ptnr3_PDB_ins_code 
_struct_conn.details 
_struct_conn.pdbx_dist_value 
_struct_conn.pdbx_value_order 
_struct_conn.pdbx_role 
disulf1 disulf ? ? A CYS 93 SG  ? ? ? 1_555 A CYS 93 SG ? ? A CYS 152 A CYS 152 3_555 ? ? ? ? ? ? ? 2.040 ? ? 
metalc1 metalc ? ? A CYS 44 SG  ? ? ? 1_555 C ZN  .  ZN ? ? A CYS 103 A ZN  202 1_555 ? ? ? ? ? ? ? 2.539 ? ? 
metalc2 metalc ? ? A GLU 69 OE1 ? ? ? 1_555 B CA  .  CA ? ? A GLU 128 A CA  201 1_555 ? ? ? ? ? ? ? 2.116 ? ? 
metalc3 metalc ? ? A GLU 69 OE1 ? ? ? 1_555 B CA  .  CA ? ? A GLU 128 A CA  201 3_555 ? ? ? ? ? ? ? 2.116 ? ? 
metalc4 metalc ? ? A CYS 73 SG  ? ? ? 1_555 C ZN  .  ZN ? ? A CYS 132 A ZN  202 1_555 ? ? ? ? ? ? ? 2.309 ? ? 
metalc5 metalc ? ? A HIS 75 NE2 ? ? ? 1_555 C ZN  .  ZN ? ? A HIS 134 A ZN  202 1_555 ? ? ? ? ? ? ? 1.838 ? ? 
metalc6 metalc ? ? A CYS 83 SG  ? ? ? 1_555 C ZN  .  ZN ? ? A CYS 142 A ZN  202 1_555 ? ? ? ? ? ? ? 2.227 ? ? 
# 
loop_
_struct_conn_type.id 
_struct_conn_type.criteria 
_struct_conn_type.reference 
disulf ? ? 
metalc ? ? 
# 
loop_
_pdbx_struct_conn_angle.id 
_pdbx_struct_conn_angle.ptnr1_label_atom_id 
_pdbx_struct_conn_angle.ptnr1_label_alt_id 
_pdbx_struct_conn_angle.ptnr1_label_asym_id 
_pdbx_struct_conn_angle.ptnr1_label_comp_id 
_pdbx_struct_conn_angle.ptnr1_label_seq_id 
_pdbx_struct_conn_angle.ptnr1_auth_atom_id 
_pdbx_struct_conn_angle.ptnr1_auth_asym_id 
_pdbx_struct_conn_angle.ptnr1_auth_comp_id 
_pdbx_struct_conn_angle.ptnr1_auth_seq_id 
_pdbx_struct_conn_angle.ptnr1_PDB_ins_code 
_pdbx_struct_conn_angle.ptnr1_symmetry 
_pdbx_struct_conn_angle.ptnr2_label_atom_id 
_pdbx_struct_conn_angle.ptnr2_label_alt_id 
_pdbx_struct_conn_angle.ptnr2_label_asym_id 
_pdbx_struct_conn_angle.ptnr2_label_comp_id 
_pdbx_struct_conn_angle.ptnr2_label_seq_id 
_pdbx_struct_conn_angle.ptnr2_auth_atom_id 
_pdbx_struct_conn_angle.ptnr2_auth_asym_id 
_pdbx_struct_conn_angle.ptnr2_auth_comp_id 
_pdbx_struct_conn_angle.ptnr2_auth_seq_id 
_pdbx_struct_conn_angle.ptnr2_PDB_ins_code 
_pdbx_struct_conn_angle.ptnr2_symmetry 
_pdbx_struct_conn_angle.ptnr3_label_atom_id 
_pdbx_struct_conn_angle.ptnr3_label_alt_id 
_pdbx_struct_conn_angle.ptnr3_label_asym_id 
_pdbx_struct_conn_angle.ptnr3_label_comp_id 
_pdbx_struct_conn_angle.ptnr3_label_seq_id 
_pdbx_struct_conn_angle.ptnr3_auth_atom_id 
_pdbx_struct_conn_angle.ptnr3_auth_asym_id 
_pdbx_struct_conn_angle.ptnr3_auth_comp_id 
_pdbx_struct_conn_angle.ptnr3_auth_seq_id 
_pdbx_struct_conn_angle.ptnr3_PDB_ins_code 
_pdbx_struct_conn_angle.ptnr3_symmetry 
_pdbx_struct_conn_angle.value 
_pdbx_struct_conn_angle.value_esd 
1 SG  ? A CYS 44 ? A CYS 103 ? 1_555 ZN ? C ZN . ? A ZN 202 ? 1_555 SG  ? A CYS 73 ? A CYS 132 ? 1_555 105.0 ? 
2 SG  ? A CYS 44 ? A CYS 103 ? 1_555 ZN ? C ZN . ? A ZN 202 ? 1_555 NE2 ? A HIS 75 ? A HIS 134 ? 1_555 127.9 ? 
3 SG  ? A CYS 73 ? A CYS 132 ? 1_555 ZN ? C ZN . ? A ZN 202 ? 1_555 NE2 ? A HIS 75 ? A HIS 134 ? 1_555 119.4 ? 
4 SG  ? A CYS 44 ? A CYS 103 ? 1_555 ZN ? C ZN . ? A ZN 202 ? 1_555 SG  ? A CYS 83 ? A CYS 142 ? 1_555 88.9  ? 
5 SG  ? A CYS 73 ? A CYS 132 ? 1_555 ZN ? C ZN . ? A ZN 202 ? 1_555 SG  ? A CYS 83 ? A CYS 142 ? 1_555 110.5 ? 
6 NE2 ? A HIS 75 ? A HIS 134 ? 1_555 ZN ? C ZN . ? A ZN 202 ? 1_555 SG  ? A CYS 83 ? A CYS 142 ? 1_555 99.0  ? 
7 OE1 ? A GLU 69 ? A GLU 128 ? 1_555 CA ? B CA . ? A CA 201 ? 1_555 OE1 ? A GLU 69 ? A GLU 128 ? 1_555 0.0   ? 
# 
_pdbx_modification_feature.ordinal                            1 
_pdbx_modification_feature.label_comp_id                      CYS 
_pdbx_modification_feature.label_asym_id                      A 
_pdbx_modification_feature.label_seq_id                       93 
_pdbx_modification_feature.label_alt_id                       ? 
_pdbx_modification_feature.modified_residue_label_comp_id     CYS 
_pdbx_modification_feature.modified_residue_label_asym_id     A 
_pdbx_modification_feature.modified_residue_label_seq_id      93 
_pdbx_modification_feature.modified_residue_label_alt_id      ? 
_pdbx_modification_feature.auth_comp_id                       CYS 
_pdbx_modification_feature.auth_asym_id                       A 
_pdbx_modification_feature.auth_seq_id                        152 
_pdbx_modification_feature.PDB_ins_code                       ? 
_pdbx_modification_feature.symmetry                           1_555 
_pdbx_modification_feature.modified_residue_auth_comp_id      CYS 
_pdbx_modification_feature.modified_residue_auth_asym_id      A 
_pdbx_modification_feature.modified_residue_auth_seq_id       152 
_pdbx_modification_feature.modified_residue_PDB_ins_code      ? 
_pdbx_modification_feature.modified_residue_symmetry          3_555 
_pdbx_modification_feature.comp_id_linking_atom               SG 
_pdbx_modification_feature.modified_residue_id_linking_atom   SG 
_pdbx_modification_feature.modified_residue_id                . 
_pdbx_modification_feature.ref_pcm_id                         . 
_pdbx_modification_feature.ref_comp_id                        . 
_pdbx_modification_feature.type                               None 
_pdbx_modification_feature.category                           'Disulfide bridge' 
# 
_struct_sheet.id               AA1 
_struct_sheet.type             ? 
_struct_sheet.number_strands   6 
_struct_sheet.details          ? 
# 
loop_
_struct_sheet_order.sheet_id 
_struct_sheet_order.range_id_1 
_struct_sheet_order.range_id_2 
_struct_sheet_order.offset 
_struct_sheet_order.sense 
AA1 1 2 ? parallel      
AA1 2 3 ? parallel      
AA1 3 4 ? parallel      
AA1 4 5 ? parallel      
AA1 5 6 ? anti-parallel 
# 
loop_
_struct_sheet_range.sheet_id 
_struct_sheet_range.id 
_struct_sheet_range.beg_label_comp_id 
_struct_sheet_range.beg_label_asym_id 
_struct_sheet_range.beg_label_seq_id 
_struct_sheet_range.pdbx_beg_PDB_ins_code 
_struct_sheet_range.end_label_comp_id 
_struct_sheet_range.end_label_asym_id 
_struct_sheet_range.end_label_seq_id 
_struct_sheet_range.pdbx_end_PDB_ins_code 
_struct_sheet_range.beg_auth_comp_id 
_struct_sheet_range.beg_auth_asym_id 
_struct_sheet_range.beg_auth_seq_id 
_struct_sheet_range.end_auth_comp_id 
_struct_sheet_range.end_auth_asym_id 
_struct_sheet_range.end_auth_seq_id 
AA1 1 GLU A 69  ? LEU A 71  ? GLU A 128 LEU A 130 
AA1 2 THR A 37  ? SER A 42  ? THR A 96  SER A 101 
AA1 3 TYR A 6   ? ILE A 10  ? TYR A 65  ILE A 69  
AA1 4 LEU A 95  ? ALA A 97  ? LEU A 154 ALA A 156 
AA1 5 ILE A 115 ? ALA A 119 ? ILE A 174 ALA A 178 
AA1 6 LYS A 122 ? ARG A 127 ? LYS A 181 ARG A 186 
# 
loop_
_pdbx_struct_sheet_hbond.sheet_id 
_pdbx_struct_sheet_hbond.range_id_1 
_pdbx_struct_sheet_hbond.range_id_2 
_pdbx_struct_sheet_hbond.range_1_label_atom_id 
_pdbx_struct_sheet_hbond.range_1_label_comp_id 
_pdbx_struct_sheet_hbond.range_1_label_asym_id 
_pdbx_struct_sheet_hbond.range_1_label_seq_id 
_pdbx_struct_sheet_hbond.range_1_PDB_ins_code 
_pdbx_struct_sheet_hbond.range_1_auth_atom_id 
_pdbx_struct_sheet_hbond.range_1_auth_comp_id 
_pdbx_struct_sheet_hbond.range_1_auth_asym_id 
_pdbx_struct_sheet_hbond.range_1_auth_seq_id 
_pdbx_struct_sheet_hbond.range_2_label_atom_id 
_pdbx_struct_sheet_hbond.range_2_label_comp_id 
_pdbx_struct_sheet_hbond.range_2_label_asym_id 
_pdbx_struct_sheet_hbond.range_2_label_seq_id 
_pdbx_struct_sheet_hbond.range_2_PDB_ins_code 
_pdbx_struct_sheet_hbond.range_2_auth_atom_id 
_pdbx_struct_sheet_hbond.range_2_auth_comp_id 
_pdbx_struct_sheet_hbond.range_2_auth_asym_id 
_pdbx_struct_sheet_hbond.range_2_auth_seq_id 
AA1 1 2 O GLU A 69  ? O GLU A 128 N PRO A 39  ? N PRO A 98  
AA1 2 3 O ILE A 38  ? O ILE A 97  N TYR A 6   ? N TYR A 65  
AA1 3 4 N ILE A 9   ? N ILE A 68  O LEU A 95  ? O LEU A 154 
AA1 4 5 N VAL A 96  ? N VAL A 155 O LEU A 116 ? O LEU A 175 
AA1 5 6 N ALA A 119 ? N ALA A 178 O LYS A 122 ? O LYS A 181 
# 
loop_
_struct_site.id 
_struct_site.pdbx_evidence_code 
_struct_site.pdbx_auth_asym_id 
_struct_site.pdbx_auth_comp_id 
_struct_site.pdbx_auth_seq_id 
_struct_site.pdbx_auth_ins_code 
_struct_site.pdbx_num_residues 
_struct_site.details 
AC1 Software A CA 201 ? 4 'binding site for residue CA A 201' 
AC2 Software A ZN 202 ? 4 'binding site for residue ZN A 202' 
# 
loop_
_struct_site_gen.id 
_struct_site_gen.site_id 
_struct_site_gen.pdbx_num_res 
_struct_site_gen.label_comp_id 
_struct_site_gen.label_asym_id 
_struct_site_gen.label_seq_id 
_struct_site_gen.pdbx_auth_ins_code 
_struct_site_gen.auth_comp_id 
_struct_site_gen.auth_asym_id 
_struct_site_gen.auth_seq_id 
_struct_site_gen.label_atom_id 
_struct_site_gen.label_alt_id 
_struct_site_gen.symmetry 
_struct_site_gen.details 
1 AC1 4 HIS A 7  ? HIS A 66  . ? 1_555 ? 
2 AC1 4 HIS A 7  ? HIS A 66  . ? 3_555 ? 
3 AC1 4 GLU A 69 ? GLU A 128 . ? 3_555 ? 
4 AC1 4 GLU A 69 ? GLU A 128 . ? 1_555 ? 
5 AC2 4 CYS A 44 ? CYS A 103 . ? 1_555 ? 
6 AC2 4 CYS A 73 ? CYS A 132 . ? 1_555 ? 
7 AC2 4 HIS A 75 ? HIS A 134 . ? 1_555 ? 
8 AC2 4 CYS A 83 ? CYS A 142 . ? 1_555 ? 
# 
_pdbx_entry_details.entry_id                   5YZ4 
_pdbx_entry_details.compound_details           ? 
_pdbx_entry_details.source_details             ? 
_pdbx_entry_details.nonpolymer_details         ? 
_pdbx_entry_details.sequence_details           ? 
_pdbx_entry_details.has_ligand_of_interest     ? 
_pdbx_entry_details.has_protein_modification   Y 
# 
_pdbx_validate_rmsd_angle.id                         1 
_pdbx_validate_rmsd_angle.PDB_model_num              1 
_pdbx_validate_rmsd_angle.auth_atom_id_1             C 
_pdbx_validate_rmsd_angle.auth_asym_id_1             A 
_pdbx_validate_rmsd_angle.auth_comp_id_1             GLY 
_pdbx_validate_rmsd_angle.auth_seq_id_1              62 
_pdbx_validate_rmsd_angle.PDB_ins_code_1             ? 
_pdbx_validate_rmsd_angle.label_alt_id_1             ? 
_pdbx_validate_rmsd_angle.auth_atom_id_2             N 
_pdbx_validate_rmsd_angle.auth_asym_id_2             A 
_pdbx_validate_rmsd_angle.auth_comp_id_2             PRO 
_pdbx_validate_rmsd_angle.auth_seq_id_2              63 
_pdbx_validate_rmsd_angle.PDB_ins_code_2             ? 
_pdbx_validate_rmsd_angle.label_alt_id_2             ? 
_pdbx_validate_rmsd_angle.auth_atom_id_3             CD 
_pdbx_validate_rmsd_angle.auth_asym_id_3             A 
_pdbx_validate_rmsd_angle.auth_comp_id_3             PRO 
_pdbx_validate_rmsd_angle.auth_seq_id_3              63 
_pdbx_validate_rmsd_angle.PDB_ins_code_3             ? 
_pdbx_validate_rmsd_angle.label_alt_id_3             ? 
_pdbx_validate_rmsd_angle.angle_value                115.33 
_pdbx_validate_rmsd_angle.angle_target_value         128.40 
_pdbx_validate_rmsd_angle.angle_deviation            -13.07 
_pdbx_validate_rmsd_angle.angle_standard_deviation   2.10 
_pdbx_validate_rmsd_angle.linker_flag                Y 
# 
loop_
_pdbx_validate_torsion.id 
_pdbx_validate_torsion.PDB_model_num 
_pdbx_validate_torsion.auth_comp_id 
_pdbx_validate_torsion.auth_asym_id 
_pdbx_validate_torsion.auth_seq_id 
_pdbx_validate_torsion.PDB_ins_code 
_pdbx_validate_torsion.label_alt_id 
_pdbx_validate_torsion.phi 
_pdbx_validate_torsion.psi 
1 1 LYS A 135 ? ? -44.88  158.24  
2 1 THR A 137 ? ? -126.84 -127.54 
3 1 LYS A 151 ? ? -88.16  30.41   
4 1 VAL A 188 ? ? -146.09 -32.17  
# 
loop_
_pdbx_validate_peptide_omega.id 
_pdbx_validate_peptide_omega.PDB_model_num 
_pdbx_validate_peptide_omega.auth_comp_id_1 
_pdbx_validate_peptide_omega.auth_asym_id_1 
_pdbx_validate_peptide_omega.auth_seq_id_1 
_pdbx_validate_peptide_omega.PDB_ins_code_1 
_pdbx_validate_peptide_omega.label_alt_id_1 
_pdbx_validate_peptide_omega.auth_comp_id_2 
_pdbx_validate_peptide_omega.auth_asym_id_2 
_pdbx_validate_peptide_omega.auth_seq_id_2 
_pdbx_validate_peptide_omega.PDB_ins_code_2 
_pdbx_validate_peptide_omega.label_alt_id_2 
_pdbx_validate_peptide_omega.omega 
1 1 GLY A 62  ? ? PRO A 63  ? ? 133.36  
2 1 PRO A 63  ? ? PRO A 64  ? ? 140.65  
3 1 GLY A 112 ? ? ILE A 113 ? ? -149.79 
4 1 THR A 137 ? ? TYR A 138 ? ? -140.89 
# 
_pdbx_struct_special_symmetry.id              1 
_pdbx_struct_special_symmetry.PDB_model_num   1 
_pdbx_struct_special_symmetry.auth_asym_id    A 
_pdbx_struct_special_symmetry.auth_comp_id    CA 
_pdbx_struct_special_symmetry.auth_seq_id     201 
_pdbx_struct_special_symmetry.PDB_ins_code    ? 
_pdbx_struct_special_symmetry.label_asym_id   B 
_pdbx_struct_special_symmetry.label_comp_id   CA 
_pdbx_struct_special_symmetry.label_seq_id    . 
# 
loop_
_chem_comp_atom.comp_id 
_chem_comp_atom.atom_id 
_chem_comp_atom.type_symbol 
_chem_comp_atom.pdbx_aromatic_flag 
_chem_comp_atom.pdbx_stereo_config 
_chem_comp_atom.pdbx_ordinal 
ALA N    N  N N 1   
ALA CA   C  N S 2   
ALA C    C  N N 3   
ALA O    O  N N 4   
ALA CB   C  N N 5   
ALA OXT  O  N N 6   
ALA H    H  N N 7   
ALA H2   H  N N 8   
ALA HA   H  N N 9   
ALA HB1  H  N N 10  
ALA HB2  H  N N 11  
ALA HB3  H  N N 12  
ALA HXT  H  N N 13  
ARG N    N  N N 14  
ARG CA   C  N S 15  
ARG C    C  N N 16  
ARG O    O  N N 17  
ARG CB   C  N N 18  
ARG CG   C  N N 19  
ARG CD   C  N N 20  
ARG NE   N  N N 21  
ARG CZ   C  N N 22  
ARG NH1  N  N N 23  
ARG NH2  N  N N 24  
ARG OXT  O  N N 25  
ARG H    H  N N 26  
ARG H2   H  N N 27  
ARG HA   H  N N 28  
ARG HB2  H  N N 29  
ARG HB3  H  N N 30  
ARG HG2  H  N N 31  
ARG HG3  H  N N 32  
ARG HD2  H  N N 33  
ARG HD3  H  N N 34  
ARG HE   H  N N 35  
ARG HH11 H  N N 36  
ARG HH12 H  N N 37  
ARG HH21 H  N N 38  
ARG HH22 H  N N 39  
ARG HXT  H  N N 40  
ASN N    N  N N 41  
ASN CA   C  N S 42  
ASN C    C  N N 43  
ASN O    O  N N 44  
ASN CB   C  N N 45  
ASN CG   C  N N 46  
ASN OD1  O  N N 47  
ASN ND2  N  N N 48  
ASN OXT  O  N N 49  
ASN H    H  N N 50  
ASN H2   H  N N 51  
ASN HA   H  N N 52  
ASN HB2  H  N N 53  
ASN HB3  H  N N 54  
ASN HD21 H  N N 55  
ASN HD22 H  N N 56  
ASN HXT  H  N N 57  
ASP N    N  N N 58  
ASP CA   C  N S 59  
ASP C    C  N N 60  
ASP O    O  N N 61  
ASP CB   C  N N 62  
ASP CG   C  N N 63  
ASP OD1  O  N N 64  
ASP OD2  O  N N 65  
ASP OXT  O  N N 66  
ASP H    H  N N 67  
ASP H2   H  N N 68  
ASP HA   H  N N 69  
ASP HB2  H  N N 70  
ASP HB3  H  N N 71  
ASP HD2  H  N N 72  
ASP HXT  H  N N 73  
CA  CA   CA N N 74  
CYS N    N  N N 75  
CYS CA   C  N R 76  
CYS C    C  N N 77  
CYS O    O  N N 78  
CYS CB   C  N N 79  
CYS SG   S  N N 80  
CYS OXT  O  N N 81  
CYS H    H  N N 82  
CYS H2   H  N N 83  
CYS HA   H  N N 84  
CYS HB2  H  N N 85  
CYS HB3  H  N N 86  
CYS HG   H  N N 87  
CYS HXT  H  N N 88  
GLN N    N  N N 89  
GLN CA   C  N S 90  
GLN C    C  N N 91  
GLN O    O  N N 92  
GLN CB   C  N N 93  
GLN CG   C  N N 94  
GLN CD   C  N N 95  
GLN OE1  O  N N 96  
GLN NE2  N  N N 97  
GLN OXT  O  N N 98  
GLN H    H  N N 99  
GLN H2   H  N N 100 
GLN HA   H  N N 101 
GLN HB2  H  N N 102 
GLN HB3  H  N N 103 
GLN HG2  H  N N 104 
GLN HG3  H  N N 105 
GLN HE21 H  N N 106 
GLN HE22 H  N N 107 
GLN HXT  H  N N 108 
GLU N    N  N N 109 
GLU CA   C  N S 110 
GLU C    C  N N 111 
GLU O    O  N N 112 
GLU CB   C  N N 113 
GLU CG   C  N N 114 
GLU CD   C  N N 115 
GLU OE1  O  N N 116 
GLU OE2  O  N N 117 
GLU OXT  O  N N 118 
GLU H    H  N N 119 
GLU H2   H  N N 120 
GLU HA   H  N N 121 
GLU HB2  H  N N 122 
GLU HB3  H  N N 123 
GLU HG2  H  N N 124 
GLU HG3  H  N N 125 
GLU HE2  H  N N 126 
GLU HXT  H  N N 127 
GLY N    N  N N 128 
GLY CA   C  N N 129 
GLY C    C  N N 130 
GLY O    O  N N 131 
GLY OXT  O  N N 132 
GLY H    H  N N 133 
GLY H2   H  N N 134 
GLY HA2  H  N N 135 
GLY HA3  H  N N 136 
GLY HXT  H  N N 137 
HIS N    N  N N 138 
HIS CA   C  N S 139 
HIS C    C  N N 140 
HIS O    O  N N 141 
HIS CB   C  N N 142 
HIS CG   C  Y N 143 
HIS ND1  N  Y N 144 
HIS CD2  C  Y N 145 
HIS CE1  C  Y N 146 
HIS NE2  N  Y N 147 
HIS OXT  O  N N 148 
HIS H    H  N N 149 
HIS H2   H  N N 150 
HIS HA   H  N N 151 
HIS HB2  H  N N 152 
HIS HB3  H  N N 153 
HIS HD1  H  N N 154 
HIS HD2  H  N N 155 
HIS HE1  H  N N 156 
HIS HE2  H  N N 157 
HIS HXT  H  N N 158 
HOH O    O  N N 159 
HOH H1   H  N N 160 
HOH H2   H  N N 161 
ILE N    N  N N 162 
ILE CA   C  N S 163 
ILE C    C  N N 164 
ILE O    O  N N 165 
ILE CB   C  N S 166 
ILE CG1  C  N N 167 
ILE CG2  C  N N 168 
ILE CD1  C  N N 169 
ILE OXT  O  N N 170 
ILE H    H  N N 171 
ILE H2   H  N N 172 
ILE HA   H  N N 173 
ILE HB   H  N N 174 
ILE HG12 H  N N 175 
ILE HG13 H  N N 176 
ILE HG21 H  N N 177 
ILE HG22 H  N N 178 
ILE HG23 H  N N 179 
ILE HD11 H  N N 180 
ILE HD12 H  N N 181 
ILE HD13 H  N N 182 
ILE HXT  H  N N 183 
LEU N    N  N N 184 
LEU CA   C  N S 185 
LEU C    C  N N 186 
LEU O    O  N N 187 
LEU CB   C  N N 188 
LEU CG   C  N N 189 
LEU CD1  C  N N 190 
LEU CD2  C  N N 191 
LEU OXT  O  N N 192 
LEU H    H  N N 193 
LEU H2   H  N N 194 
LEU HA   H  N N 195 
LEU HB2  H  N N 196 
LEU HB3  H  N N 197 
LEU HG   H  N N 198 
LEU HD11 H  N N 199 
LEU HD12 H  N N 200 
LEU HD13 H  N N 201 
LEU HD21 H  N N 202 
LEU HD22 H  N N 203 
LEU HD23 H  N N 204 
LEU HXT  H  N N 205 
LYS N    N  N N 206 
LYS CA   C  N S 207 
LYS C    C  N N 208 
LYS O    O  N N 209 
LYS CB   C  N N 210 
LYS CG   C  N N 211 
LYS CD   C  N N 212 
LYS CE   C  N N 213 
LYS NZ   N  N N 214 
LYS OXT  O  N N 215 
LYS H    H  N N 216 
LYS H2   H  N N 217 
LYS HA   H  N N 218 
LYS HB2  H  N N 219 
LYS HB3  H  N N 220 
LYS HG2  H  N N 221 
LYS HG3  H  N N 222 
LYS HD2  H  N N 223 
LYS HD3  H  N N 224 
LYS HE2  H  N N 225 
LYS HE3  H  N N 226 
LYS HZ1  H  N N 227 
LYS HZ2  H  N N 228 
LYS HZ3  H  N N 229 
LYS HXT  H  N N 230 
MET N    N  N N 231 
MET CA   C  N S 232 
MET C    C  N N 233 
MET O    O  N N 234 
MET CB   C  N N 235 
MET CG   C  N N 236 
MET SD   S  N N 237 
MET CE   C  N N 238 
MET OXT  O  N N 239 
MET H    H  N N 240 
MET H2   H  N N 241 
MET HA   H  N N 242 
MET HB2  H  N N 243 
MET HB3  H  N N 244 
MET HG2  H  N N 245 
MET HG3  H  N N 246 
MET HE1  H  N N 247 
MET HE2  H  N N 248 
MET HE3  H  N N 249 
MET HXT  H  N N 250 
PHE N    N  N N 251 
PHE CA   C  N S 252 
PHE C    C  N N 253 
PHE O    O  N N 254 
PHE CB   C  N N 255 
PHE CG   C  Y N 256 
PHE CD1  C  Y N 257 
PHE CD2  C  Y N 258 
PHE CE1  C  Y N 259 
PHE CE2  C  Y N 260 
PHE CZ   C  Y N 261 
PHE OXT  O  N N 262 
PHE H    H  N N 263 
PHE H2   H  N N 264 
PHE HA   H  N N 265 
PHE HB2  H  N N 266 
PHE HB3  H  N N 267 
PHE HD1  H  N N 268 
PHE HD2  H  N N 269 
PHE HE1  H  N N 270 
PHE HE2  H  N N 271 
PHE HZ   H  N N 272 
PHE HXT  H  N N 273 
PRO N    N  N N 274 
PRO CA   C  N S 275 
PRO C    C  N N 276 
PRO O    O  N N 277 
PRO CB   C  N N 278 
PRO CG   C  N N 279 
PRO CD   C  N N 280 
PRO OXT  O  N N 281 
PRO H    H  N N 282 
PRO HA   H  N N 283 
PRO HB2  H  N N 284 
PRO HB3  H  N N 285 
PRO HG2  H  N N 286 
PRO HG3  H  N N 287 
PRO HD2  H  N N 288 
PRO HD3  H  N N 289 
PRO HXT  H  N N 290 
SER N    N  N N 291 
SER CA   C  N S 292 
SER C    C  N N 293 
SER O    O  N N 294 
SER CB   C  N N 295 
SER OG   O  N N 296 
SER OXT  O  N N 297 
SER H    H  N N 298 
SER H2   H  N N 299 
SER HA   H  N N 300 
SER HB2  H  N N 301 
SER HB3  H  N N 302 
SER HG   H  N N 303 
SER HXT  H  N N 304 
THR N    N  N N 305 
THR CA   C  N S 306 
THR C    C  N N 307 
THR O    O  N N 308 
THR CB   C  N R 309 
THR OG1  O  N N 310 
THR CG2  C  N N 311 
THR OXT  O  N N 312 
THR H    H  N N 313 
THR H2   H  N N 314 
THR HA   H  N N 315 
THR HB   H  N N 316 
THR HG1  H  N N 317 
THR HG21 H  N N 318 
THR HG22 H  N N 319 
THR HG23 H  N N 320 
THR HXT  H  N N 321 
TYR N    N  N N 322 
TYR CA   C  N S 323 
TYR C    C  N N 324 
TYR O    O  N N 325 
TYR CB   C  N N 326 
TYR CG   C  Y N 327 
TYR CD1  C  Y N 328 
TYR CD2  C  Y N 329 
TYR CE1  C  Y N 330 
TYR CE2  C  Y N 331 
TYR CZ   C  Y N 332 
TYR OH   O  N N 333 
TYR OXT  O  N N 334 
TYR H    H  N N 335 
TYR H2   H  N N 336 
TYR HA   H  N N 337 
TYR HB2  H  N N 338 
TYR HB3  H  N N 339 
TYR HD1  H  N N 340 
TYR HD2  H  N N 341 
TYR HE1  H  N N 342 
TYR HE2  H  N N 343 
TYR HH   H  N N 344 
TYR HXT  H  N N 345 
VAL N    N  N N 346 
VAL CA   C  N S 347 
VAL C    C  N N 348 
VAL O    O  N N 349 
VAL CB   C  N N 350 
VAL CG1  C  N N 351 
VAL CG2  C  N N 352 
VAL OXT  O  N N 353 
VAL H    H  N N 354 
VAL H2   H  N N 355 
VAL HA   H  N N 356 
VAL HB   H  N N 357 
VAL HG11 H  N N 358 
VAL HG12 H  N N 359 
VAL HG13 H  N N 360 
VAL HG21 H  N N 361 
VAL HG22 H  N N 362 
VAL HG23 H  N N 363 
VAL HXT  H  N N 364 
ZN  ZN   ZN N N 365 
# 
loop_
_chem_comp_bond.comp_id 
_chem_comp_bond.atom_id_1 
_chem_comp_bond.atom_id_2 
_chem_comp_bond.value_order 
_chem_comp_bond.pdbx_aromatic_flag 
_chem_comp_bond.pdbx_stereo_config 
_chem_comp_bond.pdbx_ordinal 
ALA N   CA   sing N N 1   
ALA N   H    sing N N 2   
ALA N   H2   sing N N 3   
ALA CA  C    sing N N 4   
ALA CA  CB   sing N N 5   
ALA CA  HA   sing N N 6   
ALA C   O    doub N N 7   
ALA C   OXT  sing N N 8   
ALA CB  HB1  sing N N 9   
ALA CB  HB2  sing N N 10  
ALA CB  HB3  sing N N 11  
ALA OXT HXT  sing N N 12  
ARG N   CA   sing N N 13  
ARG N   H    sing N N 14  
ARG N   H2   sing N N 15  
ARG CA  C    sing N N 16  
ARG CA  CB   sing N N 17  
ARG CA  HA   sing N N 18  
ARG C   O    doub N N 19  
ARG C   OXT  sing N N 20  
ARG CB  CG   sing N N 21  
ARG CB  HB2  sing N N 22  
ARG CB  HB3  sing N N 23  
ARG CG  CD   sing N N 24  
ARG CG  HG2  sing N N 25  
ARG CG  HG3  sing N N 26  
ARG CD  NE   sing N N 27  
ARG CD  HD2  sing N N 28  
ARG CD  HD3  sing N N 29  
ARG NE  CZ   sing N N 30  
ARG NE  HE   sing N N 31  
ARG CZ  NH1  sing N N 32  
ARG CZ  NH2  doub N N 33  
ARG NH1 HH11 sing N N 34  
ARG NH1 HH12 sing N N 35  
ARG NH2 HH21 sing N N 36  
ARG NH2 HH22 sing N N 37  
ARG OXT HXT  sing N N 38  
ASN N   CA   sing N N 39  
ASN N   H    sing N N 40  
ASN N   H2   sing N N 41  
ASN CA  C    sing N N 42  
ASN CA  CB   sing N N 43  
ASN CA  HA   sing N N 44  
ASN C   O    doub N N 45  
ASN C   OXT  sing N N 46  
ASN CB  CG   sing N N 47  
ASN CB  HB2  sing N N 48  
ASN CB  HB3  sing N N 49  
ASN CG  OD1  doub N N 50  
ASN CG  ND2  sing N N 51  
ASN ND2 HD21 sing N N 52  
ASN ND2 HD22 sing N N 53  
ASN OXT HXT  sing N N 54  
ASP N   CA   sing N N 55  
ASP N   H    sing N N 56  
ASP N   H2   sing N N 57  
ASP CA  C    sing N N 58  
ASP CA  CB   sing N N 59  
ASP CA  HA   sing N N 60  
ASP C   O    doub N N 61  
ASP C   OXT  sing N N 62  
ASP CB  CG   sing N N 63  
ASP CB  HB2  sing N N 64  
ASP CB  HB3  sing N N 65  
ASP CG  OD1  doub N N 66  
ASP CG  OD2  sing N N 67  
ASP OD2 HD2  sing N N 68  
ASP OXT HXT  sing N N 69  
CYS N   CA   sing N N 70  
CYS N   H    sing N N 71  
CYS N   H2   sing N N 72  
CYS CA  C    sing N N 73  
CYS CA  CB   sing N N 74  
CYS CA  HA   sing N N 75  
CYS C   O    doub N N 76  
CYS C   OXT  sing N N 77  
CYS CB  SG   sing N N 78  
CYS CB  HB2  sing N N 79  
CYS CB  HB3  sing N N 80  
CYS SG  HG   sing N N 81  
CYS OXT HXT  sing N N 82  
GLN N   CA   sing N N 83  
GLN N   H    sing N N 84  
GLN N   H2   sing N N 85  
GLN CA  C    sing N N 86  
GLN CA  CB   sing N N 87  
GLN CA  HA   sing N N 88  
GLN C   O    doub N N 89  
GLN C   OXT  sing N N 90  
GLN CB  CG   sing N N 91  
GLN CB  HB2  sing N N 92  
GLN CB  HB3  sing N N 93  
GLN CG  CD   sing N N 94  
GLN CG  HG2  sing N N 95  
GLN CG  HG3  sing N N 96  
GLN CD  OE1  doub N N 97  
GLN CD  NE2  sing N N 98  
GLN NE2 HE21 sing N N 99  
GLN NE2 HE22 sing N N 100 
GLN OXT HXT  sing N N 101 
GLU N   CA   sing N N 102 
GLU N   H    sing N N 103 
GLU N   H2   sing N N 104 
GLU CA  C    sing N N 105 
GLU CA  CB   sing N N 106 
GLU CA  HA   sing N N 107 
GLU C   O    doub N N 108 
GLU C   OXT  sing N N 109 
GLU CB  CG   sing N N 110 
GLU CB  HB2  sing N N 111 
GLU CB  HB3  sing N N 112 
GLU CG  CD   sing N N 113 
GLU CG  HG2  sing N N 114 
GLU CG  HG3  sing N N 115 
GLU CD  OE1  doub N N 116 
GLU CD  OE2  sing N N 117 
GLU OE2 HE2  sing N N 118 
GLU OXT HXT  sing N N 119 
GLY N   CA   sing N N 120 
GLY N   H    sing N N 121 
GLY N   H2   sing N N 122 
GLY CA  C    sing N N 123 
GLY CA  HA2  sing N N 124 
GLY CA  HA3  sing N N 125 
GLY C   O    doub N N 126 
GLY C   OXT  sing N N 127 
GLY OXT HXT  sing N N 128 
HIS N   CA   sing N N 129 
HIS N   H    sing N N 130 
HIS N   H2   sing N N 131 
HIS CA  C    sing N N 132 
HIS CA  CB   sing N N 133 
HIS CA  HA   sing N N 134 
HIS C   O    doub N N 135 
HIS C   OXT  sing N N 136 
HIS CB  CG   sing N N 137 
HIS CB  HB2  sing N N 138 
HIS CB  HB3  sing N N 139 
HIS CG  ND1  sing Y N 140 
HIS CG  CD2  doub Y N 141 
HIS ND1 CE1  doub Y N 142 
HIS ND1 HD1  sing N N 143 
HIS CD2 NE2  sing Y N 144 
HIS CD2 HD2  sing N N 145 
HIS CE1 NE2  sing Y N 146 
HIS CE1 HE1  sing N N 147 
HIS NE2 HE2  sing N N 148 
HIS OXT HXT  sing N N 149 
HOH O   H1   sing N N 150 
HOH O   H2   sing N N 151 
ILE N   CA   sing N N 152 
ILE N   H    sing N N 153 
ILE N   H2   sing N N 154 
ILE CA  C    sing N N 155 
ILE CA  CB   sing N N 156 
ILE CA  HA   sing N N 157 
ILE C   O    doub N N 158 
ILE C   OXT  sing N N 159 
ILE CB  CG1  sing N N 160 
ILE CB  CG2  sing N N 161 
ILE CB  HB   sing N N 162 
ILE CG1 CD1  sing N N 163 
ILE CG1 HG12 sing N N 164 
ILE CG1 HG13 sing N N 165 
ILE CG2 HG21 sing N N 166 
ILE CG2 HG22 sing N N 167 
ILE CG2 HG23 sing N N 168 
ILE CD1 HD11 sing N N 169 
ILE CD1 HD12 sing N N 170 
ILE CD1 HD13 sing N N 171 
ILE OXT HXT  sing N N 172 
LEU N   CA   sing N N 173 
LEU N   H    sing N N 174 
LEU N   H2   sing N N 175 
LEU CA  C    sing N N 176 
LEU CA  CB   sing N N 177 
LEU CA  HA   sing N N 178 
LEU C   O    doub N N 179 
LEU C   OXT  sing N N 180 
LEU CB  CG   sing N N 181 
LEU CB  HB2  sing N N 182 
LEU CB  HB3  sing N N 183 
LEU CG  CD1  sing N N 184 
LEU CG  CD2  sing N N 185 
LEU CG  HG   sing N N 186 
LEU CD1 HD11 sing N N 187 
LEU CD1 HD12 sing N N 188 
LEU CD1 HD13 sing N N 189 
LEU CD2 HD21 sing N N 190 
LEU CD2 HD22 sing N N 191 
LEU CD2 HD23 sing N N 192 
LEU OXT HXT  sing N N 193 
LYS N   CA   sing N N 194 
LYS N   H    sing N N 195 
LYS N   H2   sing N N 196 
LYS CA  C    sing N N 197 
LYS CA  CB   sing N N 198 
LYS CA  HA   sing N N 199 
LYS C   O    doub N N 200 
LYS C   OXT  sing N N 201 
LYS CB  CG   sing N N 202 
LYS CB  HB2  sing N N 203 
LYS CB  HB3  sing N N 204 
LYS CG  CD   sing N N 205 
LYS CG  HG2  sing N N 206 
LYS CG  HG3  sing N N 207 
LYS CD  CE   sing N N 208 
LYS CD  HD2  sing N N 209 
LYS CD  HD3  sing N N 210 
LYS CE  NZ   sing N N 211 
LYS CE  HE2  sing N N 212 
LYS CE  HE3  sing N N 213 
LYS NZ  HZ1  sing N N 214 
LYS NZ  HZ2  sing N N 215 
LYS NZ  HZ3  sing N N 216 
LYS OXT HXT  sing N N 217 
MET N   CA   sing N N 218 
MET N   H    sing N N 219 
MET N   H2   sing N N 220 
MET CA  C    sing N N 221 
MET CA  CB   sing N N 222 
MET CA  HA   sing N N 223 
MET C   O    doub N N 224 
MET C   OXT  sing N N 225 
MET CB  CG   sing N N 226 
MET CB  HB2  sing N N 227 
MET CB  HB3  sing N N 228 
MET CG  SD   sing N N 229 
MET CG  HG2  sing N N 230 
MET CG  HG3  sing N N 231 
MET SD  CE   sing N N 232 
MET CE  HE1  sing N N 233 
MET CE  HE2  sing N N 234 
MET CE  HE3  sing N N 235 
MET OXT HXT  sing N N 236 
PHE N   CA   sing N N 237 
PHE N   H    sing N N 238 
PHE N   H2   sing N N 239 
PHE CA  C    sing N N 240 
PHE CA  CB   sing N N 241 
PHE CA  HA   sing N N 242 
PHE C   O    doub N N 243 
PHE C   OXT  sing N N 244 
PHE CB  CG   sing N N 245 
PHE CB  HB2  sing N N 246 
PHE CB  HB3  sing N N 247 
PHE CG  CD1  doub Y N 248 
PHE CG  CD2  sing Y N 249 
PHE CD1 CE1  sing Y N 250 
PHE CD1 HD1  sing N N 251 
PHE CD2 CE2  doub Y N 252 
PHE CD2 HD2  sing N N 253 
PHE CE1 CZ   doub Y N 254 
PHE CE1 HE1  sing N N 255 
PHE CE2 CZ   sing Y N 256 
PHE CE2 HE2  sing N N 257 
PHE CZ  HZ   sing N N 258 
PHE OXT HXT  sing N N 259 
PRO N   CA   sing N N 260 
PRO N   CD   sing N N 261 
PRO N   H    sing N N 262 
PRO CA  C    sing N N 263 
PRO CA  CB   sing N N 264 
PRO CA  HA   sing N N 265 
PRO C   O    doub N N 266 
PRO C   OXT  sing N N 267 
PRO CB  CG   sing N N 268 
PRO CB  HB2  sing N N 269 
PRO CB  HB3  sing N N 270 
PRO CG  CD   sing N N 271 
PRO CG  HG2  sing N N 272 
PRO CG  HG3  sing N N 273 
PRO CD  HD2  sing N N 274 
PRO CD  HD3  sing N N 275 
PRO OXT HXT  sing N N 276 
SER N   CA   sing N N 277 
SER N   H    sing N N 278 
SER N   H2   sing N N 279 
SER CA  C    sing N N 280 
SER CA  CB   sing N N 281 
SER CA  HA   sing N N 282 
SER C   O    doub N N 283 
SER C   OXT  sing N N 284 
SER CB  OG   sing N N 285 
SER CB  HB2  sing N N 286 
SER CB  HB3  sing N N 287 
SER OG  HG   sing N N 288 
SER OXT HXT  sing N N 289 
THR N   CA   sing N N 290 
THR N   H    sing N N 291 
THR N   H2   sing N N 292 
THR CA  C    sing N N 293 
THR CA  CB   sing N N 294 
THR CA  HA   sing N N 295 
THR C   O    doub N N 296 
THR C   OXT  sing N N 297 
THR CB  OG1  sing N N 298 
THR CB  CG2  sing N N 299 
THR CB  HB   sing N N 300 
THR OG1 HG1  sing N N 301 
THR CG2 HG21 sing N N 302 
THR CG2 HG22 sing N N 303 
THR CG2 HG23 sing N N 304 
THR OXT HXT  sing N N 305 
TYR N   CA   sing N N 306 
TYR N   H    sing N N 307 
TYR N   H2   sing N N 308 
TYR CA  C    sing N N 309 
TYR CA  CB   sing N N 310 
TYR CA  HA   sing N N 311 
TYR C   O    doub N N 312 
TYR C   OXT  sing N N 313 
TYR CB  CG   sing N N 314 
TYR CB  HB2  sing N N 315 
TYR CB  HB3  sing N N 316 
TYR CG  CD1  doub Y N 317 
TYR CG  CD2  sing Y N 318 
TYR CD1 CE1  sing Y N 319 
TYR CD1 HD1  sing N N 320 
TYR CD2 CE2  doub Y N 321 
TYR CD2 HD2  sing N N 322 
TYR CE1 CZ   doub Y N 323 
TYR CE1 HE1  sing N N 324 
TYR CE2 CZ   sing Y N 325 
TYR CE2 HE2  sing N N 326 
TYR CZ  OH   sing N N 327 
TYR OH  HH   sing N N 328 
TYR OXT HXT  sing N N 329 
VAL N   CA   sing N N 330 
VAL N   H    sing N N 331 
VAL N   H2   sing N N 332 
VAL CA  C    sing N N 333 
VAL CA  CB   sing N N 334 
VAL CA  HA   sing N N 335 
VAL C   O    doub N N 336 
VAL C   OXT  sing N N 337 
VAL CB  CG1  sing N N 338 
VAL CB  CG2  sing N N 339 
VAL CB  HB   sing N N 340 
VAL CG1 HG11 sing N N 341 
VAL CG1 HG12 sing N N 342 
VAL CG1 HG13 sing N N 343 
VAL CG2 HG21 sing N N 344 
VAL CG2 HG22 sing N N 345 
VAL CG2 HG23 sing N N 346 
VAL OXT HXT  sing N N 347 
# 
_pdbx_audit_support.funding_organization   'National Natural Science Foundation of China' 
_pdbx_audit_support.country                China 
_pdbx_audit_support.grant_number           31430024 
_pdbx_audit_support.ordinal                1 
# 
_pdbx_initial_refinement_model.id               1 
_pdbx_initial_refinement_model.entity_id_list   ? 
_pdbx_initial_refinement_model.type             'experimental model' 
_pdbx_initial_refinement_model.source_name      PDB 
_pdbx_initial_refinement_model.accession_code   4MJ7 
_pdbx_initial_refinement_model.details          ? 
# 
_atom_sites.entry_id                    5YZ4 
_atom_sites.fract_transf_matrix[1][1]   0.00934424 
_atom_sites.fract_transf_matrix[1][2]   -0.01770007 
_atom_sites.fract_transf_matrix[1][3]   0.00451000 
_atom_sites.fract_transf_matrix[2][1]   0.01135934 
_atom_sites.fract_transf_matrix[2][2]   0.00681958 
_atom_sites.fract_transf_matrix[2][3]   0.00322900 
_atom_sites.fract_transf_matrix[3][1]   -0.00423100 
_atom_sites.fract_transf_matrix[3][2]   0.00101350 
_atom_sites.fract_transf_matrix[3][3]   0.01274381 
_atom_sites.fract_transf_vector[1]      -0.201452 
_atom_sites.fract_transf_vector[2]      -0.213482 
_atom_sites.fract_transf_vector[3]      0.121984 
# 
loop_
_atom_type.symbol 
C  
CA 
N  
O  
S  
ZN 
# 
loop_
_atom_site.group_PDB 
_atom_site.id 
_atom_site.type_symbol 
_atom_site.label_atom_id 
_atom_site.label_alt_id 
_atom_site.label_comp_id 
_atom_site.label_asym_id 
_atom_site.label_entity_id 
_atom_site.label_seq_id 
_atom_site.pdbx_PDB_ins_code 
_atom_site.Cartn_x 
_atom_site.Cartn_y 
_atom_site.Cartn_z 
_atom_site.occupancy 
_atom_site.B_iso_or_equiv 
_atom_site.pdbx_formal_charge 
_atom_site.auth_seq_id 
_atom_site.auth_comp_id 
_atom_site.auth_asym_id 
_atom_site.auth_atom_id 
_atom_site.pdbx_PDB_model_num 
ATOM   1    N  N   . SER A 1 1   ? 14.901  -6.410  8.355   1.00 49.12 ? 60  SER A N   1 
ATOM   2    C  CA  . SER A 1 1   ? 14.136  -6.386  9.596   1.00 50.29 ? 60  SER A CA  1 
ATOM   3    C  C   . SER A 1 1   ? 12.643  -6.221  9.325   1.00 53.09 ? 60  SER A C   1 
ATOM   4    O  O   . SER A 1 1   ? 11.820  -6.235  10.251  1.00 47.23 ? 60  SER A O   1 
ATOM   5    C  CB  . SER A 1 1   ? 14.611  -5.254  10.506  1.00 49.38 ? 60  SER A CB  1 
ATOM   6    O  OG  . SER A 1 1   ? 13.676  -5.039  11.549  1.00 46.13 ? 60  SER A OG  1 
ATOM   7    N  N   . LEU A 1 2   ? 12.302  -6.045  8.044   1.00 48.68 ? 61  LEU A N   1 
ATOM   8    C  CA  . LEU A 1 2   ? 10.900  -5.895  7.662   1.00 45.19 ? 61  LEU A CA  1 
ATOM   9    C  C   . LEU A 1 2   ? 10.149  -7.218  7.769   1.00 38.51 ? 61  LEU A C   1 
ATOM   10   O  O   . LEU A 1 2   ? 8.916   -7.226  7.868   1.00 36.40 ? 61  LEU A O   1 
ATOM   11   C  CB  . LEU A 1 2   ? 10.811  -5.311  6.248   1.00 30.92 ? 61  LEU A CB  1 
ATOM   12   C  CG  . LEU A 1 2   ? 11.253  -3.852  6.097   1.00 41.42 ? 61  LEU A CG  1 
ATOM   13   C  CD1 . LEU A 1 2   ? 11.919  -3.581  4.759   1.00 37.37 ? 61  LEU A CD1 1 
ATOM   14   C  CD2 . LEU A 1 2   ? 10.067  -2.912  6.262   1.00 39.69 ? 61  LEU A CD2 1 
ATOM   15   N  N   . GLY A 1 3   ? 10.866  -8.335  7.760   1.00 41.88 ? 62  GLY A N   1 
ATOM   16   C  CA  . GLY A 1 3   ? 10.267  -9.631  7.954   1.00 39.78 ? 62  GLY A CA  1 
ATOM   17   C  C   . GLY A 1 3   ? 10.638  -10.546 6.812   1.00 37.89 ? 62  GLY A C   1 
ATOM   18   O  O   . GLY A 1 3   ? 11.461  -10.191 5.968   1.00 51.89 ? 62  GLY A O   1 
ATOM   19   N  N   . PRO A 1 4   ? 10.206  -11.796 6.876   1.00 37.68 ? 63  PRO A N   1 
ATOM   20   C  CA  . PRO A 1 4   ? 9.589   -12.421 5.726   1.00 33.60 ? 63  PRO A CA  1 
ATOM   21   C  C   . PRO A 1 4   ? 8.176   -12.889 6.039   1.00 38.45 ? 63  PRO A C   1 
ATOM   22   O  O   . PRO A 1 4   ? 7.721   -13.877 5.445   1.00 41.84 ? 63  PRO A O   1 
ATOM   23   C  CB  . PRO A 1 4   ? 10.510  -13.599 5.426   1.00 33.04 ? 63  PRO A CB  1 
ATOM   24   C  CG  . PRO A 1 4   ? 11.095  -13.947 6.733   1.00 44.41 ? 63  PRO A CG  1 
ATOM   25   C  CD  . PRO A 1 4   ? 11.079  -12.729 7.612   1.00 55.84 ? 63  PRO A CD  1 
ATOM   26   N  N   . PRO A 1 5   ? 7.489   -12.273 7.053   1.00 38.61 ? 64  PRO A N   1 
ATOM   27   C  CA  . PRO A 1 5   ? 6.050   -11.993 6.901   1.00 31.30 ? 64  PRO A CA  1 
ATOM   28   C  C   . PRO A 1 5   ? 5.876   -10.511 6.624   1.00 26.62 ? 64  PRO A C   1 
ATOM   29   O  O   . PRO A 1 5   ? 5.886   -9.699  7.554   1.00 29.13 ? 64  PRO A O   1 
ATOM   30   C  CB  . PRO A 1 5   ? 5.444   -12.404 8.254   1.00 28.25 ? 64  PRO A CB  1 
ATOM   31   C  CG  . PRO A 1 5   ? 6.568   -12.988 9.028   1.00 34.10 ? 64  PRO A CG  1 
ATOM   32   C  CD  . PRO A 1 5   ? 7.821   -12.409 8.474   1.00 29.18 ? 64  PRO A CD  1 
ATOM   33   N  N   . TYR A 1 6   ? 5.759   -10.135 5.346   1.00 27.41 ? 65  TYR A N   1 
ATOM   34   C  CA  . TYR A 1 6   ? 5.899   -8.741  4.946   1.00 20.43 ? 65  TYR A CA  1 
ATOM   35   C  C   . TYR A 1 6   ? 4.570   -7.991  5.010   1.00 23.46 ? 65  TYR A C   1 
ATOM   36   O  O   . TYR A 1 6   ? 3.543   -8.464  4.511   1.00 22.85 ? 65  TYR A O   1 
ATOM   37   C  CB  . TYR A 1 6   ? 6.468   -8.644  3.528   1.00 27.82 ? 65  TYR A CB  1 
ATOM   38   C  CG  . TYR A 1 6   ? 7.912   -9.056  3.415   1.00 28.15 ? 65  TYR A CG  1 
ATOM   39   C  CD1 . TYR A 1 6   ? 8.917   -8.267  3.955   1.00 26.31 ? 65  TYR A CD1 1 
ATOM   40   C  CD2 . TYR A 1 6   ? 8.272   -10.232 2.758   1.00 30.92 ? 65  TYR A CD2 1 
ATOM   41   C  CE1 . TYR A 1 6   ? 10.233  -8.629  3.853   1.00 30.70 ? 65  TYR A CE1 1 
ATOM   42   C  CE2 . TYR A 1 6   ? 9.602   -10.615 2.659   1.00 31.07 ? 65  TYR A CE2 1 
ATOM   43   C  CZ  . TYR A 1 6   ? 10.578  -9.810  3.209   1.00 35.48 ? 65  TYR A CZ  1 
ATOM   44   O  OH  . TYR A 1 6   ? 11.907  -10.174 3.119   1.00 33.03 ? 65  TYR A OH  1 
ATOM   45   N  N   . HIS A 1 7   ? 4.608   -6.795  5.587   1.00 22.93 ? 66  HIS A N   1 
ATOM   46   C  CA  . HIS A 1 7   ? 3.431   -5.945  5.705   1.00 19.66 ? 66  HIS A CA  1 
ATOM   47   C  C   . HIS A 1 7   ? 3.527   -4.786  4.711   1.00 19.36 ? 66  HIS A C   1 
ATOM   48   O  O   . HIS A 1 7   ? 4.440   -3.961  4.805   1.00 17.85 ? 66  HIS A O   1 
ATOM   49   C  CB  . HIS A 1 7   ? 3.298   -5.432  7.134   1.00 14.79 ? 66  HIS A CB  1 
ATOM   50   C  CG  . HIS A 1 7   ? 2.927   -6.490  8.122   1.00 20.89 ? 66  HIS A CG  1 
ATOM   51   N  ND1 . HIS A 1 7   ? 3.800   -7.491  8.508   1.00 20.39 ? 66  HIS A ND1 1 
ATOM   52   C  CD2 . HIS A 1 7   ? 1.776   -6.711  8.799   1.00 17.58 ? 66  HIS A CD2 1 
ATOM   53   C  CE1 . HIS A 1 7   ? 3.200   -8.280  9.380   1.00 21.75 ? 66  HIS A CE1 1 
ATOM   54   N  NE2 . HIS A 1 7   ? 1.979   -7.824  9.584   1.00 18.75 ? 66  HIS A NE2 1 
ATOM   55   N  N   . VAL A 1 8   ? 2.566   -4.706  3.791   1.00 18.80 ? 67  VAL A N   1 
ATOM   56   C  CA  . VAL A 1 8   ? 2.573   -3.725  2.697   1.00 22.35 ? 67  VAL A CA  1 
ATOM   57   C  C   . VAL A 1 8   ? 1.351   -2.817  2.851   1.00 21.11 ? 67  VAL A C   1 
ATOM   58   O  O   . VAL A 1 8   ? 0.212   -3.277  2.720   1.00 23.36 ? 67  VAL A O   1 
ATOM   59   C  CB  . VAL A 1 8   ? 2.576   -4.415  1.321   1.00 21.41 ? 67  VAL A CB  1 
ATOM   60   C  CG1 . VAL A 1 8   ? 2.614   -3.395  0.189   1.00 19.85 ? 67  VAL A CG1 1 
ATOM   61   C  CG2 . VAL A 1 8   ? 3.755   -5.359  1.208   1.00 18.74 ? 67  VAL A CG2 1 
ATOM   62   N  N   . ILE A 1 9   ? 1.576   -1.532  3.132   1.00 19.32 ? 68  ILE A N   1 
ATOM   63   C  CA  . ILE A 1 9   ? 0.466   -0.580  3.212   1.00 22.75 ? 68  ILE A CA  1 
ATOM   64   C  C   . ILE A 1 9   ? 0.008   -0.244  1.795   1.00 20.30 ? 68  ILE A C   1 
ATOM   65   O  O   . ILE A 1 9   ? 0.808   0.161   0.949   1.00 21.48 ? 68  ILE A O   1 
ATOM   66   C  CB  . ILE A 1 9   ? 0.864   0.685   3.988   1.00 23.12 ? 68  ILE A CB  1 
ATOM   67   C  CG1 . ILE A 1 9   ? 1.222   0.325   5.431   1.00 24.61 ? 68  ILE A CG1 1 
ATOM   68   C  CG2 . ILE A 1 9   ? -0.279  1.714   3.994   1.00 21.32 ? 68  ILE A CG2 1 
ATOM   69   C  CD1 . ILE A 1 9   ? 1.805   1.467   6.243   1.00 21.38 ? 68  ILE A CD1 1 
ATOM   70   N  N   . ILE A 1 10  ? -1.274  -0.445  1.533   1.00 19.40 ? 69  ILE A N   1 
ATOM   71   C  CA  . ILE A 1 10  ? -1.893  -0.185  0.240   1.00 25.14 ? 69  ILE A CA  1 
ATOM   72   C  C   . ILE A 1 10  ? -2.449  1.236   0.259   1.00 22.67 ? 69  ILE A C   1 
ATOM   73   O  O   . ILE A 1 10  ? -3.055  1.659   1.254   1.00 28.04 ? 69  ILE A O   1 
ATOM   74   C  CB  . ILE A 1 10  ? -3.002  -1.220  -0.020  1.00 27.52 ? 69  ILE A CB  1 
ATOM   75   C  CG1 . ILE A 1 10  ? -2.610  -2.190  -1.109  1.00 28.02 ? 69  ILE A CG1 1 
ATOM   76   C  CG2 . ILE A 1 10  ? -4.335  -0.589  -0.307  1.00 24.02 ? 69  ILE A CG2 1 
ATOM   77   C  CD1 . ILE A 1 10  ? -1.958  -3.460  -0.584  1.00 30.73 ? 69  ILE A CD1 1 
ATOM   78   N  N   . ASP A 1 11  ? -2.221  2.003   -0.809  1.00 26.51 ? 70  ASP A N   1 
ATOM   79   C  CA  . ASP A 1 11  ? -2.898  3.290   -0.872  1.00 17.50 ? 70  ASP A CA  1 
ATOM   80   C  C   . ASP A 1 11  ? -4.207  3.126   -1.632  1.00 21.45 ? 70  ASP A C   1 
ATOM   81   O  O   . ASP A 1 11  ? -4.582  2.021   -2.039  1.00 20.27 ? 70  ASP A O   1 
ATOM   82   C  CB  . ASP A 1 11  ? -1.989  4.375   -1.443  1.00 20.69 ? 70  ASP A CB  1 
ATOM   83   C  CG  . ASP A 1 11  ? -1.932  4.397   -2.988  1.00 22.80 ? 70  ASP A CG  1 
ATOM   84   O  OD1 . ASP A 1 11  ? -2.468  3.504   -3.683  1.00 22.97 ? 70  ASP A OD1 1 
ATOM   85   O  OD2 . ASP A 1 11  ? -1.306  5.334   -3.508  1.00 19.90 ? 70  ASP A OD2 1 
ATOM   86   N  N   . THR A 1 12  ? -4.913  4.245   -1.823  1.00 16.77 ? 71  THR A N   1 
ATOM   87   C  CA  . THR A 1 12  ? -6.286  4.199   -2.314  1.00 18.77 ? 71  THR A CA  1 
ATOM   88   C  C   . THR A 1 12  ? -6.394  3.587   -3.708  1.00 24.74 ? 71  THR A C   1 
ATOM   89   O  O   . THR A 1 12  ? -7.350  2.855   -3.995  1.00 26.04 ? 71  THR A O   1 
ATOM   90   C  CB  . THR A 1 12  ? -6.868  5.611   -2.342  1.00 26.45 ? 71  THR A CB  1 
ATOM   91   O  OG1 . THR A 1 12  ? -6.690  6.223   -1.060  1.00 29.57 ? 71  THR A OG1 1 
ATOM   92   C  CG2 . THR A 1 12  ? -8.339  5.552   -2.695  1.00 26.52 ? 71  THR A CG2 1 
ATOM   93   N  N   . ASN A 1 13  ? -5.447  3.902   -4.597  1.00 21.32 ? 72  ASN A N   1 
ATOM   94   C  CA  . ASN A 1 13  ? -5.537  3.551   -6.013  1.00 25.61 ? 72  ASN A CA  1 
ATOM   95   C  C   . ASN A 1 13  ? -4.764  2.289   -6.392  1.00 22.04 ? 72  ASN A C   1 
ATOM   96   O  O   . ASN A 1 13  ? -4.899  1.823   -7.525  1.00 21.02 ? 72  ASN A O   1 
ATOM   97   C  CB  . ASN A 1 13  ? -5.048  4.734   -6.880  1.00 18.10 ? 72  ASN A CB  1 
ATOM   98   C  CG  . ASN A 1 13  ? -6.025  5.885   -6.882  1.00 26.28 ? 72  ASN A CG  1 
ATOM   99   O  OD1 . ASN A 1 13  ? -7.232  5.673   -6.918  1.00 23.83 ? 72  ASN A OD1 1 
ATOM   100  N  ND2 . ASN A 1 13  ? -5.515  7.111   -6.831  1.00 33.06 ? 72  ASN A ND2 1 
ATOM   101  N  N   . PHE A 1 14  ? -3.996  1.705   -5.472  1.00 24.10 ? 73  PHE A N   1 
ATOM   102  C  CA  . PHE A 1 14  ? -3.094  0.614   -5.843  1.00 23.19 ? 73  PHE A CA  1 
ATOM   103  C  C   . PHE A 1 14  ? -3.850  -0.584  -6.411  1.00 20.19 ? 73  PHE A C   1 
ATOM   104  O  O   . PHE A 1 14  ? -3.493  -1.108  -7.467  1.00 21.61 ? 73  PHE A O   1 
ATOM   105  C  CB  . PHE A 1 14  ? -2.255  0.196   -4.645  1.00 20.17 ? 73  PHE A CB  1 
ATOM   106  C  CG  . PHE A 1 14  ? -1.165  -0.755  -4.999  1.00 22.49 ? 73  PHE A CG  1 
ATOM   107  C  CD1 . PHE A 1 14  ? -0.123  -0.349  -5.811  1.00 19.53 ? 73  PHE A CD1 1 
ATOM   108  C  CD2 . PHE A 1 14  ? -1.182  -2.058  -4.526  1.00 25.39 ? 73  PHE A CD2 1 
ATOM   109  C  CE1 . PHE A 1 14  ? 0.890   -1.221  -6.157  1.00 25.52 ? 73  PHE A CE1 1 
ATOM   110  C  CE2 . PHE A 1 14  ? -0.169  -2.948  -4.860  1.00 25.10 ? 73  PHE A CE2 1 
ATOM   111  C  CZ  . PHE A 1 14  ? 0.877   -2.525  -5.683  1.00 25.38 ? 73  PHE A CZ  1 
ATOM   112  N  N   . ILE A 1 15  ? -4.898  -1.035  -5.722  1.00 22.95 ? 74  ILE A N   1 
ATOM   113  C  CA  . ILE A 1 15  ? -5.685  -2.160  -6.226  1.00 20.60 ? 74  ILE A CA  1 
ATOM   114  C  C   . ILE A 1 15  ? -6.152  -1.890  -7.646  1.00 20.59 ? 74  ILE A C   1 
ATOM   115  O  O   . ILE A 1 15  ? -6.104  -2.772  -8.511  1.00 20.12 ? 74  ILE A O   1 
ATOM   116  C  CB  . ILE A 1 15  ? -6.879  -2.445  -5.291  1.00 25.28 ? 74  ILE A CB  1 
ATOM   117  C  CG1 . ILE A 1 15  ? -6.396  -2.899  -3.913  1.00 21.83 ? 74  ILE A CG1 1 
ATOM   118  C  CG2 . ILE A 1 15  ? -7.814  -3.491  -5.908  1.00 23.89 ? 74  ILE A CG2 1 
ATOM   119  C  CD1 . ILE A 1 15  ? -7.551  -3.155  -2.944  1.00 27.63 ? 74  ILE A CD1 1 
ATOM   120  N  N   . ASN A 1 16  ? -6.613  -0.658  -7.907  1.00 23.21 ? 75  ASN A N   1 
ATOM   121  C  CA  . ASN A 1 16  ? -7.116  -0.321  -9.231  1.00 22.26 ? 75  ASN A CA  1 
ATOM   122  C  C   . ASN A 1 16  ? -6.023  -0.418  -10.284 1.00 21.79 ? 75  ASN A C   1 
ATOM   123  O  O   . ASN A 1 16  ? -6.276  -0.883  -11.402 1.00 22.35 ? 75  ASN A O   1 
ATOM   124  C  CB  . ASN A 1 16  ? -7.723  1.082   -9.238  1.00 27.06 ? 75  ASN A CB  1 
ATOM   125  C  CG  . ASN A 1 16  ? -9.173  1.098   -8.790  1.00 30.50 ? 75  ASN A CG  1 
ATOM   126  O  OD1 . ASN A 1 16  ? -9.808  0.050   -8.648  1.00 32.60 ? 75  ASN A OD1 1 
ATOM   127  N  ND2 . ASN A 1 16  ? -9.706  2.295   -8.570  1.00 27.24 ? 75  ASN A ND2 1 
ATOM   128  N  N   . PHE A 1 17  ? -4.818  0.062   -9.971  1.00 18.94 ? 76  PHE A N   1 
ATOM   129  C  CA  . PHE A 1 17  ? -3.701  -0.178  -10.874 1.00 23.43 ? 76  PHE A CA  1 
ATOM   130  C  C   . PHE A 1 17  ? -3.483  -1.675  -11.082 1.00 26.71 ? 76  PHE A C   1 
ATOM   131  O  O   . PHE A 1 17  ? -3.129  -2.109  -12.190 1.00 24.25 ? 76  PHE A O   1 
ATOM   132  C  CB  . PHE A 1 17  ? -2.428  0.481   -10.338 1.00 21.69 ? 76  PHE A CB  1 
ATOM   133  C  CG  . PHE A 1 17  ? -2.332  1.957   -10.620 1.00 25.67 ? 76  PHE A CG  1 
ATOM   134  C  CD1 . PHE A 1 17  ? -1.902  2.414   -11.858 1.00 23.49 ? 76  PHE A CD1 1 
ATOM   135  C  CD2 . PHE A 1 17  ? -2.644  2.884   -9.648  1.00 19.62 ? 76  PHE A CD2 1 
ATOM   136  C  CE1 . PHE A 1 17  ? -1.806  3.773   -12.115 1.00 26.74 ? 76  PHE A CE1 1 
ATOM   137  C  CE2 . PHE A 1 17  ? -2.550  4.244   -9.897  1.00 24.74 ? 76  PHE A CE2 1 
ATOM   138  C  CZ  . PHE A 1 17  ? -2.131  4.690   -11.136 1.00 24.91 ? 76  PHE A CZ  1 
ATOM   139  N  N   . CYS A 1 18  ? -3.710  -2.478  -10.036 1.00 21.75 ? 77  CYS A N   1 
ATOM   140  C  CA  . CYS A 1 18  ? -3.525  -3.920  -10.158 1.00 25.82 ? 77  CYS A CA  1 
ATOM   141  C  C   . CYS A 1 18  ? -4.583  -4.527  -11.053 1.00 27.12 ? 77  CYS A C   1 
ATOM   142  O  O   . CYS A 1 18  ? -4.285  -5.425  -11.849 1.00 26.00 ? 77  CYS A O   1 
ATOM   143  C  CB  . CYS A 1 18  ? -3.572  -4.592  -8.784  1.00 23.29 ? 77  CYS A CB  1 
ATOM   144  S  SG  . CYS A 1 18  ? -2.129  -4.305  -7.772  1.00 23.64 ? 77  CYS A SG  1 
ATOM   145  N  N   . LEU A 1 19  ? -5.827  -4.064  -10.916 1.00 24.20 ? 78  LEU A N   1 
ATOM   146  C  CA  . LEU A 1 19  ? -6.903  -4.579  -11.753 1.00 27.21 ? 78  LEU A CA  1 
ATOM   147  C  C   . LEU A 1 19  ? -6.701  -4.181  -13.209 1.00 30.43 ? 78  LEU A C   1 
ATOM   148  O  O   . LEU A 1 19  ? -6.972  -4.970  -14.122 1.00 36.58 ? 78  LEU A O   1 
ATOM   149  C  CB  . LEU A 1 19  ? -8.243  -4.067  -11.239 1.00 28.52 ? 78  LEU A CB  1 
ATOM   150  C  CG  . LEU A 1 19  ? -8.653  -4.512  -9.841  1.00 25.38 ? 78  LEU A CG  1 
ATOM   151  C  CD1 . LEU A 1 19  ? -9.855  -3.744  -9.374  1.00 25.82 ? 78  LEU A CD1 1 
ATOM   152  C  CD2 . LEU A 1 19  ? -8.959  -5.988  -9.869  1.00 33.58 ? 78  LEU A CD2 1 
ATOM   153  N  N   . GLN A 1 20  ? -6.208  -2.965  -13.440 1.00 31.17 ? 79  GLN A N   1 
ATOM   154  C  CA  . GLN A 1 20  ? -5.955  -2.497  -14.796 1.00 30.68 ? 79  GLN A CA  1 
ATOM   155  C  C   . GLN A 1 20  ? -4.925  -3.371  -15.497 1.00 33.28 ? 79  GLN A C   1 
ATOM   156  O  O   . GLN A 1 20  ? -5.055  -3.654  -16.695 1.00 35.96 ? 79  GLN A O   1 
ATOM   157  C  CB  . GLN A 1 20  ? -5.481  -1.046  -14.753 1.00 26.18 ? 79  GLN A CB  1 
ATOM   158  C  CG  . GLN A 1 20  ? -5.029  -0.520  -16.075 1.00 32.61 ? 79  GLN A CG  1 
ATOM   159  C  CD  . GLN A 1 20  ? -6.194  -0.240  -17.002 1.00 40.59 ? 79  GLN A CD  1 
ATOM   160  O  OE1 . GLN A 1 20  ? -7.310  0.032   -16.547 1.00 44.67 ? 79  GLN A OE1 1 
ATOM   161  N  NE2 . GLN A 1 20  ? -5.946  -0.309  -18.303 1.00 37.46 ? 79  GLN A NE2 1 
ATOM   162  N  N   . GLN A 1 21  ? -3.885  -3.792  -14.769 1.00 30.87 ? 80  GLN A N   1 
ATOM   163  C  CA  . GLN A 1 21  ? -2.795  -4.599  -15.312 1.00 31.19 ? 80  GLN A CA  1 
ATOM   164  C  C   . GLN A 1 21  ? -3.016  -6.094  -15.131 1.00 31.36 ? 80  GLN A C   1 
ATOM   165  O  O   . GLN A 1 21  ? -2.047  -6.862  -15.181 1.00 39.44 ? 80  GLN A O   1 
ATOM   166  C  CB  . GLN A 1 21  ? -1.461  -4.211  -14.670 1.00 26.16 ? 80  GLN A CB  1 
ATOM   167  C  CG  . GLN A 1 21  ? -0.944  -2.843  -15.028 1.00 31.35 ? 80  GLN A CG  1 
ATOM   168  C  CD  . GLN A 1 21  ? 0.295   -2.897  -15.904 1.00 39.78 ? 80  GLN A CD  1 
ATOM   169  O  OE1 . GLN A 1 21  ? 0.779   -3.971  -16.248 1.00 44.86 ? 80  GLN A OE1 1 
ATOM   170  N  NE2 . GLN A 1 21  ? 0.813   -1.733  -16.270 1.00 42.63 ? 80  GLN A NE2 1 
ATOM   171  N  N   . LYS A 1 22  ? -4.255  -6.521  -14.885 1.00 32.34 ? 81  LYS A N   1 
ATOM   172  C  CA  . LYS A 1 22  ? -4.591  -7.943  -14.782 1.00 31.48 ? 81  LYS A CA  1 
ATOM   173  C  C   . LYS A 1 22  ? -3.737  -8.655  -13.733 1.00 34.87 ? 81  LYS A C   1 
ATOM   174  O  O   . LYS A 1 22  ? -3.365  -9.822  -13.900 1.00 40.16 ? 81  LYS A O   1 
ATOM   175  C  CB  . LYS A 1 22  ? -4.453  -8.638  -16.142 1.00 39.57 ? 81  LYS A CB  1 
ATOM   176  C  CG  . LYS A 1 22  ? -5.414  -8.137  -17.221 1.00 43.01 ? 81  LYS A CG  1 
ATOM   177  C  CD  . LYS A 1 22  ? -4.662  -7.781  -18.488 1.00 43.27 ? 81  LYS A CD  1 
ATOM   178  C  CE  . LYS A 1 22  ? -5.591  -7.742  -19.699 1.00 55.12 ? 81  LYS A CE  1 
ATOM   179  N  NZ  . LYS A 1 22  ? -6.790  -6.885  -19.479 1.00 62.28 ? 81  LYS A NZ  1 
ATOM   180  N  N   . ILE A 1 23  ? -3.405  -7.954  -12.650 1.00 26.00 ? 82  ILE A N   1 
ATOM   181  C  CA  . ILE A 1 23  ? -2.604  -8.507  -11.563 1.00 30.59 ? 82  ILE A CA  1 
ATOM   182  C  C   . ILE A 1 23  ? -3.528  -8.852  -10.407 1.00 29.22 ? 82  ILE A C   1 
ATOM   183  O  O   . ILE A 1 23  ? -4.388  -8.044  -10.027 1.00 30.25 ? 82  ILE A O   1 
ATOM   184  C  CB  . ILE A 1 23  ? -1.527  -7.514  -11.101 1.00 28.18 ? 82  ILE A CB  1 
ATOM   185  C  CG1 . ILE A 1 23  ? -0.520  -7.266  -12.216 1.00 26.11 ? 82  ILE A CG1 1 
ATOM   186  C  CG2 . ILE A 1 23  ? -0.852  -8.004  -9.805  1.00 24.99 ? 82  ILE A CG2 1 
ATOM   187  C  CD1 . ILE A 1 23  ? 0.530   -6.251  -11.841 1.00 30.02 ? 82  ILE A CD1 1 
ATOM   188  N  N   . ASP A 1 24  ? -3.366  -10.049 -9.862  1.00 23.29 ? 83  ASP A N   1 
ATOM   189  C  CA  . ASP A 1 24  ? -3.960  -10.389 -8.576  1.00 31.30 ? 83  ASP A CA  1 
ATOM   190  C  C   . ASP A 1 24  ? -3.072  -9.829  -7.472  1.00 27.90 ? 83  ASP A C   1 
ATOM   191  O  O   . ASP A 1 24  ? -1.912  -10.234 -7.341  1.00 28.95 ? 83  ASP A O   1 
ATOM   192  C  CB  . ASP A 1 24  ? -4.109  -11.899 -8.421  1.00 30.99 ? 83  ASP A CB  1 
ATOM   193  C  CG  . ASP A 1 24  ? -4.601  -12.294 -7.037  1.00 32.60 ? 83  ASP A CG  1 
ATOM   194  O  OD1 . ASP A 1 24  ? -3.772  -12.413 -6.107  1.00 29.19 ? 83  ASP A OD1 1 
ATOM   195  O  OD2 . ASP A 1 24  ? -5.826  -12.470 -6.876  1.00 34.35 ? 83  ASP A OD2 1 
ATOM   196  N  N   . LEU A 1 25  ? -3.609  -8.887  -6.697  1.00 28.08 ? 84  LEU A N   1 
ATOM   197  C  CA  . LEU A 1 25  ? -2.860  -8.274  -5.604  1.00 26.96 ? 84  LEU A CA  1 
ATOM   198  C  C   . LEU A 1 25  ? -2.036  -9.288  -4.808  1.00 25.40 ? 84  LEU A C   1 
ATOM   199  O  O   . LEU A 1 25  ? -0.821  -9.129  -4.636  1.00 24.79 ? 84  LEU A O   1 
ATOM   200  C  CB  . LEU A 1 25  ? -3.830  -7.551  -4.670  1.00 24.59 ? 84  LEU A CB  1 
ATOM   201  C  CG  . LEU A 1 25  ? -3.141  -6.941  -3.453  1.00 25.56 ? 84  LEU A CG  1 
ATOM   202  C  CD1 . LEU A 1 25  ? -2.311  -5.722  -3.855  1.00 27.61 ? 84  LEU A CD1 1 
ATOM   203  C  CD2 . LEU A 1 25  ? -4.160  -6.568  -2.420  1.00 23.94 ? 84  LEU A CD2 1 
ATOM   204  N  N   . PHE A 1 26  ? -2.686  -10.343 -4.323  1.00 22.43 ? 85  PHE A N   1 
ATOM   205  C  CA  . PHE A 1 26  ? -2.051  -11.205 -3.329  1.00 25.52 ? 85  PHE A CA  1 
ATOM   206  C  C   . PHE A 1 26  ? -0.897  -11.990 -3.938  1.00 24.22 ? 85  PHE A C   1 
ATOM   207  O  O   . PHE A 1 26  ? 0.233   -11.930 -3.446  1.00 25.02 ? 85  PHE A O   1 
ATOM   208  C  CB  . PHE A 1 26  ? -3.105  -12.119 -2.713  1.00 25.23 ? 85  PHE A CB  1 
ATOM   209  C  CG  . PHE A 1 26  ? -4.273  -11.366 -2.146  1.00 25.37 ? 85  PHE A CG  1 
ATOM   210  C  CD1 . PHE A 1 26  ? -4.153  -10.671 -0.959  1.00 25.30 ? 85  PHE A CD1 1 
ATOM   211  C  CD2 . PHE A 1 26  ? -5.480  -11.321 -2.819  1.00 28.10 ? 85  PHE A CD2 1 
ATOM   212  C  CE1 . PHE A 1 26  ? -5.217  -9.963  -0.437  1.00 27.84 ? 85  PHE A CE1 1 
ATOM   213  C  CE2 . PHE A 1 26  ? -6.546  -10.605 -2.306  1.00 30.63 ? 85  PHE A CE2 1 
ATOM   214  C  CZ  . PHE A 1 26  ? -6.411  -9.925  -1.113  1.00 29.48 ? 85  PHE A CZ  1 
ATOM   215  N  N   . GLU A 1 27  ? -1.148  -12.679 -5.049  1.00 27.37 ? 86  GLU A N   1 
ATOM   216  C  CA  . GLU A 1 27  ? -0.071  -13.358 -5.761  1.00 30.45 ? 86  GLU A CA  1 
ATOM   217  C  C   . GLU A 1 27  ? 1.006   -12.383 -6.214  1.00 30.58 ? 86  GLU A C   1 
ATOM   218  O  O   . GLU A 1 27  ? 2.203   -12.681 -6.112  1.00 29.95 ? 86  GLU A O   1 
ATOM   219  C  CB  . GLU A 1 27  ? -0.634  -14.115 -6.963  1.00 37.96 ? 86  GLU A CB  1 
ATOM   220  C  CG  . GLU A 1 27  ? -1.508  -15.300 -6.582  1.00 37.34 ? 86  GLU A CG  1 
ATOM   221  C  CD  . GLU A 1 27  ? -0.840  -16.205 -5.580  1.00 45.19 ? 86  GLU A CD  1 
ATOM   222  O  OE1 . GLU A 1 27  ? -1.330  -16.265 -4.426  1.00 41.31 ? 86  GLU A OE1 1 
ATOM   223  O  OE2 . GLU A 1 27  ? 0.182   -16.845 -5.946  1.00 45.79 ? 86  GLU A OE2 1 
ATOM   224  N  N   . GLY A 1 28  ? 0.603   -11.212 -6.723  1.00 29.93 ? 87  GLY A N   1 
ATOM   225  C  CA  . GLY A 1 28  ? 1.585   -10.243 -7.192  1.00 25.27 ? 87  GLY A CA  1 
ATOM   226  C  C   . GLY A 1 28  ? 2.535   -9.776  -6.103  1.00 27.14 ? 87  GLY A C   1 
ATOM   227  O  O   . GLY A 1 28  ? 3.740   -9.640  -6.334  1.00 24.20 ? 87  GLY A O   1 
ATOM   228  N  N   . LEU A 1 29  ? 2.001   -9.501  -4.903  1.00 25.33 ? 88  LEU A N   1 
ATOM   229  C  CA  . LEU A 1 29  ? 2.849   -9.094  -3.785  1.00 26.63 ? 88  LEU A CA  1 
ATOM   230  C  C   . LEU A 1 29  ? 3.721   -10.249 -3.320  1.00 27.35 ? 88  LEU A C   1 
ATOM   231  O  O   . LEU A 1 29  ? 4.908   -10.067 -3.033  1.00 28.67 ? 88  LEU A O   1 
ATOM   232  C  CB  . LEU A 1 29  ? 1.998   -8.578  -2.619  1.00 24.27 ? 88  LEU A CB  1 
ATOM   233  C  CG  . LEU A 1 29  ? 1.291   -7.214  -2.709  1.00 20.87 ? 88  LEU A CG  1 
ATOM   234  C  CD1 . LEU A 1 29  ? 0.422   -7.035  -1.481  1.00 31.16 ? 88  LEU A CD1 1 
ATOM   235  C  CD2 . LEU A 1 29  ? 2.279   -6.074  -2.786  1.00 18.64 ? 88  LEU A CD2 1 
ATOM   236  N  N   . MET A 1 30  ? 3.139   -11.441 -3.230  1.00 25.87 ? 89  MET A N   1 
ATOM   237  C  CA  . MET A 1 30  ? 3.913   -12.608 -2.831  1.00 31.15 ? 89  MET A CA  1 
ATOM   238  C  C   . MET A 1 30  ? 5.039   -12.859 -3.821  1.00 31.01 ? 89  MET A C   1 
ATOM   239  O  O   . MET A 1 30  ? 6.187   -13.096 -3.425  1.00 30.19 ? 89  MET A O   1 
ATOM   240  C  CB  . MET A 1 30  ? 2.982   -13.819 -2.722  1.00 29.71 ? 89  MET A CB  1 
ATOM   241  C  CG  . MET A 1 30  ? 3.587   -15.051 -2.076  1.00 34.12 ? 89  MET A CG  1 
ATOM   242  S  SD  . MET A 1 30  ? 4.578   -15.987 -3.235  1.00 45.51 ? 89  MET A SD  1 
ATOM   243  C  CE  . MET A 1 30  ? 3.345   -16.584 -4.388  1.00 32.92 ? 89  MET A CE  1 
ATOM   244  N  N   . THR A 1 31  ? 4.735   -12.766 -5.118  1.00 31.83 ? 90  THR A N   1 
ATOM   245  C  CA  . THR A 1 31  ? 5.739   -13.025 -6.141  1.00 25.72 ? 90  THR A CA  1 
ATOM   246  C  C   . THR A 1 31  ? 6.817   -11.955 -6.130  1.00 28.24 ? 90  THR A C   1 
ATOM   247  O  O   . THR A 1 31  ? 8.000   -12.265 -6.283  1.00 28.98 ? 90  THR A O   1 
ATOM   248  C  CB  . THR A 1 31  ? 5.064   -13.109 -7.505  1.00 32.30 ? 90  THR A CB  1 
ATOM   249  O  OG1 . THR A 1 31  ? 3.974   -14.038 -7.427  1.00 29.94 ? 90  THR A OG1 1 
ATOM   250  C  CG2 . THR A 1 31  ? 6.048   -13.574 -8.578  1.00 35.08 ? 90  THR A CG2 1 
ATOM   251  N  N   . CYS A 1 32  ? 6.426   -10.694 -5.920  1.00 24.90 ? 91  CYS A N   1 
ATOM   252  C  CA  . CYS A 1 32  ? 7.387   -9.599  -5.836  1.00 23.86 ? 91  CYS A CA  1 
ATOM   253  C  C   . CYS A 1 32  ? 8.356   -9.789  -4.676  1.00 24.03 ? 91  CYS A C   1 
ATOM   254  O  O   . CYS A 1 32  ? 9.544   -9.466  -4.788  1.00 21.37 ? 91  CYS A O   1 
ATOM   255  C  CB  . CYS A 1 32  ? 6.635   -8.267  -5.693  1.00 28.83 ? 91  CYS A CB  1 
ATOM   256  S  SG  . CYS A 1 32  ? 7.657   -6.775  -5.465  1.00 27.15 ? 91  CYS A SG  1 
ATOM   257  N  N   . LEU A 1 33  ? 7.870   -10.300 -3.547  1.00 23.83 ? 92  LEU A N   1 
ATOM   258  C  CA  . LEU A 1 33  ? 8.687   -10.375 -2.342  1.00 24.00 ? 92  LEU A CA  1 
ATOM   259  C  C   . LEU A 1 33  ? 9.229   -11.769 -2.049  1.00 26.55 ? 92  LEU A C   1 
ATOM   260  O  O   . LEU A 1 33  ? 10.091  -11.901 -1.171  1.00 27.55 ? 92  LEU A O   1 
ATOM   261  C  CB  . LEU A 1 33  ? 7.889   -9.862  -1.129  1.00 25.68 ? 92  LEU A CB  1 
ATOM   262  C  CG  . LEU A 1 33  ? 7.502   -8.372  -1.224  1.00 24.39 ? 92  LEU A CG  1 
ATOM   263  C  CD1 . LEU A 1 33  ? 7.058   -7.837  0.116   1.00 24.27 ? 92  LEU A CD1 1 
ATOM   264  C  CD2 . LEU A 1 33  ? 8.671   -7.550  -1.742  1.00 22.34 ? 92  LEU A CD2 1 
ATOM   265  N  N   . TYR A 1 34  ? 8.739   -12.801 -2.738  1.00 25.00 ? 93  TYR A N   1 
ATOM   266  C  CA  . TYR A 1 34  ? 9.242   -14.175 -2.617  1.00 22.25 ? 93  TYR A CA  1 
ATOM   267  C  C   . TYR A 1 34  ? 8.948   -14.795 -1.258  1.00 27.68 ? 93  TYR A C   1 
ATOM   268  O  O   . TYR A 1 34  ? 9.666   -15.698 -0.815  1.00 30.71 ? 93  TYR A O   1 
ATOM   269  C  CB  . TYR A 1 34  ? 10.740  -14.252 -2.921  1.00 22.73 ? 93  TYR A CB  1 
ATOM   270  C  CG  . TYR A 1 34  ? 11.009  -13.702 -4.279  1.00 27.18 ? 93  TYR A CG  1 
ATOM   271  C  CD1 . TYR A 1 34  ? 10.396  -14.257 -5.394  1.00 25.39 ? 93  TYR A CD1 1 
ATOM   272  C  CD2 . TYR A 1 34  ? 11.813  -12.589 -4.453  1.00 27.71 ? 93  TYR A CD2 1 
ATOM   273  C  CE1 . TYR A 1 34  ? 10.590  -13.733 -6.641  1.00 23.97 ? 93  TYR A CE1 1 
ATOM   274  C  CE2 . TYR A 1 34  ? 12.017  -12.058 -5.703  1.00 22.72 ? 93  TYR A CE2 1 
ATOM   275  C  CZ  . TYR A 1 34  ? 11.408  -12.642 -6.797  1.00 28.22 ? 93  TYR A CZ  1 
ATOM   276  O  OH  . TYR A 1 34  ? 11.609  -12.126 -8.069  1.00 33.76 ? 93  TYR A OH  1 
ATOM   277  N  N   . ALA A 1 35  ? 7.880   -14.360 -0.602  1.00 22.84 ? 94  ALA A N   1 
ATOM   278  C  CA  . ALA A 1 35  ? 7.596   -14.815 0.752   1.00 22.58 ? 94  ALA A CA  1 
ATOM   279  C  C   . ALA A 1 35  ? 6.208   -14.324 1.130   1.00 30.70 ? 94  ALA A C   1 
ATOM   280  O  O   . ALA A 1 35  ? 5.620   -13.471 0.449   1.00 23.03 ? 94  ALA A O   1 
ATOM   281  C  CB  . ALA A 1 35  ? 8.640   -14.310 1.748   1.00 24.83 ? 94  ALA A CB  1 
ATOM   282  N  N   . LYS A 1 36  ? 5.688   -14.882 2.223   1.00 26.38 ? 95  LYS A N   1 
ATOM   283  C  CA  . LYS A 1 36  ? 4.376   -14.473 2.707   1.00 27.63 ? 95  LYS A CA  1 
ATOM   284  C  C   . LYS A 1 36  ? 4.332   -12.961 2.845   1.00 23.00 ? 95  LYS A C   1 
ATOM   285  O  O   . LYS A 1 36  ? 5.217   -12.353 3.458   1.00 24.49 ? 95  LYS A O   1 
ATOM   286  C  CB  . LYS A 1 36  ? 4.055   -15.134 4.053   1.00 28.41 ? 95  LYS A CB  1 
ATOM   287  C  CG  . LYS A 1 36  ? 2.655   -14.772 4.586   1.00 26.01 ? 95  LYS A CG  1 
ATOM   288  C  CD  . LYS A 1 36  ? 2.507   -15.117 6.064   1.00 30.74 ? 95  LYS A CD  1 
ATOM   289  C  CE  . LYS A 1 36  ? 1.134   -14.720 6.603   1.00 34.58 ? 95  LYS A CE  1 
ATOM   290  N  NZ  . LYS A 1 36  ? 0.083   -15.531 5.936   1.00 39.46 ? 95  LYS A NZ  1 
ATOM   291  N  N   . THR A 1 37  ? 3.317   -12.358 2.236   1.00 25.45 ? 96  THR A N   1 
ATOM   292  C  CA  . THR A 1 37  ? 3.128   -10.916 2.264   1.00 20.52 ? 96  THR A CA  1 
ATOM   293  C  C   . THR A 1 37  ? 1.718   -10.608 2.724   1.00 21.08 ? 96  THR A C   1 
ATOM   294  O  O   . THR A 1 37  ? 0.765   -11.271 2.307   1.00 24.32 ? 96  THR A O   1 
ATOM   295  C  CB  . THR A 1 37  ? 3.359   -10.302 0.896   1.00 22.68 ? 96  THR A CB  1 
ATOM   296  O  OG1 . THR A 1 37  ? 4.694   -10.591 0.481   1.00 24.10 ? 96  THR A OG1 1 
ATOM   297  C  CG2 . THR A 1 37  ? 3.180   -8.799  0.961   1.00 22.76 ? 96  THR A CG2 1 
ATOM   298  N  N   . ILE A 1 38  ? 1.586   -9.600  3.577   1.00 19.15 ? 97  ILE A N   1 
ATOM   299  C  CA  . ILE A 1 38  ? 0.283   -9.246  4.119   1.00 20.02 ? 97  ILE A CA  1 
ATOM   300  C  C   . ILE A 1 38  ? -0.092  -7.841  3.634   1.00 20.93 ? 97  ILE A C   1 
ATOM   301  O  O   . ILE A 1 38  ? 0.551   -6.850  4.009   1.00 20.40 ? 97  ILE A O   1 
ATOM   302  C  CB  . ILE A 1 38  ? 0.262   -9.332  5.653   1.00 17.87 ? 97  ILE A CB  1 
ATOM   303  C  CG1 . ILE A 1 38  ? 0.545   -10.772 6.113   1.00 19.78 ? 97  ILE A CG1 1 
ATOM   304  C  CG2 . ILE A 1 38  ? -1.099  -8.855  6.188   1.00 20.81 ? 97  ILE A CG2 1 
ATOM   305  C  CD1 . ILE A 1 38  ? 1.065   -10.900 7.548   1.00 18.04 ? 97  ILE A CD1 1 
ATOM   306  N  N   . PRO A 1 39  ? -1.122  -7.729  2.805   1.00 18.99 ? 98  PRO A N   1 
ATOM   307  C  CA  . PRO A 1 39  ? -1.594  -6.390  2.421   1.00 22.43 ? 98  PRO A CA  1 
ATOM   308  C  C   . PRO A 1 39  ? -2.364  -5.765  3.568   1.00 22.85 ? 98  PRO A C   1 
ATOM   309  O  O   . PRO A 1 39  ? -3.170  -6.419  4.230   1.00 24.85 ? 98  PRO A O   1 
ATOM   310  C  CB  . PRO A 1 39  ? -2.495  -6.666  1.209   1.00 21.70 ? 98  PRO A CB  1 
ATOM   311  C  CG  . PRO A 1 39  ? -2.992  -8.055  1.418   1.00 26.46 ? 98  PRO A CG  1 
ATOM   312  C  CD  . PRO A 1 39  ? -1.897  -8.806  2.178   1.00 20.29 ? 98  PRO A CD  1 
ATOM   313  N  N   . CYS A 1 40  ? -2.069  -4.494  3.820   1.00 20.75 ? 99  CYS A N   1 
ATOM   314  C  CA  . CYS A 1 40  ? -2.592  -3.744  4.954   1.00 23.01 ? 99  CYS A CA  1 
ATOM   315  C  C   . CYS A 1 40  ? -3.389  -2.553  4.436   1.00 25.22 ? 99  CYS A C   1 
ATOM   316  O  O   . CYS A 1 40  ? -3.044  -1.974  3.405   1.00 22.29 ? 99  CYS A O   1 
ATOM   317  C  CB  . CYS A 1 40  ? -1.440  -3.266  5.861   1.00 20.70 ? 99  CYS A CB  1 
ATOM   318  S  SG  . CYS A 1 40  ? -0.414  -4.616  6.602   1.00 22.23 ? 99  CYS A SG  1 
ATOM   319  N  N   . ILE A 1 41  ? -4.456  -2.177  5.137   1.00 24.86 ? 100 ILE A N   1 
ATOM   320  C  CA  . ILE A 1 41  ? -5.271  -1.048  4.694   1.00 28.27 ? 100 ILE A CA  1 
ATOM   321  C  C   . ILE A 1 41  ? -5.778  -0.295  5.917   1.00 23.12 ? 100 ILE A C   1 
ATOM   322  O  O   . ILE A 1 41  ? -6.436  -0.876  6.783   1.00 28.14 ? 100 ILE A O   1 
ATOM   323  C  CB  . ILE A 1 41  ? -6.435  -1.498  3.788   1.00 28.66 ? 100 ILE A CB  1 
ATOM   324  C  CG1 . ILE A 1 41  ? -7.190  -0.274  3.257   1.00 34.25 ? 100 ILE A CG1 1 
ATOM   325  C  CG2 . ILE A 1 41  ? -7.375  -2.489  4.511   1.00 24.41 ? 100 ILE A CG2 1 
ATOM   326  C  CD1 . ILE A 1 41  ? -7.830  -0.502  1.921   1.00 28.61 ? 100 ILE A CD1 1 
ATOM   327  N  N   . SER A 1 42  ? -5.441  0.988   6.010   1.00 25.23 ? 101 SER A N   1 
ATOM   328  C  CA  . SER A 1 42  ? -5.840  1.817   7.140   1.00 28.19 ? 101 SER A CA  1 
ATOM   329  C  C   . SER A 1 42  ? -7.349  2.081   7.130   1.00 28.49 ? 101 SER A C   1 
ATOM   330  O  O   . SER A 1 42  ? -8.055  1.802   6.156   1.00 30.08 ? 101 SER A O   1 
ATOM   331  C  CB  . SER A 1 42  ? -5.111  3.152   7.102   1.00 25.24 ? 101 SER A CB  1 
ATOM   332  O  OG  . SER A 1 42  ? -5.526  3.871   5.958   1.00 24.30 ? 101 SER A OG  1 
ATOM   333  N  N   . ASP A 1 43  ? -7.845  2.648   8.237   1.00 32.29 ? 102 ASP A N   1 
ATOM   334  C  CA  . ASP A 1 43  ? -9.270  2.973   8.329   1.00 29.48 ? 102 ASP A CA  1 
ATOM   335  C  C   . ASP A 1 43  ? -9.658  4.010   7.291   1.00 28.90 ? 102 ASP A C   1 
ATOM   336  O  O   . ASP A 1 43  ? -10.687 3.881   6.619   1.00 33.03 ? 102 ASP A O   1 
ATOM   337  C  CB  . ASP A 1 43  ? -9.631  3.502   9.719   1.00 28.99 ? 102 ASP A CB  1 
ATOM   338  C  CG  . ASP A 1 43  ? -9.689  2.408   10.782  1.00 35.61 ? 102 ASP A CG  1 
ATOM   339  O  OD1 . ASP A 1 43  ? -9.956  1.228   10.440  1.00 28.25 ? 102 ASP A OD1 1 
ATOM   340  O  OD2 . ASP A 1 43  ? -9.483  2.763   11.971  1.00 28.98 ? 102 ASP A OD2 1 
ATOM   341  N  N   . CYS A 1 44  ? -8.861  5.061   7.158   1.00 25.46 ? 103 CYS A N   1 
ATOM   342  C  CA  . CYS A 1 44  ? -9.305  6.133   6.281   1.00 33.11 ? 103 CYS A CA  1 
ATOM   343  C  C   . CYS A 1 44  ? -9.071  5.814   4.807   1.00 36.49 ? 103 CYS A C   1 
ATOM   344  O  O   . CYS A 1 44  ? -9.820  6.311   3.955   1.00 35.26 ? 103 CYS A O   1 
ATOM   345  C  CB  . CYS A 1 44  ? -8.638  7.446   6.677   1.00 40.59 ? 103 CYS A CB  1 
ATOM   346  S  SG  . CYS A 1 44  ? -6.889  7.311   6.827   1.00 59.66 ? 103 CYS A SG  1 
ATOM   347  N  N   . VAL A 1 45  ? -8.072  4.984   4.471   1.00 35.77 ? 104 VAL A N   1 
ATOM   348  C  CA  . VAL A 1 45  ? -8.008  4.480   3.097   1.00 31.98 ? 104 VAL A CA  1 
ATOM   349  C  C   . VAL A 1 45  ? -9.256  3.662   2.798   1.00 32.96 ? 104 VAL A C   1 
ATOM   350  O  O   . VAL A 1 45  ? -9.842  3.761   1.712   1.00 30.02 ? 104 VAL A O   1 
ATOM   351  C  CB  . VAL A 1 45  ? -6.727  3.648   2.847   1.00 28.34 ? 104 VAL A CB  1 
ATOM   352  C  CG1 . VAL A 1 45  ? -6.835  2.943   1.514   1.00 22.18 ? 104 VAL A CG1 1 
ATOM   353  C  CG2 . VAL A 1 45  ? -5.481  4.522   2.866   1.00 24.04 ? 104 VAL A CG2 1 
ATOM   354  N  N   . MET A 1 46  ? -9.693  2.852   3.770   1.00 30.56 ? 105 MET A N   1 
ATOM   355  C  CA  . MET A 1 46  ? -10.900 2.053   3.579   1.00 35.69 ? 105 MET A CA  1 
ATOM   356  C  C   . MET A 1 46  ? -12.144 2.925   3.409   1.00 38.67 ? 105 MET A C   1 
ATOM   357  O  O   . MET A 1 46  ? -13.067 2.548   2.675   1.00 33.86 ? 105 MET A O   1 
ATOM   358  C  CB  . MET A 1 46  ? -11.093 1.092   4.751   1.00 36.29 ? 105 MET A CB  1 
ATOM   359  C  CG  . MET A 1 46  ? -12.405 0.308   4.707   1.00 37.26 ? 105 MET A CG  1 
ATOM   360  S  SD  . MET A 1 46  ? -12.270 -1.305  3.897   1.00 47.26 ? 105 MET A SD  1 
ATOM   361  C  CE  . MET A 1 46  ? -12.261 -0.842  2.171   1.00 44.06 ? 105 MET A CE  1 
ATOM   362  N  N   . ALA A 1 47  ? -12.187 4.089   4.075   1.00 35.33 ? 106 ALA A N   1 
ATOM   363  C  CA  . ALA A 1 47  ? -13.354 4.961   3.981   1.00 35.50 ? 106 ALA A CA  1 
ATOM   364  C  C   . ALA A 1 47  ? -13.466 5.575   2.589   1.00 38.10 ? 106 ALA A C   1 
ATOM   365  O  O   . ALA A 1 47  ? -14.567 5.647   2.028   1.00 33.26 ? 106 ALA A O   1 
ATOM   366  C  CB  . ALA A 1 47  ? -13.286 6.045   5.058   1.00 25.33 ? 106 ALA A CB  1 
ATOM   367  N  N   . GLU A 1 48  ? -12.334 5.998   2.009   1.00 36.11 ? 107 GLU A N   1 
ATOM   368  C  CA  . GLU A 1 48  ? -12.329 6.476   0.628   1.00 37.77 ? 107 GLU A CA  1 
ATOM   369  C  C   . GLU A 1 48  ? -12.889 5.427   -0.319  1.00 36.65 ? 107 GLU A C   1 
ATOM   370  O  O   . GLU A 1 48  ? -13.674 5.751   -1.213  1.00 36.61 ? 107 GLU A O   1 
ATOM   371  C  CB  . GLU A 1 48  ? -10.916 6.867   0.196   1.00 32.83 ? 107 GLU A CB  1 
ATOM   372  C  CG  . GLU A 1 48  ? -10.230 7.807   1.145   1.00 40.25 ? 107 GLU A CG  1 
ATOM   373  C  CD  . GLU A 1 48  ? -9.853  9.120   0.496   1.00 49.08 ? 107 GLU A CD  1 
ATOM   374  O  OE1 . GLU A 1 48  ? -8.701  9.242   0.029   1.00 53.72 ? 107 GLU A OE1 1 
ATOM   375  O  OE2 . GLU A 1 48  ? -10.706 10.030  0.451   1.00 53.82 ? 107 GLU A OE2 1 
ATOM   376  N  N   . LEU A 1 49  ? -12.503 4.163   -0.139  1.00 34.60 ? 108 LEU A N   1 
ATOM   377  C  CA  . LEU A 1 49  ? -13.029 3.117   -1.011  1.00 36.48 ? 108 LEU A CA  1 
ATOM   378  C  C   . LEU A 1 49  ? -14.544 3.027   -0.893  1.00 38.86 ? 108 LEU A C   1 
ATOM   379  O  O   . LEU A 1 49  ? -15.245 2.880   -1.900  1.00 43.51 ? 108 LEU A O   1 
ATOM   380  C  CB  . LEU A 1 49  ? -12.370 1.771   -0.685  1.00 36.00 ? 108 LEU A CB  1 
ATOM   381  C  CG  . LEU A 1 49  ? -10.858 1.701   -0.918  1.00 36.35 ? 108 LEU A CG  1 
ATOM   382  C  CD1 . LEU A 1 49  ? -10.291 0.333   -0.521  1.00 36.81 ? 108 LEU A CD1 1 
ATOM   383  C  CD2 . LEU A 1 49  ? -10.525 2.013   -2.372  1.00 31.99 ? 108 LEU A CD2 1 
ATOM   384  N  N   . GLU A 1 50  ? -15.067 3.126   0.331   1.00 37.68 ? 109 GLU A N   1 
ATOM   385  C  CA  . GLU A 1 50  ? -16.509 3.256   0.523   1.00 44.97 ? 109 GLU A CA  1 
ATOM   386  C  C   . GLU A 1 50  ? -17.046 4.466   -0.219  1.00 43.58 ? 109 GLU A C   1 
ATOM   387  O  O   . GLU A 1 50  ? -18.068 4.387   -0.909  1.00 49.87 ? 109 GLU A O   1 
ATOM   388  C  CB  . GLU A 1 50  ? -16.842 3.391   2.010   1.00 40.42 ? 109 GLU A CB  1 
ATOM   389  C  CG  . GLU A 1 50  ? -16.154 2.405   2.916   1.00 47.50 ? 109 GLU A CG  1 
ATOM   390  C  CD  . GLU A 1 50  ? -17.058 1.273   3.324   1.00 55.08 ? 109 GLU A CD  1 
ATOM   391  O  OE1 . GLU A 1 50  ? -18.203 1.227   2.815   1.00 54.88 ? 109 GLU A OE1 1 
ATOM   392  O  OE2 . GLU A 1 50  ? -16.622 0.437   4.154   1.00 56.90 ? 109 GLU A OE2 1 
ATOM   393  N  N   . LYS A 1 51  ? -16.356 5.598   -0.093  1.00 42.54 ? 110 LYS A N   1 
ATOM   394  C  CA  . LYS A 1 51  ? -16.903 6.875   -0.545  1.00 42.89 ? 110 LYS A CA  1 
ATOM   395  C  C   . LYS A 1 51  ? -16.906 6.985   -2.072  1.00 44.80 ? 110 LYS A C   1 
ATOM   396  O  O   . LYS A 1 51  ? -17.942 7.284   -2.677  1.00 47.81 ? 110 LYS A O   1 
ATOM   397  C  CB  . LYS A 1 51  ? -16.106 8.019   0.087   1.00 42.69 ? 110 LYS A CB  1 
ATOM   398  C  CG  . LYS A 1 51  ? -16.955 9.181   0.563   1.00 47.93 ? 110 LYS A CG  1 
ATOM   399  C  CD  . LYS A 1 51  ? -16.450 10.512  0.022   1.00 56.87 ? 110 LYS A CD  1 
ATOM   400  C  CE  . LYS A 1 51  ? -17.607 11.480  -0.175  1.00 50.05 ? 110 LYS A CE  1 
ATOM   401  N  NZ  . LYS A 1 51  ? -18.523 11.487  1.016   1.00 51.98 ? 110 LYS A NZ  1 
ATOM   402  N  N   . LEU A 1 52  ? -15.757 6.732   -2.715  1.00 45.77 ? 111 LEU A N   1 
ATOM   403  C  CA  . LEU A 1 52  ? -15.556 6.995   -4.139  1.00 43.54 ? 111 LEU A CA  1 
ATOM   404  C  C   . LEU A 1 52  ? -16.416 6.121   -5.045  1.00 41.40 ? 111 LEU A C   1 
ATOM   405  O  O   . LEU A 1 52  ? -16.400 6.316   -6.263  1.00 46.07 ? 111 LEU A O   1 
ATOM   406  C  CB  . LEU A 1 52  ? -14.077 6.812   -4.491  1.00 43.17 ? 111 LEU A CB  1 
ATOM   407  C  CG  . LEU A 1 52  ? -13.045 7.669   -3.740  1.00 42.05 ? 111 LEU A CG  1 
ATOM   408  C  CD1 . LEU A 1 52  ? -11.634 7.107   -3.923  1.00 41.37 ? 111 LEU A CD1 1 
ATOM   409  C  CD2 . LEU A 1 52  ? -13.101 9.126   -4.182  1.00 36.62 ? 111 LEU A CD2 1 
ATOM   410  N  N   . GLY A 1 53  ? -17.140 5.156   -4.498  1.00 44.35 ? 112 GLY A N   1 
ATOM   411  C  CA  . GLY A 1 53  ? -18.152 4.462   -5.266  1.00 46.41 ? 112 GLY A CA  1 
ATOM   412  C  C   . GLY A 1 53  ? -17.715 3.634   -6.460  1.00 50.22 ? 112 GLY A C   1 
ATOM   413  O  O   . GLY A 1 53  ? -16.849 2.756   -6.355  1.00 47.59 ? 112 GLY A O   1 
ATOM   414  N  N   . ILE A 1 54  ? -18.299 3.948   -7.618  1.00 50.05 ? 113 ILE A N   1 
ATOM   415  C  CA  . ILE A 1 54  ? -18.521 2.940   -8.653  1.00 43.25 ? 113 ILE A CA  1 
ATOM   416  C  C   . ILE A 1 54  ? -17.207 2.335   -9.126  1.00 46.97 ? 113 ILE A C   1 
ATOM   417  O  O   . ILE A 1 54  ? -17.066 1.109   -9.213  1.00 47.89 ? 113 ILE A O   1 
ATOM   418  C  CB  . ILE A 1 54  ? -19.328 3.537   -9.818  1.00 48.75 ? 113 ILE A CB  1 
ATOM   419  C  CG1 . ILE A 1 54  ? -19.564 2.468   -10.880 1.00 51.18 ? 113 ILE A CG1 1 
ATOM   420  C  CG2 . ILE A 1 54  ? -18.647 4.781   -10.389 1.00 47.34 ? 113 ILE A CG2 1 
ATOM   421  C  CD1 . ILE A 1 54  ? -20.273 1.244   -10.328 1.00 50.27 ? 113 ILE A CD1 1 
ATOM   422  N  N   . ARG A 1 55  ? -16.225 3.175   -9.439  1.00 41.89 ? 114 ARG A N   1 
ATOM   423  C  CA  . ARG A 1 55  ? -14.982 2.645   -9.973  1.00 43.70 ? 114 ARG A CA  1 
ATOM   424  C  C   . ARG A 1 55  ? -14.059 2.092   -8.890  1.00 46.05 ? 114 ARG A C   1 
ATOM   425  O  O   . ARG A 1 55  ? -12.983 1.579   -9.213  1.00 39.93 ? 114 ARG A O   1 
ATOM   426  C  CB  . ARG A 1 55  ? -14.277 3.715   -10.802 1.00 40.83 ? 114 ARG A CB  1 
ATOM   427  C  CG  . ARG A 1 55  ? -14.496 3.527   -12.303 1.00 47.96 ? 114 ARG A CG  1 
ATOM   428  C  CD  . ARG A 1 55  ? -14.409 4.837   -13.059 1.00 37.84 ? 114 ARG A CD  1 
ATOM   429  N  NE  . ARG A 1 55  ? -13.230 5.610   -12.677 1.00 41.41 ? 114 ARG A NE  1 
ATOM   430  C  CZ  . ARG A 1 55  ? -12.014 5.424   -13.179 1.00 43.02 ? 114 ARG A CZ  1 
ATOM   431  N  NH1 . ARG A 1 55  ? -11.794 4.473   -14.083 1.00 41.84 ? 114 ARG A NH1 1 
ATOM   432  N  NH2 . ARG A 1 55  ? -11.006 6.182   -12.771 1.00 45.21 ? 114 ARG A NH2 1 
ATOM   433  N  N   . TYR A 1 56  ? -14.453 2.171   -7.624  1.00 42.93 ? 115 TYR A N   1 
ATOM   434  C  CA  . TYR A 1 56  ? -13.718 1.535   -6.547  1.00 39.76 ? 115 TYR A CA  1 
ATOM   435  C  C   . TYR A 1 56  ? -14.520 0.414   -5.907  1.00 42.77 ? 115 TYR A C   1 
ATOM   436  O  O   . TYR A 1 56  ? -14.149 -0.071  -4.832  1.00 38.32 ? 115 TYR A O   1 
ATOM   437  C  CB  . TYR A 1 56  ? -13.317 2.571   -5.504  1.00 35.40 ? 115 TYR A CB  1 
ATOM   438  C  CG  . TYR A 1 56  ? -12.333 3.590   -6.012  1.00 38.82 ? 115 TYR A CG  1 
ATOM   439  C  CD1 . TYR A 1 56  ? -12.750 4.628   -6.837  1.00 42.97 ? 115 TYR A CD1 1 
ATOM   440  C  CD2 . TYR A 1 56  ? -10.987 3.526   -5.662  1.00 36.18 ? 115 TYR A CD2 1 
ATOM   441  C  CE1 . TYR A 1 56  ? -11.861 5.580   -7.302  1.00 39.68 ? 115 TYR A CE1 1 
ATOM   442  C  CE2 . TYR A 1 56  ? -10.080 4.479   -6.119  1.00 33.94 ? 115 TYR A CE2 1 
ATOM   443  C  CZ  . TYR A 1 56  ? -10.532 5.511   -6.935  1.00 37.49 ? 115 TYR A CZ  1 
ATOM   444  O  OH  . TYR A 1 56  ? -9.669  6.468   -7.409  1.00 33.66 ? 115 TYR A OH  1 
ATOM   445  N  N   . ARG A 1 57  ? -15.613 -0.002  -6.547  1.00 40.82 ? 116 ARG A N   1 
ATOM   446  C  CA  . ARG A 1 57  ? -16.427 -1.087  -6.020  1.00 43.16 ? 116 ARG A CA  1 
ATOM   447  C  C   . ARG A 1 57  ? -15.605 -2.358  -5.870  1.00 41.02 ? 116 ARG A C   1 
ATOM   448  O  O   . ARG A 1 57  ? -15.565 -2.960  -4.792  1.00 43.15 ? 116 ARG A O   1 
ATOM   449  C  CB  . ARG A 1 57  ? -17.628 -1.320  -6.938  1.00 48.45 ? 116 ARG A CB  1 
ATOM   450  C  CG  . ARG A 1 57  ? -18.244 -2.704  -6.834  1.00 55.45 ? 116 ARG A CG  1 
ATOM   451  C  CD  . ARG A 1 57  ? -19.432 -2.890  -7.790  1.00 61.67 ? 116 ARG A CD  1 
ATOM   452  N  NE  . ARG A 1 57  ? -19.054 -2.820  -9.204  1.00 64.48 ? 116 ARG A NE  1 
ATOM   453  C  CZ  . ARG A 1 57  ? -18.788 -3.873  -9.976  1.00 61.58 ? 116 ARG A CZ  1 
ATOM   454  N  NH1 . ARG A 1 57  ? -18.855 -5.104  -9.486  1.00 60.88 ? 116 ARG A NH1 1 
ATOM   455  N  NH2 . ARG A 1 57  ? -18.459 -3.695  -11.251 1.00 64.07 ? 116 ARG A NH2 1 
ATOM   456  N  N   . ILE A 1 58  ? -14.921 -2.769  -6.943  1.00 40.73 ? 117 ILE A N   1 
ATOM   457  C  CA  . ILE A 1 58  ? -14.131 -3.997  -6.907  1.00 38.69 ? 117 ILE A CA  1 
ATOM   458  C  C   . ILE A 1 58  ? -12.934 -3.854  -5.979  1.00 39.51 ? 117 ILE A C   1 
ATOM   459  O  O   . ILE A 1 58  ? -12.502 -4.831  -5.356  1.00 41.86 ? 117 ILE A O   1 
ATOM   460  C  CB  . ILE A 1 58  ? -13.692 -4.391  -8.328  1.00 39.20 ? 117 ILE A CB  1 
ATOM   461  C  CG1 . ILE A 1 58  ? -14.905 -4.753  -9.181  1.00 42.54 ? 117 ILE A CG1 1 
ATOM   462  C  CG2 . ILE A 1 58  ? -12.724 -5.561  -8.281  1.00 40.49 ? 117 ILE A CG2 1 
ATOM   463  C  CD1 . ILE A 1 58  ? -14.544 -5.236  -10.569 1.00 45.22 ? 117 ILE A CD1 1 
ATOM   464  N  N   . ALA A 1 59  ? -12.378 -2.646  -5.861  1.00 39.68 ? 118 ALA A N   1 
ATOM   465  C  CA  . ALA A 1 59  ? -11.332 -2.412  -4.870  1.00 38.93 ? 118 ALA A CA  1 
ATOM   466  C  C   . ALA A 1 59  ? -11.857 -2.639  -3.456  1.00 36.99 ? 118 ALA A C   1 
ATOM   467  O  O   . ALA A 1 59  ? -11.194 -3.283  -2.633  1.00 41.31 ? 118 ALA A O   1 
ATOM   468  C  CB  . ALA A 1 59  ? -10.769 -1.000  -5.015  1.00 35.94 ? 118 ALA A CB  1 
ATOM   469  N  N   . LEU A 1 60  ? -13.062 -2.136  -3.166  1.00 35.78 ? 119 LEU A N   1 
ATOM   470  C  CA  . LEU A 1 60  ? -13.634 -2.269  -1.826  1.00 38.17 ? 119 LEU A CA  1 
ATOM   471  C  C   . LEU A 1 60  ? -13.744 -3.731  -1.420  1.00 39.31 ? 119 LEU A C   1 
ATOM   472  O  O   . LEU A 1 60  ? -13.296 -4.127  -0.338  1.00 33.15 ? 119 LEU A O   1 
ATOM   473  C  CB  . LEU A 1 60  ? -15.013 -1.609  -1.772  1.00 40.59 ? 119 LEU A CB  1 
ATOM   474  C  CG  . LEU A 1 60  ? -15.730 -1.580  -0.416  1.00 41.86 ? 119 LEU A CG  1 
ATOM   475  C  CD1 . LEU A 1 60  ? -15.217 -0.438  0.422   1.00 42.67 ? 119 LEU A CD1 1 
ATOM   476  C  CD2 . LEU A 1 60  ? -17.230 -1.455  -0.610  1.00 40.77 ? 119 LEU A CD2 1 
ATOM   477  N  N   . ARG A 1 61  ? -14.351 -4.544  -2.285  1.00 42.19 ? 120 ARG A N   1 
ATOM   478  C  CA  . ARG A 1 61  ? -14.482 -5.965  -2.004  1.00 42.83 ? 120 ARG A CA  1 
ATOM   479  C  C   . ARG A 1 61  ? -13.119 -6.598  -1.752  1.00 41.97 ? 120 ARG A C   1 
ATOM   480  O  O   . ARG A 1 61  ? -12.910 -7.253  -0.725  1.00 43.17 ? 120 ARG A O   1 
ATOM   481  C  CB  . ARG A 1 61  ? -15.199 -6.659  -3.162  1.00 46.76 ? 120 ARG A CB  1 
ATOM   482  C  CG  . ARG A 1 61  ? -16.631 -7.049  -2.826  1.00 57.30 ? 120 ARG A CG  1 
ATOM   483  C  CD  . ARG A 1 61  ? -17.621 -6.422  -3.797  1.00 62.11 ? 120 ARG A CD  1 
ATOM   484  N  NE  . ARG A 1 61  ? -17.494 -6.973  -5.145  1.00 59.31 ? 120 ARG A NE  1 
ATOM   485  C  CZ  . ARG A 1 61  ? -18.343 -6.720  -6.138  1.00 64.33 ? 120 ARG A CZ  1 
ATOM   486  N  NH1 . ARG A 1 61  ? -19.389 -5.924  -5.934  1.00 67.07 ? 120 ARG A NH1 1 
ATOM   487  N  NH2 . ARG A 1 61  ? -18.151 -7.265  -7.331  1.00 62.92 ? 120 ARG A NH2 1 
ATOM   488  N  N   . ILE A 1 62  ? -12.173 -6.395  -2.676  1.00 42.69 ? 121 ILE A N   1 
ATOM   489  C  CA  . ILE A 1 62  ? -10.833 -6.953  -2.516  1.00 35.25 ? 121 ILE A CA  1 
ATOM   490  C  C   . ILE A 1 62  ? -10.237 -6.543  -1.176  1.00 33.36 ? 121 ILE A C   1 
ATOM   491  O  O   . ILE A 1 62  ? -9.555  -7.335  -0.516  1.00 34.11 ? 121 ILE A O   1 
ATOM   492  C  CB  . ILE A 1 62  ? -9.926  -6.528  -3.687  1.00 33.56 ? 121 ILE A CB  1 
ATOM   493  C  CG1 . ILE A 1 62  ? -10.361 -7.204  -4.991  1.00 37.37 ? 121 ILE A CG1 1 
ATOM   494  C  CG2 . ILE A 1 62  ? -8.475  -6.854  -3.371  1.00 32.04 ? 121 ILE A CG2 1 
ATOM   495  C  CD1 . ILE A 1 62  ? -10.210 -8.716  -4.979  1.00 32.89 ? 121 ILE A CD1 1 
ATOM   496  N  N   . ALA A 1 63  ? -10.494 -5.305  -0.744  1.00 32.72 ? 122 ALA A N   1 
ATOM   497  C  CA  . ALA A 1 63  ? -9.935  -4.823  0.513   1.00 32.17 ? 122 ALA A CA  1 
ATOM   498  C  C   . ALA A 1 63  ? -10.556 -5.496  1.725   1.00 34.25 ? 122 ALA A C   1 
ATOM   499  O  O   . ALA A 1 63  ? -9.991  -5.410  2.819   1.00 28.53 ? 122 ALA A O   1 
ATOM   500  C  CB  . ALA A 1 63  ? -10.110 -3.309  0.638   1.00 30.62 ? 122 ALA A CB  1 
ATOM   501  N  N   . LYS A 1 64  ? -11.700 -6.155  1.558   1.00 33.97 ? 123 LYS A N   1 
ATOM   502  C  CA  . LYS A 1 64  ? -12.368 -6.835  2.653   1.00 37.25 ? 123 LYS A CA  1 
ATOM   503  C  C   . LYS A 1 64  ? -12.020 -8.311  2.732   1.00 33.62 ? 123 LYS A C   1 
ATOM   504  O  O   . LYS A 1 64  ? -12.590 -9.016  3.568   1.00 38.16 ? 123 LYS A O   1 
ATOM   505  C  CB  . LYS A 1 64  ? -13.879 -6.664  2.526   1.00 35.98 ? 123 LYS A CB  1 
ATOM   506  C  CG  . LYS A 1 64  ? -14.332 -5.250  2.818   1.00 39.73 ? 123 LYS A CG  1 
ATOM   507  C  CD  . LYS A 1 64  ? -15.762 -5.032  2.379   1.00 38.58 ? 123 LYS A CD  1 
ATOM   508  C  CE  . LYS A 1 64  ? -16.368 -3.896  3.159   1.00 50.05 ? 123 LYS A CE  1 
ATOM   509  N  NZ  . LYS A 1 64  ? -15.462 -2.708  3.184   1.00 53.69 ? 123 LYS A NZ  1 
ATOM   510  N  N   . ASP A 1 65  ? -11.104 -8.781  1.885   1.00 30.38 ? 124 ASP A N   1 
ATOM   511  C  CA  . ASP A 1 65  ? -10.660 -10.173 1.906   1.00 33.88 ? 124 ASP A CA  1 
ATOM   512  C  C   . ASP A 1 65  ? -10.039 -10.516 3.260   1.00 32.08 ? 124 ASP A C   1 
ATOM   513  O  O   . ASP A 1 65  ? -9.471  -9.657  3.942   1.00 32.36 ? 124 ASP A O   1 
ATOM   514  C  CB  . ASP A 1 65  ? -9.663  -10.413 0.751   1.00 26.95 ? 124 ASP A CB  1 
ATOM   515  C  CG  . ASP A 1 65  ? -9.125  -11.847 0.685   1.00 34.91 ? 124 ASP A CG  1 
ATOM   516  O  OD1 . ASP A 1 65  ? -8.560  -12.340 1.691   1.00 41.05 ? 124 ASP A OD1 1 
ATOM   517  O  OD2 . ASP A 1 65  ? -9.231  -12.486 -0.393  1.00 26.74 ? 124 ASP A OD2 1 
ATOM   518  N  N   . GLU A 1 66  ? -10.169 -11.793 3.648   1.00 33.53 ? 125 GLU A N   1 
ATOM   519  C  CA  . GLU A 1 66  ? -9.596  -12.290 4.901   1.00 40.95 ? 125 GLU A CA  1 
ATOM   520  C  C   . GLU A 1 66  ? -8.144  -11.872 5.058   1.00 39.87 ? 125 GLU A C   1 
ATOM   521  O  O   . GLU A 1 66  ? -7.725  -11.418 6.130   1.00 40.16 ? 125 GLU A O   1 
ATOM   522  C  CB  . GLU A 1 66  ? -9.684  -13.823 4.960   1.00 44.37 ? 125 GLU A CB  1 
ATOM   523  C  CG  . GLU A 1 66  ? -9.437  -14.432 6.366   1.00 59.13 ? 125 GLU A CG  1 
ATOM   524  C  CD  . GLU A 1 66  ? -7.956  -14.703 6.751   1.00 56.19 ? 125 GLU A CD  1 
ATOM   525  O  OE1 . GLU A 1 66  ? -7.417  -15.761 6.368   1.00 58.59 ? 125 GLU A OE1 1 
ATOM   526  O  OE2 . GLU A 1 66  ? -7.333  -13.884 7.464   1.00 53.71 ? 125 GLU A OE2 1 
ATOM   527  N  N   . ARG A 1 67  ? -7.356  -12.040 3.996   1.00 31.19 ? 126 ARG A N   1 
ATOM   528  C  CA  . ARG A 1 67  ? -5.913  -11.884 4.098   1.00 33.22 ? 126 ARG A CA  1 
ATOM   529  C  C   . ARG A 1 67  ? -5.486  -10.452 4.372   1.00 28.95 ? 126 ARG A C   1 
ATOM   530  O  O   . ARG A 1 67  ? -4.331  -10.232 4.755   1.00 27.47 ? 126 ARG A O   1 
ATOM   531  C  CB  . ARG A 1 67  ? -5.250  -12.397 2.819   1.00 28.07 ? 126 ARG A CB  1 
ATOM   532  C  CG  . ARG A 1 67  ? -5.242  -13.908 2.723   1.00 29.91 ? 126 ARG A CG  1 
ATOM   533  C  CD  . ARG A 1 67  ? -5.061  -14.364 1.304   1.00 30.89 ? 126 ARG A CD  1 
ATOM   534  N  NE  . ARG A 1 67  ? -6.150  -13.885 0.455   1.00 34.48 ? 126 ARG A NE  1 
ATOM   535  C  CZ  . ARG A 1 67  ? -6.275  -14.176 -0.832  1.00 26.58 ? 126 ARG A CZ  1 
ATOM   536  N  NH1 . ARG A 1 67  ? -5.378  -14.945 -1.418  1.00 25.68 ? 126 ARG A NH1 1 
ATOM   537  N  NH2 . ARG A 1 67  ? -7.299  -13.700 -1.526  1.00 32.28 ? 126 ARG A NH2 1 
ATOM   538  N  N   . PHE A 1 68  ? -6.367  -9.478  4.176   1.00 25.83 ? 127 PHE A N   1 
ATOM   539  C  CA  . PHE A 1 68  ? -6.047  -8.113  4.565   1.00 25.28 ? 127 PHE A CA  1 
ATOM   540  C  C   . PHE A 1 68  ? -6.002  -7.983  6.086   1.00 31.02 ? 127 PHE A C   1 
ATOM   541  O  O   . PHE A 1 68  ? -6.867  -8.505  6.794   1.00 29.81 ? 127 PHE A O   1 
ATOM   542  C  CB  . PHE A 1 68  ? -7.080  -7.138  3.997   1.00 26.52 ? 127 PHE A CB  1 
ATOM   543  C  CG  . PHE A 1 68  ? -6.653  -6.475  2.726   1.00 24.01 ? 127 PHE A CG  1 
ATOM   544  C  CD1 . PHE A 1 68  ? -5.869  -5.336  2.765   1.00 24.40 ? 127 PHE A CD1 1 
ATOM   545  C  CD2 . PHE A 1 68  ? -7.031  -6.985  1.498   1.00 26.16 ? 127 PHE A CD2 1 
ATOM   546  C  CE1 . PHE A 1 68  ? -5.470  -4.711  1.606   1.00 24.61 ? 127 PHE A CE1 1 
ATOM   547  C  CE2 . PHE A 1 68  ? -6.628  -6.361  0.315   1.00 26.90 ? 127 PHE A CE2 1 
ATOM   548  C  CZ  . PHE A 1 68  ? -5.847  -5.225  0.378   1.00 24.63 ? 127 PHE A CZ  1 
ATOM   549  N  N   . GLU A 1 69  ? -4.991  -7.270  6.579   1.00 25.33 ? 128 GLU A N   1 
ATOM   550  C  CA  . GLU A 1 69  ? -4.929  -6.823  7.962   1.00 25.77 ? 128 GLU A CA  1 
ATOM   551  C  C   . GLU A 1 69  ? -5.369  -5.365  8.024   1.00 27.88 ? 128 GLU A C   1 
ATOM   552  O  O   . GLU A 1 69  ? -4.782  -4.513  7.354   1.00 25.27 ? 128 GLU A O   1 
ATOM   553  C  CB  . GLU A 1 69  ? -3.515  -6.974  8.512   1.00 22.51 ? 128 GLU A CB  1 
ATOM   554  C  CG  . GLU A 1 69  ? -3.165  -6.081  9.695   1.00 20.92 ? 128 GLU A CG  1 
ATOM   555  C  CD  . GLU A 1 69  ? -1.812  -6.436  10.223  1.00 20.57 ? 128 GLU A CD  1 
ATOM   556  O  OE1 . GLU A 1 69  ? -1.551  -7.666  10.224  1.00 24.31 ? 128 GLU A OE1 1 
ATOM   557  O  OE2 . GLU A 1 69  ? -1.016  -5.525  10.588  1.00 20.20 ? 128 GLU A OE2 1 
ATOM   558  N  N   . ARG A 1 70  ? -6.382  -5.075  8.837   1.00 29.28 ? 129 ARG A N   1 
ATOM   559  C  CA  . ARG A 1 70  ? -6.850  -3.703  8.990   1.00 26.58 ? 129 ARG A CA  1 
ATOM   560  C  C   . ARG A 1 70  ? -6.027  -2.964  10.040  1.00 25.33 ? 129 ARG A C   1 
ATOM   561  O  O   . ARG A 1 70  ? -5.783  -3.485  11.128  1.00 28.06 ? 129 ARG A O   1 
ATOM   562  C  CB  . ARG A 1 70  ? -8.315  -3.679  9.388   1.00 27.67 ? 129 ARG A CB  1 
ATOM   563  C  CG  . ARG A 1 70  ? -8.822  -2.268  9.552   1.00 35.79 ? 129 ARG A CG  1 
ATOM   564  C  CD  . ARG A 1 70  ? -9.263  -1.714  8.210   1.00 39.40 ? 129 ARG A CD  1 
ATOM   565  N  NE  . ARG A 1 70  ? -10.601 -2.206  7.907   1.00 44.18 ? 129 ARG A NE  1 
ATOM   566  C  CZ  . ARG A 1 70  ? -11.711 -1.599  8.306   1.00 41.69 ? 129 ARG A CZ  1 
ATOM   567  N  NH1 . ARG A 1 70  ? -11.628 -0.473  9.015   1.00 44.50 ? 129 ARG A NH1 1 
ATOM   568  N  NH2 . ARG A 1 70  ? -12.897 -2.112  8.000   1.00 39.10 ? 129 ARG A NH2 1 
ATOM   569  N  N   . LEU A 1 71  ? -5.599  -1.753  9.713   1.00 23.81 ? 130 LEU A N   1 
ATOM   570  C  CA  . LEU A 1 71  ? -4.798  -0.947  10.625  1.00 23.76 ? 130 LEU A CA  1 
ATOM   571  C  C   . LEU A 1 71  ? -5.664  0.177   11.176  1.00 29.16 ? 130 LEU A C   1 
ATOM   572  O  O   . LEU A 1 71  ? -6.053  1.080   10.413  1.00 31.50 ? 130 LEU A O   1 
ATOM   573  C  CB  . LEU A 1 71  ? -3.575  -0.368  9.915   1.00 24.50 ? 130 LEU A CB  1 
ATOM   574  C  CG  . LEU A 1 71  ? -2.871  -1.238  8.866   1.00 27.19 ? 130 LEU A CG  1 
ATOM   575  C  CD1 . LEU A 1 71  ? -1.797  -0.426  8.201   1.00 22.59 ? 130 LEU A CD1 1 
ATOM   576  C  CD2 . LEU A 1 71  ? -2.276  -2.476  9.532   1.00 26.67 ? 130 LEU A CD2 1 
ATOM   577  N  N   . PRO A 1 72  ? -5.982  0.181   12.468  1.00 25.77 ? 131 PRO A N   1 
ATOM   578  C  CA  . PRO A 1 72  ? -6.807  1.265   13.027  1.00 26.33 ? 131 PRO A CA  1 
ATOM   579  C  C   . PRO A 1 72  ? -6.075  2.593   12.989  1.00 30.36 ? 131 PRO A C   1 
ATOM   580  O  O   . PRO A 1 72  ? -4.850  2.651   13.095  1.00 31.14 ? 131 PRO A O   1 
ATOM   581  C  CB  . PRO A 1 72  ? -7.054  0.830   14.475  1.00 26.59 ? 131 PRO A CB  1 
ATOM   582  C  CG  . PRO A 1 72  ? -6.539  -0.628  14.565  1.00 28.47 ? 131 PRO A CG  1 
ATOM   583  C  CD  . PRO A 1 72  ? -5.523  -0.778  13.491  1.00 24.85 ? 131 PRO A CD  1 
ATOM   584  N  N   . CYS A 1 73  ? -6.839  3.673   12.846  1.00 26.34 ? 132 CYS A N   1 
ATOM   585  C  CA  . CYS A 1 73  ? -6.255  5.001   12.750  1.00 35.52 ? 132 CYS A CA  1 
ATOM   586  C  C   . CYS A 1 73  ? -6.398  5.710   14.089  1.00 37.69 ? 132 CYS A C   1 
ATOM   587  O  O   . CYS A 1 73  ? -7.515  5.939   14.572  1.00 39.15 ? 132 CYS A O   1 
ATOM   588  C  CB  . CYS A 1 73  ? -6.896  5.807   11.620  1.00 38.57 ? 132 CYS A CB  1 
ATOM   589  S  SG  . CYS A 1 73  ? -6.537  5.125   9.975   1.00 33.65 ? 132 CYS A SG  1 
ATOM   590  N  N   . THR A 1 74  ? -5.270  6.047   14.684  1.00 41.86 ? 133 THR A N   1 
ATOM   591  C  CA  . THR A 1 74  ? -5.257  6.766   15.946  1.00 48.28 ? 133 THR A CA  1 
ATOM   592  C  C   . THR A 1 74  ? -5.412  8.273   15.737  1.00 50.99 ? 133 THR A C   1 
ATOM   593  O  O   . THR A 1 74  ? -5.142  9.069   16.645  1.00 53.32 ? 133 THR A O   1 
ATOM   594  C  CB  . THR A 1 74  ? -3.966  6.418   16.699  1.00 46.90 ? 133 THR A CB  1 
ATOM   595  O  OG1 . THR A 1 74  ? -3.912  7.111   17.949  1.00 41.97 ? 133 THR A OG1 1 
ATOM   596  C  CG2 . THR A 1 74  ? -2.730  6.737   15.831  1.00 53.59 ? 133 THR A CG2 1 
ATOM   597  N  N   . HIS A 1 75  ? -5.850  8.672   14.552  1.00 49.23 ? 134 HIS A N   1 
ATOM   598  C  CA  . HIS A 1 75  ? -6.009  10.070  14.213  1.00 48.64 ? 134 HIS A CA  1 
ATOM   599  C  C   . HIS A 1 75  ? -7.443  10.341  13.786  1.00 48.56 ? 134 HIS A C   1 
ATOM   600  O  O   . HIS A 1 75  ? -8.200  9.430   13.435  1.00 49.55 ? 134 HIS A O   1 
ATOM   601  C  CB  . HIS A 1 75  ? -5.029  10.491  13.103  1.00 47.76 ? 134 HIS A CB  1 
ATOM   602  C  CG  . HIS A 1 75  ? -5.163  9.711   11.830  1.00 48.13 ? 134 HIS A CG  1 
ATOM   603  N  ND1 . HIS A 1 75  ? -6.111  10.004  10.868  1.00 48.60 ? 134 HIS A ND1 1 
ATOM   604  C  CD2 . HIS A 1 75  ? -4.444  8.671   11.343  1.00 48.86 ? 134 HIS A CD2 1 
ATOM   605  C  CE1 . HIS A 1 75  ? -5.982  9.165   9.854   1.00 49.23 ? 134 HIS A CE1 1 
ATOM   606  N  NE2 . HIS A 1 75  ? -4.971  8.352   10.114  1.00 46.72 ? 134 HIS A NE2 1 
ATOM   607  N  N   . LYS A 1 76  ? -7.803  11.618  13.858  1.00 50.26 ? 135 LYS A N   1 
ATOM   608  C  CA  . LYS A 1 76  ? -9.035  12.188  13.326  1.00 50.29 ? 135 LYS A CA  1 
ATOM   609  C  C   . LYS A 1 76  ? -9.331  11.679  11.917  1.00 51.89 ? 135 LYS A C   1 
ATOM   610  O  O   . LYS A 1 76  ? -8.426  11.209  11.222  1.00 49.36 ? 135 LYS A O   1 
ATOM   611  C  CB  . LYS A 1 76  ? -8.911  13.715  13.343  1.00 55.67 ? 135 LYS A CB  1 
ATOM   612  C  CG  . LYS A 1 76  ? -7.808  14.253  14.292  1.00 56.32 ? 135 LYS A CG  1 
ATOM   613  C  CD  . LYS A 1 76  ? -6.392  14.229  13.660  1.00 54.76 ? 135 LYS A CD  1 
ATOM   614  C  CE  . LYS A 1 76  ? -5.333  14.887  14.550  1.00 55.25 ? 135 LYS A CE  1 
ATOM   615  N  NZ  . LYS A 1 76  ? -4.886  14.027  15.684  1.00 54.53 ? 135 LYS A NZ  1 
ATOM   616  N  N   . GLY A 1 77  ? -10.588 11.745  11.483  1.00 51.31 ? 136 GLY A N   1 
ATOM   617  C  CA  . GLY A 1 77  ? -10.949 11.181  10.192  1.00 46.21 ? 136 GLY A CA  1 
ATOM   618  C  C   . GLY A 1 77  ? -10.390 11.981  9.031   1.00 60.31 ? 136 GLY A C   1 
ATOM   619  O  O   . GLY A 1 77  ? -11.051 12.901  8.529   1.00 65.40 ? 136 GLY A O   1 
ATOM   620  N  N   . THR A 1 78  ? -9.181  11.636  8.573   1.00 56.42 ? 137 THR A N   1 
ATOM   621  C  CA  . THR A 1 78  ? -8.473  12.505  7.640   1.00 52.82 ? 137 THR A CA  1 
ATOM   622  C  C   . THR A 1 78  ? -7.999  11.832  6.361   1.00 50.52 ? 137 THR A C   1 
ATOM   623  O  O   . THR A 1 78  ? -8.741  11.102  5.695   1.00 50.21 ? 137 THR A O   1 
ATOM   624  C  CB  . THR A 1 78  ? -7.224  13.136  8.286   1.00 57.57 ? 137 THR A CB  1 
ATOM   625  O  OG1 . THR A 1 78  ? -6.106  12.242  8.165   1.00 58.98 ? 137 THR A OG1 1 
ATOM   626  C  CG2 . THR A 1 78  ? -7.437  13.473  9.747   1.00 54.67 ? 137 THR A CG2 1 
ATOM   627  N  N   . TYR A 1 79  ? -6.706  12.017  6.109   1.00 48.72 ? 138 TYR A N   1 
ATOM   628  C  CA  . TYR A 1 79  ? -6.102  12.255  4.806   1.00 50.14 ? 138 TYR A CA  1 
ATOM   629  C  C   . TYR A 1 79  ? -5.222  11.069  4.430   1.00 51.69 ? 138 TYR A C   1 
ATOM   630  O  O   . TYR A 1 79  ? -4.168  10.867  5.041   1.00 52.46 ? 138 TYR A O   1 
ATOM   631  C  CB  . TYR A 1 79  ? -5.288  13.541  4.922   1.00 51.68 ? 138 TYR A CB  1 
ATOM   632  C  CG  . TYR A 1 79  ? -4.456  13.968  3.746   1.00 54.11 ? 138 TYR A CG  1 
ATOM   633  C  CD1 . TYR A 1 79  ? -4.497  13.298  2.529   1.00 55.17 ? 138 TYR A CD1 1 
ATOM   634  C  CD2 . TYR A 1 79  ? -3.634  15.082  3.855   1.00 53.11 ? 138 TYR A CD2 1 
ATOM   635  C  CE1 . TYR A 1 79  ? -3.724  13.709  1.463   1.00 55.46 ? 138 TYR A CE1 1 
ATOM   636  C  CE2 . TYR A 1 79  ? -2.853  15.498  2.804   1.00 58.19 ? 138 TYR A CE2 1 
ATOM   637  C  CZ  . TYR A 1 79  ? -2.897  14.807  1.608   1.00 55.37 ? 138 TYR A CZ  1 
ATOM   638  O  OH  . TYR A 1 79  ? -2.120  15.233  0.556   1.00 53.23 ? 138 TYR A OH  1 
ATOM   639  N  N   . ALA A 1 80  ? -5.615  10.336  3.382   1.00 50.05 ? 139 ALA A N   1 
ATOM   640  C  CA  . ALA A 1 80  ? -5.002  9.034   3.106   1.00 43.96 ? 139 ALA A CA  1 
ATOM   641  C  C   . ALA A 1 80  ? -3.490  9.134   2.904   1.00 46.41 ? 139 ALA A C   1 
ATOM   642  O  O   . ALA A 1 80  ? -2.735  8.289   3.403   1.00 39.45 ? 139 ALA A O   1 
ATOM   643  C  CB  . ALA A 1 80  ? -5.666  8.389   1.889   1.00 46.73 ? 139 ALA A CB  1 
ATOM   644  N  N   . ASP A 1 81  ? -3.021  10.147  2.166   1.00 49.92 ? 140 ASP A N   1 
ATOM   645  C  CA  . ASP A 1 81  ? -1.576  10.310  2.009   1.00 42.78 ? 140 ASP A CA  1 
ATOM   646  C  C   . ASP A 1 81  ? -0.917  10.581  3.358   1.00 41.79 ? 140 ASP A C   1 
ATOM   647  O  O   . ASP A 1 81  ? 0.056   9.913   3.729   1.00 33.56 ? 140 ASP A O   1 
ATOM   648  C  CB  . ASP A 1 81  ? -1.268  11.434  1.015   1.00 46.15 ? 140 ASP A CB  1 
ATOM   649  C  CG  . ASP A 1 81  ? -1.148  10.940  -0.429  1.00 48.02 ? 140 ASP A CG  1 
ATOM   650  O  OD1 . ASP A 1 81  ? -1.581  9.803   -0.723  1.00 50.20 ? 140 ASP A OD1 1 
ATOM   651  O  OD2 . ASP A 1 81  ? -0.614  11.695  -1.274  1.00 45.49 ? 140 ASP A OD2 1 
ATOM   652  N  N   . ASP A 1 82  ? -1.451  11.547  4.118   1.00 44.42 ? 141 ASP A N   1 
ATOM   653  C  CA  . ASP A 1 82  ? -0.884  11.846  5.428   1.00 37.68 ? 141 ASP A CA  1 
ATOM   654  C  C   . ASP A 1 82  ? -0.958  10.644  6.346   1.00 31.53 ? 141 ASP A C   1 
ATOM   655  O  O   . ASP A 1 82  ? -0.051  10.433  7.149   1.00 29.81 ? 141 ASP A O   1 
ATOM   656  C  CB  . ASP A 1 82  ? -1.594  13.039  6.075   1.00 41.45 ? 141 ASP A CB  1 
ATOM   657  C  CG  . ASP A 1 82  ? -1.154  14.365  5.484   1.00 52.94 ? 141 ASP A CG  1 
ATOM   658  O  OD1 . ASP A 1 82  ? -1.469  15.429  6.071   1.00 59.61 ? 141 ASP A OD1 1 
ATOM   659  O  OD2 . ASP A 1 82  ? -0.508  14.344  4.412   1.00 50.74 ? 141 ASP A OD2 1 
ATOM   660  N  N   . CYS A 1 83  ? -2.021  9.848   6.239   1.00 28.32 ? 142 CYS A N   1 
ATOM   661  C  CA  . CYS A 1 83  ? -2.188  8.708   7.131   1.00 33.41 ? 142 CYS A CA  1 
ATOM   662  C  C   . CYS A 1 83  ? -1.028  7.736   6.994   1.00 33.98 ? 142 CYS A C   1 
ATOM   663  O  O   . CYS A 1 83  ? -0.422  7.336   7.997   1.00 33.38 ? 142 CYS A O   1 
ATOM   664  C  CB  . CYS A 1 83  ? -3.514  8.007   6.848   1.00 32.86 ? 142 CYS A CB  1 
ATOM   665  S  SG  . CYS A 1 83  ? -3.806  6.549   7.877   1.00 29.29 ? 142 CYS A SG  1 
ATOM   666  N  N   . ILE A 1 84  ? -0.686  7.365   5.751   1.00 29.74 ? 143 ILE A N   1 
ATOM   667  C  CA  . ILE A 1 84  ? 0.426   6.445   5.512   1.00 27.44 ? 143 ILE A CA  1 
ATOM   668  C  C   . ILE A 1 84  ? 1.738   7.059   5.971   1.00 30.45 ? 143 ILE A C   1 
ATOM   669  O  O   . ILE A 1 84  ? 2.549   6.406   6.637   1.00 30.01 ? 143 ILE A O   1 
ATOM   670  C  CB  . ILE A 1 84  ? 0.507   6.057   4.028   1.00 22.65 ? 143 ILE A CB  1 
ATOM   671  C  CG1 . ILE A 1 84  ? -0.746  5.314   3.596   1.00 25.48 ? 143 ILE A CG1 1 
ATOM   672  C  CG2 . ILE A 1 84  ? 1.746   5.202   3.781   1.00 25.07 ? 143 ILE A CG2 1 
ATOM   673  C  CD1 . ILE A 1 84  ? -0.948  5.321   2.069   1.00 26.56 ? 143 ILE A CD1 1 
ATOM   674  N  N   . VAL A 1 85  ? 1.984   8.309   5.578   1.00 28.49 ? 144 VAL A N   1 
ATOM   675  C  CA  . VAL A 1 85  ? 3.247   8.955   5.920   1.00 31.32 ? 144 VAL A CA  1 
ATOM   676  C  C   . VAL A 1 85  ? 3.426   9.014   7.433   1.00 31.69 ? 144 VAL A C   1 
ATOM   677  O  O   . VAL A 1 85  ? 4.522   8.771   7.952   1.00 31.37 ? 144 VAL A O   1 
ATOM   678  C  CB  . VAL A 1 85  ? 3.320   10.357  5.290   1.00 34.78 ? 144 VAL A CB  1 
ATOM   679  C  CG1 . VAL A 1 85  ? 4.621   11.024  5.661   1.00 35.85 ? 144 VAL A CG1 1 
ATOM   680  C  CG2 . VAL A 1 85  ? 3.162   10.288  3.773   1.00 34.93 ? 144 VAL A CG2 1 
ATOM   681  N  N   . GLN A 1 86  ? 2.356   9.347   8.166   1.00 30.98 ? 145 GLN A N   1 
ATOM   682  C  CA  . GLN A 1 86  ? 2.446   9.373   9.625   1.00 34.37 ? 145 GLN A CA  1 
ATOM   683  C  C   . GLN A 1 86  ? 2.704   7.975   10.191  1.00 33.73 ? 145 GLN A C   1 
ATOM   684  O  O   . GLN A 1 86  ? 3.484   7.818   11.138  1.00 35.49 ? 145 GLN A O   1 
ATOM   685  C  CB  . GLN A 1 86  ? 1.173   9.973   10.229  1.00 35.72 ? 145 GLN A CB  1 
ATOM   686  C  CG  . GLN A 1 86  ? 0.931   11.473  9.935   1.00 40.43 ? 145 GLN A CG  1 
ATOM   687  C  CD  . GLN A 1 86  ? -0.417  11.966  10.477  1.00 47.08 ? 145 GLN A CD  1 
ATOM   688  O  OE1 . GLN A 1 86  ? -1.208  11.178  11.009  1.00 51.39 ? 145 GLN A OE1 1 
ATOM   689  N  NE2 . GLN A 1 86  ? -0.679  13.269  10.346  1.00 42.83 ? 145 GLN A NE2 1 
ATOM   690  N  N   . ARG A 1 87  ? 2.070   6.947   9.623   1.00 32.81 ? 146 ARG A N   1 
ATOM   691  C  CA  . ARG A 1 87  ? 2.233   5.602   10.167  1.00 37.65 ? 146 ARG A CA  1 
ATOM   692  C  C   . ARG A 1 87  ? 3.645   5.078   9.948   1.00 35.39 ? 146 ARG A C   1 
ATOM   693  O  O   . ARG A 1 87  ? 4.259   4.532   10.869  1.00 36.31 ? 146 ARG A O   1 
ATOM   694  C  CB  . ARG A 1 87  ? 1.216   4.639   9.560   1.00 34.56 ? 146 ARG A CB  1 
ATOM   695  C  CG  . ARG A 1 87  ? 1.466   3.216   10.002  1.00 34.02 ? 146 ARG A CG  1 
ATOM   696  C  CD  . ARG A 1 87  ? 0.244   2.351   9.813   1.00 37.12 ? 146 ARG A CD  1 
ATOM   697  N  NE  . ARG A 1 87  ? -0.809  2.620   10.794  1.00 36.39 ? 146 ARG A NE  1 
ATOM   698  C  CZ  . ARG A 1 87  ? -0.888  2.037   11.989  1.00 39.60 ? 146 ARG A CZ  1 
ATOM   699  N  NH1 . ARG A 1 87  ? -1.899  2.329   12.802  1.00 35.61 ? 146 ARG A NH1 1 
ATOM   700  N  NH2 . ARG A 1 87  ? 0.036   1.153   12.379  1.00 31.44 ? 146 ARG A NH2 1 
ATOM   701  N  N   . VAL A 1 88  ? 4.188   5.236   8.738   1.00 34.60 ? 147 VAL A N   1 
ATOM   702  C  CA  . VAL A 1 88  ? 5.533   4.734   8.482   1.00 34.03 ? 147 VAL A CA  1 
ATOM   703  C  C   . VAL A 1 88  ? 6.616   5.610   9.084   1.00 34.44 ? 147 VAL A C   1 
ATOM   704  O  O   . VAL A 1 88  ? 7.786   5.230   9.054   1.00 36.50 ? 147 VAL A O   1 
ATOM   705  C  CB  . VAL A 1 88  ? 5.803   4.559   6.973   1.00 31.09 ? 147 VAL A CB  1 
ATOM   706  C  CG1 . VAL A 1 88  ? 4.741   3.666   6.361   1.00 27.32 ? 147 VAL A CG1 1 
ATOM   707  C  CG2 . VAL A 1 88  ? 5.897   5.917   6.270   1.00 26.34 ? 147 VAL A CG2 1 
ATOM   708  N  N   . MET A 1 89  ? 6.270   6.777   9.624   1.00 38.04 ? 148 MET A N   1 
ATOM   709  C  CA  . MET A 1 89  ? 7.259   7.503   10.412  1.00 41.94 ? 148 MET A CA  1 
ATOM   710  C  C   . MET A 1 89  ? 7.385   6.937   11.820  1.00 40.89 ? 148 MET A C   1 
ATOM   711  O  O   . MET A 1 89  ? 8.484   6.921   12.382  1.00 46.84 ? 148 MET A O   1 
ATOM   712  C  CB  . MET A 1 89  ? 6.912   8.984   10.473  1.00 39.90 ? 148 MET A CB  1 
ATOM   713  C  CG  . MET A 1 89  ? 7.325   9.733   9.247   1.00 40.18 ? 148 MET A CG  1 
ATOM   714  S  SD  . MET A 1 89  ? 7.575   11.459  9.652   1.00 65.38 ? 148 MET A SD  1 
ATOM   715  C  CE  . MET A 1 89  ? 9.043   11.308  10.675  1.00 50.93 ? 148 MET A CE  1 
ATOM   716  N  N   . GLN A 1 90  ? 6.279   6.474   12.408  1.00 41.14 ? 149 GLN A N   1 
ATOM   717  C  CA  . GLN A 1 90  ? 6.346   5.873   13.739  1.00 47.55 ? 149 GLN A CA  1 
ATOM   718  C  C   . GLN A 1 90  ? 6.907   4.458   13.675  1.00 43.01 ? 149 GLN A C   1 
ATOM   719  O  O   . GLN A 1 90  ? 7.848   4.118   14.399  1.00 41.46 ? 149 GLN A O   1 
ATOM   720  C  CB  . GLN A 1 90  ? 4.963   5.856   14.404  1.00 44.27 ? 149 GLN A CB  1 
ATOM   721  C  CG  . GLN A 1 90  ? 4.374   7.217   14.723  1.00 50.42 ? 149 GLN A CG  1 
ATOM   722  C  CD  . GLN A 1 90  ? 3.491   7.191   15.960  1.00 52.41 ? 149 GLN A CD  1 
ATOM   723  O  OE1 . GLN A 1 90  ? 2.267   7.052   15.871  1.00 49.93 ? 149 GLN A OE1 1 
ATOM   724  N  NE2 . GLN A 1 90  ? 4.112   7.330   17.126  1.00 55.12 ? 149 GLN A NE2 1 
ATOM   725  N  N   . HIS A 1 91  ? 6.343   3.622   12.808  1.00 40.24 ? 150 HIS A N   1 
ATOM   726  C  CA  . HIS A 1 91  ? 6.612   2.189   12.795  1.00 44.41 ? 150 HIS A CA  1 
ATOM   727  C  C   . HIS A 1 91  ? 7.314   1.823   11.492  1.00 41.87 ? 150 HIS A C   1 
ATOM   728  O  O   . HIS A 1 91  ? 6.698   1.844   10.421  1.00 40.63 ? 150 HIS A O   1 
ATOM   729  C  CB  . HIS A 1 91  ? 5.305   1.417   12.967  1.00 46.35 ? 150 HIS A CB  1 
ATOM   730  C  CG  . HIS A 1 91  ? 4.394   2.006   14.001  1.00 46.13 ? 150 HIS A CG  1 
ATOM   731  N  ND1 . HIS A 1 91  ? 3.184   2.585   13.684  1.00 46.26 ? 150 HIS A ND1 1 
ATOM   732  C  CD2 . HIS A 1 91  ? 4.527   2.126   15.345  1.00 51.08 ? 150 HIS A CD2 1 
ATOM   733  C  CE1 . HIS A 1 91  ? 2.606   3.028   14.788  1.00 49.72 ? 150 HIS A CE1 1 
ATOM   734  N  NE2 . HIS A 1 91  ? 3.401   2.762   15.811  1.00 53.26 ? 150 HIS A NE2 1 
ATOM   735  N  N   . LYS A 1 92  ? 8.596   1.479   11.579  1.00 41.59 ? 151 LYS A N   1 
ATOM   736  C  CA  . LYS A 1 92  ? 9.378   1.224   10.374  1.00 42.83 ? 151 LYS A CA  1 
ATOM   737  C  C   . LYS A 1 92  ? 9.276   -0.232  9.930   1.00 46.03 ? 151 LYS A C   1 
ATOM   738  O  O   . LYS A 1 92  ? 10.205  -0.786  9.326   1.00 44.81 ? 151 LYS A O   1 
ATOM   739  C  CB  . LYS A 1 92  ? 10.840  1.608   10.606  1.00 46.78 ? 151 LYS A CB  1 
ATOM   740  C  CG  . LYS A 1 92  ? 11.024  3.048   11.059  1.00 45.01 ? 151 LYS A CG  1 
ATOM   741  C  CD  . LYS A 1 92  ? 10.389  4.016   10.078  1.00 44.52 ? 151 LYS A CD  1 
ATOM   742  C  CE  . LYS A 1 92  ? 10.796  5.464   10.343  1.00 41.29 ? 151 LYS A CE  1 
ATOM   743  N  NZ  . LYS A 1 92  ? 11.931  5.858   9.455   1.00 37.12 ? 151 LYS A NZ  1 
ATOM   744  N  N   . CYS A 1 93  ? 8.134   -0.857  10.213  1.00 44.58 ? 152 CYS A N   1 
ATOM   745  C  CA  . CYS A 1 93  ? 7.895   -2.257  9.900   1.00 37.52 ? 152 CYS A CA  1 
ATOM   746  C  C   . CYS A 1 93  ? 7.039   -2.436  8.644   1.00 34.16 ? 152 CYS A C   1 
ATOM   747  O  O   . CYS A 1 93  ? 6.262   -3.393  8.557   1.00 28.89 ? 152 CYS A O   1 
ATOM   748  C  CB  . CYS A 1 93  ? 7.237   -2.931  11.104  1.00 47.44 ? 152 CYS A CB  1 
ATOM   749  S  SG  . CYS A 1 93  ? 8.107   -2.704  12.723  1.00 64.26 ? 152 CYS A SG  1 
ATOM   750  N  N   . TYR A 1 94  ? 7.165   -1.542  7.656   1.00 35.27 ? 153 TYR A N   1 
ATOM   751  C  CA  . TYR A 1 94  ? 6.198   -1.476  6.563   1.00 30.30 ? 153 TYR A CA  1 
ATOM   752  C  C   . TYR A 1 94  ? 6.864   -1.195  5.220   1.00 28.83 ? 153 TYR A C   1 
ATOM   753  O  O   . TYR A 1 94  ? 7.877   -0.496  5.134   1.00 26.71 ? 153 TYR A O   1 
ATOM   754  C  CB  . TYR A 1 94  ? 5.142   -0.374  6.783   1.00 29.17 ? 153 TYR A CB  1 
ATOM   755  C  CG  . TYR A 1 94  ? 4.122   -0.640  7.866   1.00 27.09 ? 153 TYR A CG  1 
ATOM   756  C  CD1 . TYR A 1 94  ? 3.141   -1.608  7.698   1.00 20.94 ? 153 TYR A CD1 1 
ATOM   757  C  CD2 . TYR A 1 94  ? 4.122   0.100   9.040   1.00 23.43 ? 153 TYR A CD2 1 
ATOM   758  C  CE1 . TYR A 1 94  ? 2.215   -1.848  8.669   1.00 19.56 ? 153 TYR A CE1 1 
ATOM   759  C  CE2 . TYR A 1 94  ? 3.199   -0.138  10.022  1.00 26.00 ? 153 TYR A CE2 1 
ATOM   760  C  CZ  . TYR A 1 94  ? 2.237   -1.105  9.832   1.00 24.59 ? 153 TYR A CZ  1 
ATOM   761  O  OH  . TYR A 1 94  ? 1.301   -1.351  10.816  1.00 25.23 ? 153 TYR A OH  1 
ATOM   762  N  N   . LEU A 1 95  ? 6.253   -1.743  4.171   1.00 24.00 ? 154 LEU A N   1 
ATOM   763  C  CA  . LEU A 1 95  ? 6.401   -1.278  2.800   1.00 25.53 ? 154 LEU A CA  1 
ATOM   764  C  C   . LEU A 1 95  ? 5.148   -0.491  2.416   1.00 23.82 ? 154 LEU A C   1 
ATOM   765  O  O   . LEU A 1 95  ? 4.082   -0.645  3.022   1.00 22.73 ? 154 LEU A O   1 
ATOM   766  C  CB  . LEU A 1 95  ? 6.600   -2.443  1.825   1.00 21.23 ? 154 LEU A CB  1 
ATOM   767  C  CG  . LEU A 1 95  ? 7.822   -3.375  1.977   1.00 23.48 ? 154 LEU A CG  1 
ATOM   768  C  CD1 . LEU A 1 95  ? 7.687   -4.393  3.115   1.00 22.59 ? 154 LEU A CD1 1 
ATOM   769  C  CD2 . LEU A 1 95  ? 8.100   -4.083  0.679   1.00 19.42 ? 154 LEU A CD2 1 
ATOM   770  N  N   . VAL A 1 96  ? 5.281   0.351   1.402   1.00 23.72 ? 155 VAL A N   1 
ATOM   771  C  CA  . VAL A 1 96  ? 4.168   1.138   0.876   1.00 22.29 ? 155 VAL A CA  1 
ATOM   772  C  C   . VAL A 1 96  ? 3.995   0.791   -0.589  1.00 18.33 ? 155 VAL A C   1 
ATOM   773  O  O   . VAL A 1 96  ? 4.946   0.885   -1.368  1.00 19.10 ? 155 VAL A O   1 
ATOM   774  C  CB  . VAL A 1 96  ? 4.397   2.644   1.052   1.00 25.06 ? 155 VAL A CB  1 
ATOM   775  C  CG1 . VAL A 1 96  ? 3.247   3.426   0.446   1.00 24.95 ? 155 VAL A CG1 1 
ATOM   776  C  CG2 . VAL A 1 96  ? 4.535   2.968   2.524   1.00 21.99 ? 155 VAL A CG2 1 
ATOM   777  N  N   . ALA A 1 97  ? 2.791   0.381   -0.961  1.00 17.96 ? 156 ALA A N   1 
ATOM   778  C  CA  . ALA A 1 97  ? 2.467   0.082   -2.349  1.00 20.76 ? 156 ALA A CA  1 
ATOM   779  C  C   . ALA A 1 97  ? 1.651   1.241   -2.908  1.00 23.64 ? 156 ALA A C   1 
ATOM   780  O  O   . ALA A 1 97  ? 0.500   1.440   -2.519  1.00 21.73 ? 156 ALA A O   1 
ATOM   781  C  CB  . ALA A 1 97  ? 1.710   -1.240  -2.462  1.00 22.42 ? 156 ALA A CB  1 
ATOM   782  N  N   . THR A 1 98  ? 2.252   2.009   -3.818  1.00 25.80 ? 157 THR A N   1 
ATOM   783  C  CA  . THR A 1 98  ? 1.581   3.149   -4.425  1.00 21.92 ? 157 THR A CA  1 
ATOM   784  C  C   . THR A 1 98  ? 2.188   3.425   -5.793  1.00 22.71 ? 157 THR A C   1 
ATOM   785  O  O   . THR A 1 98  ? 3.395   3.309   -5.968  1.00 25.75 ? 157 THR A O   1 
ATOM   786  C  CB  . THR A 1 98  ? 1.692   4.400   -3.539  1.00 23.55 ? 157 THR A CB  1 
ATOM   787  O  OG1 . THR A 1 98  ? 1.118   5.522   -4.214  1.00 23.91 ? 157 THR A OG1 1 
ATOM   788  C  CG2 . THR A 1 98  ? 3.144   4.710   -3.224  1.00 24.18 ? 157 THR A CG2 1 
ATOM   789  N  N   . ASN A 1 99  ? 1.343   3.805   -6.753  1.00 26.61 ? 158 ASN A N   1 
ATOM   790  C  CA  . ASN A 1 99  ? 1.799   4.358   -8.024  1.00 25.60 ? 158 ASN A CA  1 
ATOM   791  C  C   . ASN A 1 99  ? 1.684   5.881   -8.073  1.00 28.64 ? 158 ASN A C   1 
ATOM   792  O  O   . ASN A 1 99  ? 1.751   6.458   -9.162  1.00 26.03 ? 158 ASN A O   1 
ATOM   793  C  CB  . ASN A 1 99  ? 1.012   3.746   -9.180  1.00 23.98 ? 158 ASN A CB  1 
ATOM   794  C  CG  . ASN A 1 99  ? 1.589   2.442   -9.641  1.00 26.00 ? 158 ASN A CG  1 
ATOM   795  O  OD1 . ASN A 1 99  ? 1.736   1.497   -8.855  1.00 26.83 ? 158 ASN A OD1 1 
ATOM   796  N  ND2 . ASN A 1 99  ? 1.916   2.363   -10.921 1.00 24.18 ? 158 ASN A ND2 1 
ATOM   797  N  N   . ASP A 1 100 ? 1.515   6.537   -6.919  1.00 27.19 ? 159 ASP A N   1 
ATOM   798  C  CA  . ASP A 1 100 ? 1.211   7.968   -6.852  1.00 30.05 ? 159 ASP A CA  1 
ATOM   799  C  C   . ASP A 1 100 ? 2.496   8.770   -6.709  1.00 27.25 ? 159 ASP A C   1 
ATOM   800  O  O   . ASP A 1 100 ? 3.203   8.640   -5.707  1.00 28.67 ? 159 ASP A O   1 
ATOM   801  C  CB  . ASP A 1 100 ? 0.276   8.268   -5.676  1.00 25.89 ? 159 ASP A CB  1 
ATOM   802  C  CG  . ASP A 1 100 ? -0.118  9.755   -5.591  1.00 29.59 ? 159 ASP A CG  1 
ATOM   803  O  OD1 . ASP A 1 100 ? 0.700   10.590  -5.146  1.00 27.30 ? 159 ASP A OD1 1 
ATOM   804  O  OD2 . ASP A 1 100 ? -1.263  10.088  -5.955  1.00 33.15 ? 159 ASP A OD2 1 
ATOM   805  N  N   . LYS A 1 101 ? 2.770   9.633   -7.682  1.00 23.67 ? 160 LYS A N   1 
ATOM   806  C  CA  . LYS A 1 101 ? 4.071   10.292  -7.746  1.00 28.62 ? 160 LYS A CA  1 
ATOM   807  C  C   . LYS A 1 101 ? 4.328   11.158  -6.525  1.00 30.47 ? 160 LYS A C   1 
ATOM   808  O  O   . LYS A 1 101 ? 5.461   11.231  -6.033  1.00 32.72 ? 160 LYS A O   1 
ATOM   809  C  CB  . LYS A 1 101 ? 4.170   11.143  -9.008  1.00 34.93 ? 160 LYS A CB  1 
ATOM   810  C  CG  . LYS A 1 101 ? 5.472   11.906  -9.098  1.00 40.41 ? 160 LYS A CG  1 
ATOM   811  C  CD  . LYS A 1 101 ? 5.925   12.044  -10.542 1.00 42.54 ? 160 LYS A CD  1 
ATOM   812  C  CE  . LYS A 1 101 ? 7.383   12.487  -10.621 1.00 53.11 ? 160 LYS A CE  1 
ATOM   813  N  NZ  . LYS A 1 101 ? 8.349   11.371  -10.368 1.00 53.80 ? 160 LYS A NZ  1 
ATOM   814  N  N   . ASN A 1 102 ? 3.295   11.832  -6.029  1.00 25.26 ? 161 ASN A N   1 
ATOM   815  C  CA  . ASN A 1 102 ? 3.480   12.723  -4.892  1.00 29.76 ? 161 ASN A CA  1 
ATOM   816  C  C   . ASN A 1 102 ? 3.702   11.951  -3.596  1.00 27.36 ? 161 ASN A C   1 
ATOM   817  O  O   . ASN A 1 102 ? 4.626   12.262  -2.836  1.00 27.50 ? 161 ASN A O   1 
ATOM   818  C  CB  . ASN A 1 102 ? 2.286   13.667  -4.771  1.00 24.50 ? 161 ASN A CB  1 
ATOM   819  C  CG  . ASN A 1 102 ? 2.293   14.725  -5.843  1.00 36.38 ? 161 ASN A CG  1 
ATOM   820  O  OD1 . ASN A 1 102 ? 3.323   14.952  -6.488  1.00 40.32 ? 161 ASN A OD1 1 
ATOM   821  N  ND2 . ASN A 1 102 ? 1.159   15.391  -6.037  1.00 32.62 ? 161 ASN A ND2 1 
ATOM   822  N  N   . LEU A 1 103 ? 2.874   10.943  -3.322  1.00 24.52 ? 162 LEU A N   1 
ATOM   823  C  CA  . LEU A 1 103 ? 3.090   10.135  -2.122  1.00 25.79 ? 162 LEU A CA  1 
ATOM   824  C  C   . LEU A 1 103 ? 4.474   9.483   -2.120  1.00 25.05 ? 162 LEU A C   1 
ATOM   825  O  O   . LEU A 1 103 ? 5.142   9.442   -1.083  1.00 23.94 ? 162 LEU A O   1 
ATOM   826  C  CB  . LEU A 1 103 ? 2.003   9.074   -1.991  1.00 29.13 ? 162 LEU A CB  1 
ATOM   827  C  CG  . LEU A 1 103 ? 2.143   8.134   -0.778  1.00 31.99 ? 162 LEU A CG  1 
ATOM   828  C  CD1 . LEU A 1 103 ? 2.132   8.891   0.556   1.00 22.68 ? 162 LEU A CD1 1 
ATOM   829  C  CD2 . LEU A 1 103 ? 1.051   7.092   -0.800  1.00 28.58 ? 162 LEU A CD2 1 
ATOM   830  N  N   . LYS A 1 104 ? 4.930   8.985   -3.275  1.00 25.51 ? 163 LYS A N   1 
ATOM   831  C  CA  . LYS A 1 104 ? 6.259   8.383   -3.347  1.00 25.01 ? 163 LYS A CA  1 
ATOM   832  C  C   . LYS A 1 104 ? 7.347   9.391   -3.006  1.00 27.85 ? 163 LYS A C   1 
ATOM   833  O  O   . LYS A 1 104 ? 8.329   9.049   -2.342  1.00 27.63 ? 163 LYS A O   1 
ATOM   834  C  CB  . LYS A 1 104 ? 6.512   7.794   -4.733  1.00 25.07 ? 163 LYS A CB  1 
ATOM   835  C  CG  . LYS A 1 104 ? 5.687   6.562   -5.027  1.00 30.23 ? 163 LYS A CG  1 
ATOM   836  C  CD  . LYS A 1 104 ? 6.109   5.874   -6.327  1.00 27.49 ? 163 LYS A CD  1 
ATOM   837  C  CE  . LYS A 1 104 ? 5.923   6.765   -7.518  1.00 29.62 ? 163 LYS A CE  1 
ATOM   838  N  NZ  . LYS A 1 104 ? 6.188   6.036   -8.776  1.00 33.11 ? 163 LYS A NZ  1 
ATOM   839  N  N   . GLN A 1 105 ? 7.206   10.636  -3.453  1.00 26.42 ? 164 GLN A N   1 
ATOM   840  C  CA  . GLN A 1 105 ? 8.274   11.577  -3.159  1.00 26.45 ? 164 GLN A CA  1 
ATOM   841  C  C   . GLN A 1 105 ? 8.252   11.970  -1.691  1.00 28.42 ? 164 GLN A C   1 
ATOM   842  O  O   . GLN A 1 105 ? 9.300   12.305  -1.128  1.00 38.22 ? 164 GLN A O   1 
ATOM   843  C  CB  . GLN A 1 105 ? 8.200   12.800  -4.082  1.00 30.17 ? 164 GLN A CB  1 
ATOM   844  C  CG  . GLN A 1 105 ? 7.477   13.987  -3.527  1.00 31.83 ? 164 GLN A CG  1 
ATOM   845  C  CD  . GLN A 1 105 ? 7.625   15.221  -4.414  1.00 41.19 ? 164 GLN A CD  1 
ATOM   846  O  OE1 . GLN A 1 105 ? 8.700   15.488  -4.951  1.00 44.41 ? 164 GLN A OE1 1 
ATOM   847  N  NE2 . GLN A 1 105 ? 6.542   15.976  -4.568  1.00 37.32 ? 164 GLN A NE2 1 
ATOM   848  N  N   . ARG A 1 106 ? 7.095   11.884  -1.036  1.00 23.70 ? 165 ARG A N   1 
ATOM   849  C  CA  . ARG A 1 106 ? 7.088   12.020  0.417   1.00 27.51 ? 165 ARG A CA  1 
ATOM   850  C  C   . ARG A 1 106 ? 7.713   10.799  1.099   1.00 28.74 ? 165 ARG A C   1 
ATOM   851  O  O   . ARG A 1 106 ? 8.508   10.943  2.035   1.00 24.28 ? 165 ARG A O   1 
ATOM   852  C  CB  . ARG A 1 106 ? 5.665   12.253  0.908   1.00 27.38 ? 165 ARG A CB  1 
ATOM   853  C  CG  . ARG A 1 106 ? 5.020   13.533  0.357   1.00 25.16 ? 165 ARG A CG  1 
ATOM   854  C  CD  . ARG A 1 106 ? 3.643   13.671  0.900   1.00 24.06 ? 165 ARG A CD  1 
ATOM   855  N  NE  . ARG A 1 106 ? 3.700   13.913  2.340   1.00 33.70 ? 165 ARG A NE  1 
ATOM   856  C  CZ  . ARG A 1 106 ? 2.636   13.948  3.131   1.00 36.12 ? 165 ARG A CZ  1 
ATOM   857  N  NH1 . ARG A 1 106 ? 1.428   13.742  2.616   1.00 35.98 ? 165 ARG A NH1 1 
ATOM   858  N  NH2 . ARG A 1 106 ? 2.783   14.179  4.433   1.00 31.46 ? 165 ARG A NH2 1 
ATOM   859  N  N   . ILE A 1 107 ? 7.379   9.589   0.644   1.00 29.66 ? 166 ILE A N   1 
ATOM   860  C  CA  . ILE A 1 107 ? 7.920   8.403   1.312   1.00 29.02 ? 166 ILE A CA  1 
ATOM   861  C  C   . ILE A 1 107 ? 9.429   8.323   1.129   1.00 27.96 ? 166 ILE A C   1 
ATOM   862  O  O   . ILE A 1 107 ? 10.144  7.849   2.025   1.00 28.26 ? 166 ILE A O   1 
ATOM   863  C  CB  . ILE A 1 107 ? 7.222   7.125   0.811   1.00 26.11 ? 166 ILE A CB  1 
ATOM   864  C  CG1 . ILE A 1 107 ? 5.746   7.148   1.191   1.00 21.82 ? 166 ILE A CG1 1 
ATOM   865  C  CG2 . ILE A 1 107 ? 7.883   5.879   1.406   1.00 24.00 ? 166 ILE A CG2 1 
ATOM   866  C  CD1 . ILE A 1 107 ? 5.546   7.003   2.673   1.00 31.98 ? 166 ILE A CD1 1 
ATOM   867  N  N   . ARG A 1 108 ? 9.946   8.796   -0.008  1.00 27.45 ? 167 ARG A N   1 
ATOM   868  C  CA  . ARG A 1 108 ? 11.384  8.717   -0.257  1.00 32.46 ? 167 ARG A CA  1 
ATOM   869  C  C   . ARG A 1 108 ? 12.186  9.596   0.685   1.00 33.99 ? 167 ARG A C   1 
ATOM   870  O  O   . ARG A 1 108 ? 13.416  9.483   0.721   1.00 35.29 ? 167 ARG A O   1 
ATOM   871  C  CB  . ARG A 1 108 ? 11.711  9.093   -1.702  1.00 28.64 ? 167 ARG A CB  1 
ATOM   872  C  CG  . ARG A 1 108 ? 11.354  8.022   -2.702  1.00 30.93 ? 167 ARG A CG  1 
ATOM   873  C  CD  . ARG A 1 108 ? 12.091  8.210   -4.004  1.00 25.78 ? 167 ARG A CD  1 
ATOM   874  N  NE  . ARG A 1 108 ? 11.388  7.524   -5.080  1.00 33.89 ? 167 ARG A NE  1 
ATOM   875  C  CZ  . ARG A 1 108 ? 10.436  8.082   -5.822  1.00 32.51 ? 167 ARG A CZ  1 
ATOM   876  N  NH1 . ARG A 1 108 ? 10.069  9.350   -5.617  1.00 28.81 ? 167 ARG A NH1 1 
ATOM   877  N  NH2 . ARG A 1 108 ? 9.855   7.372   -6.778  1.00 34.41 ? 167 ARG A NH2 1 
ATOM   878  N  N   . LYS A 1 109 ? 11.526  10.477  1.428   1.00 30.98 ? 168 LYS A N   1 
ATOM   879  C  CA  . LYS A 1 109 ? 12.216  11.242  2.449   1.00 33.24 ? 168 LYS A CA  1 
ATOM   880  C  C   . LYS A 1 109 ? 12.468  10.411  3.694   1.00 32.90 ? 168 LYS A C   1 
ATOM   881  O  O   . LYS A 1 109 ? 13.375  10.742  4.463   1.00 34.89 ? 168 LYS A O   1 
ATOM   882  C  CB  . LYS A 1 109 ? 11.411  12.506  2.789   1.00 29.28 ? 168 LYS A CB  1 
ATOM   883  C  CG  . LYS A 1 109 ? 11.127  13.388  1.566   1.00 32.32 ? 168 LYS A CG  1 
ATOM   884  C  CD  . LYS A 1 109 ? 10.378  14.667  1.923   1.00 41.55 ? 168 LYS A CD  1 
ATOM   885  C  CE  . LYS A 1 109 ? 10.062  15.480  0.674   1.00 37.18 ? 168 LYS A CE  1 
ATOM   886  N  NZ  . LYS A 1 109 ? 9.369   16.755  1.007   1.00 37.19 ? 168 LYS A NZ  1 
ATOM   887  N  N   . ILE A 1 110 ? 11.724  9.325   3.878   1.00 28.35 ? 169 ILE A N   1 
ATOM   888  C  CA  . ILE A 1 110 ? 11.720  8.554   5.115   1.00 28.31 ? 169 ILE A CA  1 
ATOM   889  C  C   . ILE A 1 110 ? 12.648  7.350   4.928   1.00 32.63 ? 169 ILE A C   1 
ATOM   890  O  O   . ILE A 1 110 ? 12.362  6.492   4.082   1.00 30.35 ? 169 ILE A O   1 
ATOM   891  C  CB  . ILE A 1 110 ? 10.299  8.112   5.504   1.00 29.35 ? 169 ILE A CB  1 
ATOM   892  C  CG1 . ILE A 1 110 ? 9.409   9.329   5.773   1.00 31.83 ? 169 ILE A CG1 1 
ATOM   893  C  CG2 . ILE A 1 110 ? 10.315  7.245   6.737   1.00 37.46 ? 169 ILE A CG2 1 
ATOM   894  C  CD1 . ILE A 1 110 ? 7.947   9.069   5.474   1.00 29.22 ? 169 ILE A CD1 1 
ATOM   895  N  N   . PRO A 1 111 ? 13.736  7.256   5.675   1.00 33.07 ? 170 PRO A N   1 
ATOM   896  C  CA  . PRO A 1 111 ? 14.641  6.111   5.516   1.00 35.29 ? 170 PRO A CA  1 
ATOM   897  C  C   . PRO A 1 111 ? 13.998  4.798   5.945   1.00 33.24 ? 170 PRO A C   1 
ATOM   898  O  O   . PRO A 1 111 ? 13.340  4.714   6.986   1.00 28.17 ? 170 PRO A O   1 
ATOM   899  C  CB  . PRO A 1 111 ? 15.820  6.471   6.428   1.00 34.46 ? 170 PRO A CB  1 
ATOM   900  C  CG  . PRO A 1 111 ? 15.738  7.973   6.592   1.00 32.70 ? 170 PRO A CG  1 
ATOM   901  C  CD  . PRO A 1 111 ? 14.273  8.266   6.603   1.00 33.41 ? 170 PRO A CD  1 
ATOM   902  N  N   . GLY A 1 112 ? 14.206  3.767   5.129   1.00 30.18 ? 171 GLY A N   1 
ATOM   903  C  CA  . GLY A 1 112 ? 13.870  2.410   5.503   1.00 29.84 ? 171 GLY A CA  1 
ATOM   904  C  C   . GLY A 1 112 ? 12.516  1.902   5.052   1.00 35.07 ? 171 GLY A C   1 
ATOM   905  O  O   . GLY A 1 112 ? 12.160  0.765   5.397   1.00 33.86 ? 171 GLY A O   1 
ATOM   906  N  N   . ILE A 1 113 ? 11.753  2.694   4.298   1.00 29.52 ? 172 ILE A N   1 
ATOM   907  C  CA  . ILE A 1 113 ? 10.414  2.309   3.849   1.00 26.57 ? 172 ILE A CA  1 
ATOM   908  C  C   . ILE A 1 113 ? 10.452  1.957   2.363   1.00 31.06 ? 172 ILE A C   1 
ATOM   909  O  O   . ILE A 1 113 ? 10.387  2.862   1.514   1.00 31.78 ? 172 ILE A O   1 
ATOM   910  C  CB  . ILE A 1 113 ? 9.396   3.430   4.113   1.00 29.88 ? 172 ILE A CB  1 
ATOM   911  C  CG1 . ILE A 1 113 ? 9.475   3.910   5.564   1.00 31.60 ? 172 ILE A CG1 1 
ATOM   912  C  CG2 . ILE A 1 113 ? 7.984   2.964   3.788   1.00 27.12 ? 172 ILE A CG2 1 
ATOM   913  C  CD1 . ILE A 1 113 ? 9.177   2.824   6.586   1.00 33.11 ? 172 ILE A CD1 1 
ATOM   914  N  N   . PRO A 1 114 ? 10.552  0.674   2.000   1.00 30.08 ? 173 PRO A N   1 
ATOM   915  C  CA  . PRO A 1 114 ? 10.556  0.307   0.575   1.00 27.91 ? 173 PRO A CA  1 
ATOM   916  C  C   . PRO A 1 114 ? 9.226   0.606   -0.099  1.00 24.05 ? 173 PRO A C   1 
ATOM   917  O  O   . PRO A 1 114 ? 8.161   0.505   0.512   1.00 29.58 ? 173 PRO A O   1 
ATOM   918  C  CB  . PRO A 1 114 ? 10.834  -1.202  0.601   1.00 23.46 ? 173 PRO A CB  1 
ATOM   919  C  CG  . PRO A 1 114 ? 11.506  -1.442  1.898   1.00 25.54 ? 173 PRO A CG  1 
ATOM   920  C  CD  . PRO A 1 114 ? 10.860  -0.483  2.860   1.00 29.84 ? 173 PRO A CD  1 
ATOM   921  N  N   . ILE A 1 115 ? 9.290   0.961   -1.380  1.00 22.32 ? 174 ILE A N   1 
ATOM   922  C  CA  . ILE A 1 115 ? 8.105   1.300   -2.165  1.00 24.07 ? 174 ILE A CA  1 
ATOM   923  C  C   . ILE A 1 115 ? 7.900   0.244   -3.241  1.00 19.30 ? 174 ILE A C   1 
ATOM   924  O  O   . ILE A 1 115 ? 8.821   -0.043  -4.008  1.00 20.90 ? 174 ILE A O   1 
ATOM   925  C  CB  . ILE A 1 115 ? 8.227   2.699   -2.806  1.00 27.19 ? 174 ILE A CB  1 
ATOM   926  C  CG1 . ILE A 1 115 ? 8.398   3.769   -1.740  1.00 23.99 ? 174 ILE A CG1 1 
ATOM   927  C  CG2 . ILE A 1 115 ? 7.014   3.012   -3.677  1.00 21.09 ? 174 ILE A CG2 1 
ATOM   928  C  CD1 . ILE A 1 115 ? 8.638   5.147   -2.310  1.00 27.52 ? 174 ILE A CD1 1 
ATOM   929  N  N   . LEU A 1 116 ? 6.684   -0.298  -3.322  1.00 22.42 ? 175 LEU A N   1 
ATOM   930  C  CA  . LEU A 1 116 ? 6.249   -1.140  -4.431  1.00 21.23 ? 175 LEU A CA  1 
ATOM   931  C  C   . LEU A 1 116 ? 5.293   -0.368  -5.341  1.00 27.48 ? 175 LEU A C   1 
ATOM   932  O  O   . LEU A 1 116 ? 4.493   0.461   -4.881  1.00 25.67 ? 175 LEU A O   1 
ATOM   933  C  CB  . LEU A 1 116 ? 5.550   -2.413  -3.938  1.00 21.27 ? 175 LEU A CB  1 
ATOM   934  C  CG  . LEU A 1 116 ? 6.157   -3.132  -2.722  1.00 20.70 ? 175 LEU A CG  1 
ATOM   935  C  CD1 . LEU A 1 116 ? 5.444   -4.445  -2.457  1.00 17.86 ? 175 LEU A CD1 1 
ATOM   936  C  CD2 . LEU A 1 116 ? 7.638   -3.352  -2.921  1.00 18.95 ? 175 LEU A CD2 1 
ATOM   937  N  N   . SER A 1 117 ? 5.384   -0.640  -6.643  1.00 22.74 ? 176 SER A N   1 
ATOM   938  C  CA  . SER A 1 117 ? 4.462   -0.069  -7.611  1.00 22.97 ? 176 SER A CA  1 
ATOM   939  C  C   . SER A 1 117 ? 4.158   -1.101  -8.687  1.00 24.24 ? 176 SER A C   1 
ATOM   940  O  O   . SER A 1 117 ? 4.928   -2.035  -8.923  1.00 22.46 ? 176 SER A O   1 
ATOM   941  C  CB  . SER A 1 117 ? 5.026   1.206   -8.235  1.00 23.48 ? 176 SER A CB  1 
ATOM   942  O  OG  . SER A 1 117 ? 5.468   2.090   -7.221  1.00 21.56 ? 176 SER A OG  1 
ATOM   943  N  N   . VAL A 1 118 ? 3.008   -0.932  -9.328  1.00 22.39 ? 177 VAL A N   1 
ATOM   944  C  CA  . VAL A 1 118 ? 2.606   -1.803  -10.424 1.00 26.93 ? 177 VAL A CA  1 
ATOM   945  C  C   . VAL A 1 118 ? 3.224   -1.297  -11.720 1.00 30.28 ? 177 VAL A C   1 
ATOM   946  O  O   . VAL A 1 118 ? 3.133   -0.105  -12.041 1.00 31.27 ? 177 VAL A O   1 
ATOM   947  C  CB  . VAL A 1 118 ? 1.079   -1.867  -10.538 1.00 28.19 ? 177 VAL A CB  1 
ATOM   948  C  CG1 . VAL A 1 118 ? 0.691   -2.586  -11.810 1.00 34.05 ? 177 VAL A CG1 1 
ATOM   949  C  CG2 . VAL A 1 118 ? 0.508   -2.579  -9.363  1.00 26.58 ? 177 VAL A CG2 1 
ATOM   950  N  N   . ALA A 1 119 ? 3.846   -2.204  -12.471 1.00 29.71 ? 178 ALA A N   1 
ATOM   951  C  CA  . ALA A 1 119 ? 4.428   -1.817  -13.748 1.00 35.99 ? 178 ALA A CA  1 
ATOM   952  C  C   . ALA A 1 119 ? 4.762   -3.063  -14.554 1.00 39.78 ? 178 ALA A C   1 
ATOM   953  O  O   . ALA A 1 119 ? 5.277   -4.040  -14.006 1.00 31.18 ? 178 ALA A O   1 
ATOM   954  C  CB  . ALA A 1 119 ? 5.688   -0.961  -13.549 1.00 34.40 ? 178 ALA A CB  1 
ATOM   955  N  N   . ASN A 1 120 ? 4.461   -3.017  -15.856 1.00 39.99 ? 179 ASN A N   1 
ATOM   956  C  CA  . ASN A 1 120 ? 4.854   -4.067  -16.791 1.00 40.06 ? 179 ASN A CA  1 
ATOM   957  C  C   . ASN A 1 120 ? 4.279   -5.422  -16.386 1.00 41.76 ? 179 ASN A C   1 
ATOM   958  O  O   . ASN A 1 120 ? 4.964   -6.447  -16.446 1.00 37.26 ? 179 ASN A O   1 
ATOM   959  C  CB  . ASN A 1 120 ? 6.376   -4.144  -16.915 1.00 44.32 ? 179 ASN A CB  1 
ATOM   960  C  CG  . ASN A 1 120 ? 7.009   -2.787  -17.153 1.00 50.95 ? 179 ASN A CG  1 
ATOM   961  O  OD1 . ASN A 1 120 ? 6.478   -1.963  -17.902 1.00 58.12 ? 179 ASN A OD1 1 
ATOM   962  N  ND2 . ASN A 1 120 ? 8.151   -2.544  -16.512 1.00 49.74 ? 179 ASN A ND2 1 
ATOM   963  N  N   . HIS A 1 121 ? 3.017   -5.421  -15.957 1.00 39.45 ? 180 HIS A N   1 
ATOM   964  C  CA  . HIS A 1 121 ? 2.250   -6.613  -15.598 1.00 42.10 ? 180 HIS A CA  1 
ATOM   965  C  C   . HIS A 1 121 ? 2.718   -7.272  -14.303 1.00 40.75 ? 180 HIS A C   1 
ATOM   966  O  O   . HIS A 1 121 ? 2.334   -8.416  -14.024 1.00 43.57 ? 180 HIS A O   1 
ATOM   967  C  CB  . HIS A 1 121 ? 2.260   -7.648  -16.732 1.00 44.77 ? 180 HIS A CB  1 
ATOM   968  C  CG  . HIS A 1 121 ? 1.033   -8.501  -16.777 1.00 50.34 ? 180 HIS A CG  1 
ATOM   969  N  ND1 . HIS A 1 121 ? 1.031   -9.827  -16.402 1.00 55.05 ? 180 HIS A ND1 1 
ATOM   970  C  CD2 . HIS A 1 121 ? -0.240  -8.210  -17.138 1.00 53.69 ? 180 HIS A CD2 1 
ATOM   971  C  CE1 . HIS A 1 121 ? -0.190  -10.319 -16.533 1.00 55.11 ? 180 HIS A CE1 1 
ATOM   972  N  NE2 . HIS A 1 121 ? -0.980  -9.358  -16.975 1.00 55.11 ? 180 HIS A NE2 1 
ATOM   973  N  N   . LYS A 1 122 ? 3.522   -6.587  -13.490 1.00 38.29 ? 181 LYS A N   1 
ATOM   974  C  CA  . LYS A 1 122 ? 3.999   -7.138  -12.225 1.00 38.64 ? 181 LYS A CA  1 
ATOM   975  C  C   . LYS A 1 122 ? 4.024   -6.035  -11.168 1.00 32.84 ? 181 LYS A C   1 
ATOM   976  O  O   . LYS A 1 122 ? 3.923   -4.849  -11.479 1.00 33.67 ? 181 LYS A O   1 
ATOM   977  C  CB  . LYS A 1 122 ? 5.397   -7.770  -12.384 1.00 34.45 ? 181 LYS A CB  1 
ATOM   978  C  CG  . LYS A 1 122 ? 6.372   -6.888  -13.161 1.00 37.06 ? 181 LYS A CG  1 
ATOM   979  C  CD  . LYS A 1 122 ? 7.775   -7.478  -13.279 1.00 37.52 ? 181 LYS A CD  1 
ATOM   980  C  CE  . LYS A 1 122 ? 7.782   -8.730  -14.128 1.00 46.59 ? 181 LYS A CE  1 
ATOM   981  N  NZ  . LYS A 1 122 ? 7.201   -8.506  -15.483 1.00 53.52 ? 181 LYS A NZ  1 
ATOM   982  N  N   . ILE A 1 123 ? 4.135   -6.432  -9.905  1.00 36.09 ? 182 ILE A N   1 
ATOM   983  C  CA  . ILE A 1 123 ? 4.482   -5.489  -8.848  1.00 25.43 ? 182 ILE A CA  1 
ATOM   984  C  C   . ILE A 1 123 ? 5.995   -5.505  -8.722  1.00 28.24 ? 182 ILE A C   1 
ATOM   985  O  O   . ILE A 1 123 ? 6.618   -6.573  -8.719  1.00 32.82 ? 182 ILE A O   1 
ATOM   986  C  CB  . ILE A 1 123 ? 3.790   -5.844  -7.516  1.00 24.30 ? 182 ILE A CB  1 
ATOM   987  C  CG1 . ILE A 1 123 ? 2.281   -5.601  -7.597  1.00 26.16 ? 182 ILE A CG1 1 
ATOM   988  C  CG2 . ILE A 1 123 ? 4.379   -5.044  -6.373  1.00 22.76 ? 182 ILE A CG2 1 
ATOM   989  C  CD1 . ILE A 1 123 ? 1.478   -6.409  -6.590  1.00 24.02 ? 182 ILE A CD1 1 
ATOM   990  N  N   . ARG A 1 124 ? 6.599   -4.330  -8.659  1.00 30.78 ? 183 ARG A N   1 
ATOM   991  C  CA  . ARG A 1 124 ? 8.046   -4.201  -8.648  1.00 28.36 ? 183 ARG A CA  1 
ATOM   992  C  C   . ARG A 1 124 ? 8.453   -3.388  -7.437  1.00 27.22 ? 183 ARG A C   1 
ATOM   993  O  O   . ARG A 1 124 ? 7.666   -2.596  -6.914  1.00 26.20 ? 183 ARG A O   1 
ATOM   994  C  CB  . ARG A 1 124 ? 8.565   -3.511  -9.917  1.00 34.46 ? 183 ARG A CB  1 
ATOM   995  C  CG  . ARG A 1 124 ? 8.647   -4.400  -11.150 1.00 45.00 ? 183 ARG A CG  1 
ATOM   996  C  CD  . ARG A 1 124 ? 9.962   -5.214  -11.212 1.00 41.78 ? 183 ARG A CD  1 
ATOM   997  N  NE  . ARG A 1 124 ? 10.016  -6.262  -10.192 1.00 51.07 ? 183 ARG A NE  1 
ATOM   998  C  CZ  . ARG A 1 124 ? 10.757  -6.214  -9.085  1.00 40.21 ? 183 ARG A CZ  1 
ATOM   999  N  NH1 . ARG A 1 124 ? 10.714  -7.221  -8.241  1.00 47.77 ? 183 ARG A NH1 1 
ATOM   1000 N  NH2 . ARG A 1 124 ? 11.550  -5.180  -8.827  1.00 41.01 ? 183 ARG A NH2 1 
ATOM   1001 N  N   . VAL A 1 125 ? 9.697   -3.571  -7.006  1.00 24.68 ? 184 VAL A N   1 
ATOM   1002 C  CA  . VAL A 1 125 ? 10.249  -2.765  -5.922  1.00 30.13 ? 184 VAL A CA  1 
ATOM   1003 C  C   . VAL A 1 125 ? 10.726  -1.436  -6.506  1.00 33.41 ? 184 VAL A C   1 
ATOM   1004 O  O   . VAL A 1 125 ? 11.755  -1.375  -7.184  1.00 33.54 ? 184 VAL A O   1 
ATOM   1005 C  CB  . VAL A 1 125 ? 11.381  -3.494  -5.191  1.00 33.37 ? 184 VAL A CB  1 
ATOM   1006 C  CG1 . VAL A 1 125 ? 11.905  -2.619  -4.050  1.00 32.41 ? 184 VAL A CG1 1 
ATOM   1007 C  CG2 . VAL A 1 125 ? 10.889  -4.854  -4.663  1.00 28.07 ? 184 VAL A CG2 1 
ATOM   1008 N  N   . GLU A 1 126 ? 9.978   -0.364  -6.228  1.00 31.76 ? 185 GLU A N   1 
ATOM   1009 C  CA  . GLU A 1 126 ? 10.257  0.959   -6.784  1.00 34.94 ? 185 GLU A CA  1 
ATOM   1010 C  C   . GLU A 1 126 ? 11.333  1.707   -5.994  1.00 33.57 ? 185 GLU A C   1 
ATOM   1011 O  O   . GLU A 1 126 ? 12.147  2.430   -6.584  1.00 29.70 ? 185 GLU A O   1 
ATOM   1012 C  CB  . GLU A 1 126 ? 8.952   1.764   -6.831  1.00 29.62 ? 185 GLU A CB  1 
ATOM   1013 C  CG  . GLU A 1 126 ? 9.119   3.263   -6.995  1.00 34.80 ? 185 GLU A CG  1 
ATOM   1014 C  CD  . GLU A 1 126 ? 9.019   3.694   -8.433  1.00 40.74 ? 185 GLU A CD  1 
ATOM   1015 O  OE1 . GLU A 1 126 ? 9.245   4.894   -8.707  1.00 40.46 ? 185 GLU A OE1 1 
ATOM   1016 O  OE2 . GLU A 1 126 ? 8.714   2.829   -9.287  1.00 39.28 ? 185 GLU A OE2 1 
ATOM   1017 N  N   . ARG A 1 127 ? 11.343  1.563   -4.664  1.00 26.67 ? 186 ARG A N   1 
ATOM   1018 C  CA  . ARG A 1 127 ? 12.348  2.186   -3.806  1.00 30.90 ? 186 ARG A CA  1 
ATOM   1019 C  C   . ARG A 1 127 ? 12.908  1.118   -2.886  1.00 29.32 ? 186 ARG A C   1 
ATOM   1020 O  O   . ARG A 1 127 ? 12.179  0.567   -2.065  1.00 31.89 ? 186 ARG A O   1 
ATOM   1021 C  CB  . ARG A 1 127 ? 11.767  3.342   -2.973  1.00 32.65 ? 186 ARG A CB  1 
ATOM   1022 C  CG  . ARG A 1 127 ? 12.814  4.305   -2.389  1.00 29.91 ? 186 ARG A CG  1 
ATOM   1023 C  CD  . ARG A 1 127 ? 13.391  3.847   -1.050  1.00 33.12 ? 186 ARG A CD  1 
ATOM   1024 N  NE  . ARG A 1 127 ? 12.520  4.178   0.075   1.00 33.46 ? 186 ARG A NE  1 
ATOM   1025 C  CZ  . ARG A 1 127 ? 12.661  5.248   0.855   1.00 29.61 ? 186 ARG A CZ  1 
ATOM   1026 N  NH1 . ARG A 1 127 ? 13.648  6.113   0.657   1.00 30.33 ? 186 ARG A NH1 1 
ATOM   1027 N  NH2 . ARG A 1 127 ? 11.821  5.445   1.848   1.00 26.79 ? 186 ARG A NH2 1 
ATOM   1028 N  N   . LEU A 1 128 ? 14.198  0.846   -3.009  1.00 31.84 ? 187 LEU A N   1 
ATOM   1029 C  CA  . LEU A 1 128 ? 14.820  -0.229  -2.257  1.00 35.74 ? 187 LEU A CA  1 
ATOM   1030 C  C   . LEU A 1 128 ? 15.490  0.290   -0.992  1.00 36.00 ? 187 LEU A C   1 
ATOM   1031 O  O   . LEU A 1 128 ? 15.273  -0.258  0.091   1.00 37.99 ? 187 LEU A O   1 
ATOM   1032 C  CB  . LEU A 1 128 ? 15.822  -0.956  -3.154  1.00 39.54 ? 187 LEU A CB  1 
ATOM   1033 C  CG  . LEU A 1 128 ? 15.747  -2.475  -3.187  1.00 42.39 ? 187 LEU A CG  1 
ATOM   1034 C  CD1 . LEU A 1 128 ? 16.253  -2.992  -4.533  1.00 36.17 ? 187 LEU A CD1 1 
ATOM   1035 C  CD2 . LEU A 1 128 ? 16.557  -3.036  -2.026  1.00 41.02 ? 187 LEU A CD2 1 
ATOM   1036 N  N   . VAL A 1 129 ? 16.271  1.364   -1.105  1.00 33.40 ? 188 VAL A N   1 
ATOM   1037 C  CA  . VAL A 1 129 ? 16.995  1.907   0.039   1.00 34.02 ? 188 VAL A CA  1 
ATOM   1038 C  C   . VAL A 1 129 ? 17.117  3.427   -0.022  1.00 33.93 ? 188 VAL A C   1 
ATOM   1039 O  O   . VAL A 1 129 ? 17.146  4.096   1.016   1.00 39.60 ? 188 VAL A O   1 
ATOM   1040 C  CB  . VAL A 1 129 ? 18.396  1.275   0.145   1.00 34.90 ? 188 VAL A CB  1 
ATOM   1041 C  CG1 . VAL A 1 129 ? 18.345  0.004   0.947   1.00 41.82 ? 188 VAL A CG1 1 
ATOM   1042 C  CG2 . VAL A 1 129 ? 18.955  1.004   -1.240  1.00 35.90 ? 188 VAL A CG2 1 
ATOM   1043 N  N   . ASP A 1 130 ? 17.203  3.987   -1.222  1.00 35.51 ? 189 ASP A N   1 
ATOM   1044 C  CA  . ASP A 1 130 ? 17.747  5.329   -1.356  1.00 34.35 ? 189 ASP A CA  1 
ATOM   1045 C  C   . ASP A 1 130 ? 16.765  6.379   -0.841  1.00 37.89 ? 189 ASP A C   1 
ATOM   1046 O  O   . ASP A 1 130 ? 15.547  6.271   -1.025  1.00 34.55 ? 189 ASP A O   1 
ATOM   1047 C  CB  . ASP A 1 130 ? 18.140  5.592   -2.809  1.00 30.00 ? 189 ASP A CB  1 
ATOM   1048 C  CG  . ASP A 1 130 ? 19.314  4.711   -3.267  1.00 35.14 ? 189 ASP A CG  1 
ATOM   1049 O  OD1 . ASP A 1 130 ? 20.292  4.570   -2.500  1.00 31.74 ? 189 ASP A OD1 1 
ATOM   1050 O  OD2 . ASP A 1 130 ? 19.265  4.153   -4.391  1.00 37.19 ? 189 ASP A OD2 1 
ATOM   1051 N  N   . VAL A 1 131 ? 17.310  7.378   -0.154  1.00 35.93 ? 190 VAL A N   1 
ATOM   1052 C  CA  . VAL A 1 131 ? 16.540  8.480   0.399   1.00 36.85 ? 190 VAL A CA  1 
ATOM   1053 C  C   . VAL A 1 131 ? 16.773  9.703   -0.472  1.00 36.84 ? 190 VAL A C   1 
ATOM   1054 O  O   . VAL A 1 131 ? 17.887  9.926   -0.961  1.00 36.21 ? 190 VAL A O   1 
ATOM   1055 C  CB  . VAL A 1 131 ? 16.920  8.756   1.870   1.00 36.11 ? 190 VAL A CB  1 
ATOM   1056 C  CG1 . VAL A 1 131 ? 16.264  10.041  2.374   1.00 38.76 ? 190 VAL A CG1 1 
ATOM   1057 C  CG2 . VAL A 1 131 ? 16.509  7.584   2.748   1.00 36.45 ? 190 VAL A CG2 1 
ATOM   1058 N  N   . VAL A 1 132 ? 15.712  10.474  -0.696  1.00 37.52 ? 191 VAL A N   1 
ATOM   1059 C  CA  . VAL A 1 132 ? 15.765  11.734  -1.439  1.00 40.33 ? 191 VAL A CA  1 
ATOM   1060 C  C   . VAL A 1 132 ? 15.084  12.781  -0.564  1.00 40.81 ? 191 VAL A C   1 
ATOM   1061 O  O   . VAL A 1 132 ? 13.851  12.853  -0.524  1.00 43.36 ? 191 VAL A O   1 
ATOM   1062 C  CB  . VAL A 1 132 ? 15.086  11.640  -2.813  1.00 38.74 ? 191 VAL A CB  1 
ATOM   1063 C  CG1 . VAL A 1 132 ? 15.157  12.996  -3.546  1.00 35.19 ? 191 VAL A CG1 1 
ATOM   1064 C  CG2 . VAL A 1 132 ? 15.707  10.511  -3.648  1.00 35.12 ? 191 VAL A CG2 1 
ATOM   1065 N  N   . ASP A 1 133 ? 15.877  13.585  0.142   1.00 45.09 ? 192 ASP A N   1 
ATOM   1066 C  CA  . ASP A 1 133 ? 15.353  14.629  1.022   1.00 46.12 ? 192 ASP A CA  1 
ATOM   1067 C  C   . ASP A 1 133 ? 14.743  15.788  0.230   1.00 54.70 ? 192 ASP A C   1 
ATOM   1068 O  O   . ASP A 1 133 ? 15.338  16.289  -0.734  1.00 54.37 ? 192 ASP A O   1 
ATOM   1069 C  CB  . ASP A 1 133 ? 16.457  15.158  1.940   1.00 51.52 ? 192 ASP A CB  1 
ATOM   1070 C  CG  . ASP A 1 133 ? 16.786  14.200  3.081   1.00 71.32 ? 192 ASP A CG  1 
ATOM   1071 O  OD1 . ASP A 1 133 ? 15.856  13.804  3.833   1.00 67.45 ? 192 ASP A OD1 1 
ATOM   1072 O  OD2 . ASP A 1 133 ? 17.981  13.846  3.225   1.00 75.15 ? 192 ASP A OD2 1 
HETATM 1073 CA CA  . CA  B 2 .   ? 0.319   -8.456  10.823  0.50 8.94  ? 201 CA  A CA  1 
HETATM 1074 ZN ZN  . ZN  C 3 .   ? -5.650  7.035   9.027   1.00 38.24 ? 202 ZN  A ZN  1 
HETATM 1075 O  O   . HOH D 4 .   ? 15.418  -4.245  7.249   1.00 46.29 ? 301 HOH A O   1 
HETATM 1076 O  O   . HOH D 4 .   ? 4.499   -9.459  -8.831  1.00 30.56 ? 302 HOH A O   1 
HETATM 1077 O  O   . HOH D 4 .   ? -7.676  -7.067  9.964   1.00 29.06 ? 303 HOH A O   1 
HETATM 1078 O  O   . HOH D 4 .   ? -8.267  1.278   -5.910  1.00 30.79 ? 304 HOH A O   1 
HETATM 1079 O  O   . HOH D 4 .   ? -16.873 1.916   -3.832  1.00 39.87 ? 305 HOH A O   1 
HETATM 1080 O  O   . HOH D 4 .   ? -2.048  11.878  -7.779  1.00 35.65 ? 306 HOH A O   1 
HETATM 1081 O  O   . HOH D 4 .   ? -10.693 9.868   7.174   1.00 45.00 ? 307 HOH A O   1 
HETATM 1082 O  O   . HOH D 4 .   ? -6.158  0.376   -3.517  1.00 20.05 ? 308 HOH A O   1 
HETATM 1083 O  O   . HOH D 4 .   ? -3.804  1.905   3.879   1.00 28.31 ? 309 HOH A O   1 
HETATM 1084 O  O   . HOH D 4 .   ? -1.432  4.278   -6.368  1.00 23.74 ? 310 HOH A O   1 
HETATM 1085 O  O   . HOH D 4 .   ? 10.341  6.011   -11.106 1.00 47.35 ? 311 HOH A O   1 
HETATM 1086 O  O   . HOH D 4 .   ? -1.835  -12.325 -11.123 1.00 32.09 ? 312 HOH A O   1 
HETATM 1087 O  O   . HOH D 4 .   ? -1.429  6.859   10.931  1.00 35.25 ? 313 HOH A O   1 
HETATM 1088 O  O   . HOH D 4 .   ? -2.451  6.738   -7.406  1.00 23.23 ? 314 HOH A O   1 
# 
